data_7PJM
#
_entry.id   7PJM
#
_cell.length_a   96.580
_cell.length_b   273.010
_cell.length_c   117.420
_cell.angle_alpha   90.000
_cell.angle_beta   90.000
_cell.angle_gamma   90.000
#
_symmetry.space_group_name_H-M   'C 2 2 21'
#
loop_
_entity.id
_entity.type
_entity.pdbx_description
1 polymer 'Isocitrate dehydrogenase [NADP] cytoplasmic'
2 non-polymer '2-OXOGLUTARIC ACID'
3 non-polymer GLYCEROL
4 non-polymer 'NADPH DIHYDRO-NICOTINAMIDE-ADENINE-DINUCLEOTIDE PHOSPHATE'
5 non-polymer 'CALCIUM ION'
6 non-polymer 'CHLORIDE ION'
7 water water
#
_entity_poly.entity_id   1
_entity_poly.type   'polypeptide(L)'
_entity_poly.pdbx_seq_one_letter_code
;MSKKISGGSVVEMQGDEMTRIIWELIKEKLIFPYVELDLHSYDLGIENRDATNDQVTKDAAEAIKKHNVGVKCATITPDE
KRVEEFKLKQMWKSPNGTIRNILGGTVFREAIICKNIPRLVSGWVKPIIIGCHAYGDQYRATDFVVPGPGKVEITYTPSD
GTQKVTYLVHNFEEGGGVAMGMYNQDKSIEDFAHSSFQMALSKGWPLYLSTKNTILKKYDGRFKDIFQEIYDKQYKSQFE
AQKIWYEHRLIDDMVAQAMKSEGGFIWACKNYDGDVQSDFVAQGYGSLGMMTSVLVCPDGKTVEAEAAHGTVTRHYRMYQ
KGQETSTNPIASIFAWTRGLAHRAKLDNNKELAFFANALEEVSIETIEAGFMTKDLAACIKGLPNVQRSDYLNTFEFMDK
LGENLKIKLAQAKLLEHHHHHH
;
_entity_poly.pdbx_strand_id   A,B,C
#
loop_
_chem_comp.id
_chem_comp.type
_chem_comp.name
_chem_comp.formula
AKG non-polymer '2-OXOGLUTARIC ACID' 'C5 H6 O5'
CA non-polymer 'CALCIUM ION' 'Ca 2'
CL non-polymer 'CHLORIDE ION' 'Cl -1'
GOL non-polymer GLYCEROL 'C3 H8 O3'
NDP non-polymer 'NADPH DIHYDRO-NICOTINAMIDE-ADENINE-DINUCLEOTIDE PHOSPHATE' 'C21 H30 N7 O17 P3'
#
# COMPACT_ATOMS: atom_id res chain seq x y z
N LYS A 3 26.58 16.57 -22.45
CA LYS A 3 25.51 17.42 -21.95
C LYS A 3 25.54 18.77 -22.66
N LYS A 4 24.36 19.37 -22.85
CA LYS A 4 24.28 20.69 -23.48
C LYS A 4 22.98 21.40 -23.14
N ILE A 5 21.85 20.70 -23.24
CA ILE A 5 20.57 21.32 -22.89
C ILE A 5 20.47 21.45 -21.38
N SER A 6 19.99 22.60 -20.92
CA SER A 6 19.76 22.84 -19.50
C SER A 6 18.44 22.17 -19.11
N GLY A 7 18.54 21.01 -18.46
CA GLY A 7 17.37 20.20 -18.21
C GLY A 7 16.62 20.54 -16.94
N GLY A 8 17.32 20.96 -15.91
CA GLY A 8 16.69 21.28 -14.64
C GLY A 8 16.68 20.11 -13.68
N SER A 9 15.85 20.25 -12.65
CA SER A 9 15.82 19.29 -11.55
C SER A 9 14.93 18.11 -11.90
N VAL A 10 15.49 16.91 -11.82
CA VAL A 10 14.76 15.68 -12.08
C VAL A 10 15.14 14.65 -11.04
N VAL A 11 14.15 13.95 -10.50
CA VAL A 11 14.37 12.87 -9.54
C VAL A 11 14.43 11.56 -10.32
N GLU A 12 15.56 10.86 -10.23
CA GLU A 12 15.78 9.61 -10.93
C GLU A 12 15.83 8.47 -9.91
N MET A 13 15.10 7.39 -10.20
N MET A 13 15.09 7.39 -10.20
CA MET A 13 15.03 6.23 -9.31
CA MET A 13 15.01 6.23 -9.31
C MET A 13 15.52 5.01 -10.08
C MET A 13 15.51 5.01 -10.07
N GLN A 14 16.72 4.55 -9.73
N GLN A 14 16.70 4.55 -9.71
CA GLN A 14 17.30 3.38 -10.38
CA GLN A 14 17.28 3.38 -10.36
C GLN A 14 16.61 2.11 -9.86
C GLN A 14 16.61 2.10 -9.86
N GLY A 15 16.60 1.08 -10.71
CA GLY A 15 15.87 -0.14 -10.43
C GLY A 15 16.72 -1.39 -10.44
N ASP A 16 16.14 -2.49 -10.94
CA ASP A 16 16.69 -3.82 -10.75
C ASP A 16 16.76 -4.59 -12.06
N GLU A 17 17.64 -5.59 -12.06
CA GLU A 17 17.74 -6.66 -13.07
C GLU A 17 17.82 -6.04 -14.47
N MET A 18 17.03 -6.51 -15.44
N MET A 18 17.03 -6.51 -15.44
CA MET A 18 17.25 -6.13 -16.82
CA MET A 18 17.25 -6.13 -16.82
C MET A 18 16.93 -4.66 -17.05
C MET A 18 16.93 -4.66 -17.05
N THR A 19 15.89 -4.13 -16.38
CA THR A 19 15.57 -2.72 -16.54
C THR A 19 16.67 -1.83 -15.98
N ARG A 20 17.41 -2.30 -14.97
CA ARG A 20 18.55 -1.53 -14.49
C ARG A 20 19.63 -1.44 -15.55
N ILE A 21 19.86 -2.52 -16.31
CA ILE A 21 20.80 -2.48 -17.42
C ILE A 21 20.34 -1.46 -18.46
N ILE A 22 19.08 -1.56 -18.88
CA ILE A 22 18.54 -0.64 -19.89
C ILE A 22 18.60 0.79 -19.38
N TRP A 23 18.29 0.98 -18.10
CA TRP A 23 18.30 2.33 -17.53
C TRP A 23 19.65 3.00 -17.69
N GLU A 24 20.75 2.27 -17.44
CA GLU A 24 22.07 2.86 -17.58
C GLU A 24 22.38 3.17 -19.04
N LEU A 25 22.01 2.27 -19.96
CA LEU A 25 22.24 2.54 -21.37
C LEU A 25 21.45 3.76 -21.83
N ILE A 26 20.23 3.93 -21.33
CA ILE A 26 19.44 5.10 -21.70
C ILE A 26 20.18 6.37 -21.32
N LYS A 27 20.60 6.46 -20.04
CA LYS A 27 21.32 7.65 -19.59
C LYS A 27 22.61 7.84 -20.36
N GLU A 28 23.36 6.75 -20.59
CA GLU A 28 24.67 6.89 -21.21
C GLU A 28 24.55 7.32 -22.67
N LYS A 29 23.64 6.69 -23.42
CA LYS A 29 23.63 6.85 -24.87
C LYS A 29 22.54 7.81 -25.38
N LEU A 30 21.48 8.04 -24.61
CA LEU A 30 20.38 8.85 -25.11
C LEU A 30 20.20 10.17 -24.38
N ILE A 31 20.48 10.23 -23.08
CA ILE A 31 20.17 11.41 -22.29
C ILE A 31 21.41 12.27 -22.05
N PHE A 32 22.38 11.73 -21.31
CA PHE A 32 23.49 12.54 -20.86
C PHE A 32 24.30 13.19 -21.98
N PRO A 33 24.46 12.58 -23.16
CA PRO A 33 25.21 13.28 -24.22
C PRO A 33 24.56 14.57 -24.65
N TYR A 34 23.24 14.73 -24.45
CA TYR A 34 22.51 15.86 -24.98
C TYR A 34 21.87 16.75 -23.93
N VAL A 35 21.70 16.28 -22.70
CA VAL A 35 21.02 17.04 -21.66
C VAL A 35 21.89 17.06 -20.41
N GLU A 36 22.02 18.24 -19.82
CA GLU A 36 22.66 18.41 -18.52
C GLU A 36 21.55 18.56 -17.47
N LEU A 37 21.59 17.72 -16.45
CA LEU A 37 20.51 17.62 -15.48
C LEU A 37 21.03 17.86 -14.07
N ASP A 38 20.26 18.58 -13.27
CA ASP A 38 20.42 18.59 -11.82
C ASP A 38 19.73 17.34 -11.31
N LEU A 39 20.43 16.22 -11.39
CA LEU A 39 19.82 14.92 -11.13
C LEU A 39 19.85 14.63 -9.64
N HIS A 40 18.68 14.28 -9.10
CA HIS A 40 18.54 13.83 -7.71
C HIS A 40 18.28 12.33 -7.77
N SER A 41 19.35 11.54 -7.67
CA SER A 41 19.30 10.12 -7.92
C SER A 41 19.06 9.35 -6.62
N TYR A 42 18.10 8.44 -6.65
CA TYR A 42 17.82 7.54 -5.53
C TYR A 42 17.89 6.12 -6.05
N ASP A 43 18.82 5.33 -5.51
CA ASP A 43 19.00 3.96 -5.96
C ASP A 43 17.95 3.10 -5.27
N LEU A 44 16.88 2.77 -6.00
CA LEU A 44 15.86 1.84 -5.52
C LEU A 44 16.16 0.41 -5.94
N GLY A 45 17.41 0.10 -6.25
CA GLY A 45 17.81 -1.29 -6.37
C GLY A 45 17.46 -2.02 -5.09
N ILE A 46 17.13 -3.31 -5.20
CA ILE A 46 16.67 -4.06 -4.03
C ILE A 46 17.70 -4.04 -2.91
N GLU A 47 18.99 -4.02 -3.26
CA GLU A 47 20.03 -4.10 -2.24
C GLU A 47 20.15 -2.80 -1.46
N ASN A 48 20.02 -1.65 -2.14
CA ASN A 48 20.12 -0.38 -1.43
C ASN A 48 18.87 -0.10 -0.62
N ARG A 49 17.70 -0.51 -1.11
CA ARG A 49 16.50 -0.47 -0.27
C ARG A 49 16.70 -1.29 0.99
N ASP A 50 17.25 -2.50 0.84
CA ASP A 50 17.50 -3.35 2.01
C ASP A 50 18.50 -2.69 2.95
N ALA A 51 19.52 -2.02 2.41
CA ALA A 51 20.54 -1.40 3.25
C ALA A 51 20.01 -0.19 4.01
N THR A 52 18.94 0.45 3.52
CA THR A 52 18.39 1.64 4.16
C THR A 52 17.05 1.38 4.80
N ASN A 53 16.67 0.11 4.98
CA ASN A 53 15.39 -0.26 5.55
C ASN A 53 14.24 0.40 4.79
N ASP A 54 14.39 0.45 3.47
CA ASP A 54 13.43 1.02 2.53
C ASP A 54 13.27 2.52 2.69
N GLN A 55 14.12 3.16 3.51
CA GLN A 55 14.01 4.60 3.68
C GLN A 55 14.27 5.34 2.38
N VAL A 56 15.18 4.83 1.55
CA VAL A 56 15.51 5.51 0.30
C VAL A 56 14.27 5.67 -0.55
N THR A 57 13.37 4.70 -0.52
CA THR A 57 12.11 4.80 -1.27
C THR A 57 11.29 5.99 -0.78
N LYS A 58 11.12 6.11 0.54
CA LYS A 58 10.37 7.25 1.08
C LYS A 58 11.06 8.56 0.75
N ASP A 59 12.39 8.61 0.86
CA ASP A 59 13.10 9.82 0.49
C ASP A 59 12.85 10.18 -0.97
N ALA A 60 12.83 9.17 -1.85
CA ALA A 60 12.63 9.43 -3.27
C ALA A 60 11.27 10.08 -3.51
N ALA A 61 10.21 9.55 -2.88
CA ALA A 61 8.88 10.10 -3.07
C ALA A 61 8.82 11.55 -2.60
N GLU A 62 9.45 11.85 -1.47
CA GLU A 62 9.46 13.22 -0.97
C GLU A 62 10.28 14.14 -1.88
N ALA A 63 11.34 13.61 -2.50
CA ALA A 63 12.07 14.39 -3.49
C ALA A 63 11.18 14.75 -4.66
N ILE A 64 10.31 13.83 -5.07
CA ILE A 64 9.43 14.07 -6.22
C ILE A 64 8.45 15.19 -5.90
N LYS A 65 7.90 15.20 -4.67
CA LYS A 65 7.03 16.30 -4.27
C LYS A 65 7.77 17.63 -4.32
N LYS A 66 9.06 17.64 -3.98
CA LYS A 66 9.81 18.89 -3.95
C LYS A 66 10.15 19.37 -5.36
N HIS A 67 10.55 18.46 -6.25
CA HIS A 67 11.03 18.84 -7.57
C HIS A 67 10.00 18.63 -8.68
N ASN A 68 8.91 17.91 -8.42
CA ASN A 68 7.72 17.80 -9.24
C ASN A 68 7.89 16.83 -10.40
N VAL A 69 9.07 16.30 -10.67
CA VAL A 69 9.30 15.40 -11.79
C VAL A 69 10.08 14.19 -11.30
N GLY A 70 9.49 13.02 -11.46
CA GLY A 70 10.19 11.78 -11.16
C GLY A 70 10.17 10.84 -12.35
N VAL A 71 11.26 10.12 -12.53
CA VAL A 71 11.38 9.08 -13.56
C VAL A 71 11.94 7.84 -12.87
N LYS A 72 11.19 6.75 -12.93
CA LYS A 72 11.49 5.57 -12.12
C LYS A 72 11.70 4.34 -12.99
N CYS A 73 12.76 3.59 -12.66
CA CYS A 73 13.04 2.30 -13.25
C CYS A 73 12.24 1.21 -12.55
N ALA A 74 11.96 0.13 -13.26
CA ALA A 74 11.24 -0.98 -12.66
C ALA A 74 12.04 -1.57 -11.51
N THR A 75 11.34 -2.01 -10.47
CA THR A 75 11.95 -2.46 -9.23
C THR A 75 11.38 -3.81 -8.81
N ILE A 76 12.19 -4.58 -8.10
CA ILE A 76 11.75 -5.85 -7.53
C ILE A 76 10.88 -5.57 -6.31
N THR A 77 9.69 -6.18 -6.27
CA THR A 77 8.94 -6.25 -5.03
C THR A 77 9.19 -7.63 -4.43
N PRO A 78 9.88 -7.74 -3.29
CA PRO A 78 10.32 -9.05 -2.83
C PRO A 78 9.25 -9.85 -2.11
N ASP A 79 9.20 -11.14 -2.42
CA ASP A 79 8.48 -12.12 -1.65
C ASP A 79 9.52 -13.03 -0.99
N GLU A 80 9.05 -14.17 -0.45
CA GLU A 80 9.95 -15.05 0.29
C GLU A 80 11.11 -15.53 -0.60
N LYS A 81 10.84 -15.79 -1.88
CA LYS A 81 11.91 -16.25 -2.76
C LYS A 81 12.97 -15.18 -2.93
N ARG A 82 12.55 -13.92 -3.04
CA ARG A 82 13.51 -12.82 -3.19
C ARG A 82 14.30 -12.60 -1.91
N VAL A 83 13.66 -12.77 -0.76
CA VAL A 83 14.39 -12.63 0.51
C VAL A 83 15.55 -13.61 0.54
N GLU A 84 15.30 -14.85 0.14
CA GLU A 84 16.37 -15.85 0.11
C GLU A 84 17.42 -15.49 -0.94
N GLU A 85 16.98 -15.06 -2.12
CA GLU A 85 17.92 -14.75 -3.20
C GLU A 85 18.92 -13.69 -2.76
N PHE A 86 18.44 -12.57 -2.24
CA PHE A 86 19.28 -11.44 -1.86
C PHE A 86 19.59 -11.41 -0.38
N LYS A 87 19.18 -12.41 0.38
CA LYS A 87 19.35 -12.42 1.83
C LYS A 87 18.87 -11.10 2.44
N LEU A 88 17.61 -10.78 2.16
CA LEU A 88 17.02 -9.54 2.62
C LEU A 88 16.68 -9.64 4.11
N LYS A 89 16.62 -8.47 4.76
CA LYS A 89 16.24 -8.44 6.17
C LYS A 89 14.74 -8.57 6.35
N GLN A 90 13.95 -8.12 5.37
CA GLN A 90 12.50 -8.14 5.44
C GLN A 90 11.96 -8.22 4.02
N MET A 91 10.70 -8.65 3.92
CA MET A 91 9.97 -8.59 2.65
C MET A 91 9.48 -7.16 2.48
N TRP A 92 10.34 -6.31 1.92
CA TRP A 92 10.00 -4.90 1.77
C TRP A 92 8.75 -4.74 0.93
N LYS A 93 8.04 -3.64 1.16
CA LYS A 93 6.83 -3.35 0.41
C LYS A 93 7.19 -2.76 -0.95
N SER A 94 6.26 -2.91 -1.89
CA SER A 94 6.44 -2.40 -3.24
C SER A 94 6.83 -0.93 -3.21
N PRO A 95 7.96 -0.56 -3.81
CA PRO A 95 8.28 0.87 -3.91
C PRO A 95 7.21 1.66 -4.67
N ASN A 96 6.56 1.04 -5.65
CA ASN A 96 5.50 1.74 -6.37
C ASN A 96 4.31 2.01 -5.48
N GLY A 97 3.90 1.03 -4.68
CA GLY A 97 2.86 1.29 -3.70
C GLY A 97 3.23 2.43 -2.78
N THR A 98 4.47 2.42 -2.27
CA THR A 98 4.89 3.47 -1.35
C THR A 98 4.88 4.83 -2.03
N ILE A 99 5.45 4.93 -3.22
CA ILE A 99 5.51 6.21 -3.93
C ILE A 99 4.11 6.68 -4.30
N ARG A 100 3.26 5.75 -4.77
CA ARG A 100 1.95 6.14 -5.27
C ARG A 100 1.04 6.63 -4.15
N ASN A 101 1.14 6.02 -2.97
CA ASN A 101 0.27 6.44 -1.88
C ASN A 101 0.78 7.71 -1.22
N ILE A 102 2.08 7.97 -1.27
CA ILE A 102 2.59 9.26 -0.81
C ILE A 102 2.15 10.36 -1.79
N LEU A 103 2.30 10.12 -3.08
CA LEU A 103 1.99 11.16 -4.06
C LEU A 103 0.50 11.26 -4.33
N GLY A 104 -0.20 10.14 -4.36
CA GLY A 104 -1.60 10.13 -4.74
C GLY A 104 -1.78 10.44 -6.21
N GLY A 105 -3.05 10.44 -6.63
CA GLY A 105 -3.37 10.80 -8.00
C GLY A 105 -3.81 9.64 -8.86
N THR A 106 -3.61 9.77 -10.17
CA THR A 106 -4.02 8.77 -11.15
C THR A 106 -2.84 8.42 -12.03
N VAL A 107 -2.67 7.12 -12.27
CA VAL A 107 -1.61 6.62 -13.16
C VAL A 107 -2.25 6.36 -14.52
N PHE A 108 -1.95 7.22 -15.49
CA PHE A 108 -2.48 7.06 -16.83
C PHE A 108 -1.56 6.19 -17.66
N ARG A 109 -2.11 5.17 -18.29
CA ARG A 109 -1.34 4.19 -19.04
C ARG A 109 -1.94 4.02 -20.43
N GLU A 110 -1.07 3.95 -21.43
CA GLU A 110 -1.48 3.92 -22.83
C GLU A 110 -0.42 3.19 -23.63
N ALA A 111 -0.87 2.41 -24.61
CA ALA A 111 0.08 1.72 -25.48
C ALA A 111 0.88 2.72 -26.29
N ILE A 112 2.09 2.30 -26.67
CA ILE A 112 2.93 3.03 -27.63
C ILE A 112 2.81 2.29 -28.96
N ILE A 113 2.30 2.98 -29.98
CA ILE A 113 1.85 2.35 -31.21
C ILE A 113 2.82 2.65 -32.35
N CYS A 114 3.19 1.62 -33.10
CA CYS A 114 3.94 1.75 -34.34
C CYS A 114 3.12 1.11 -35.46
N LYS A 115 3.16 1.73 -36.64
CA LYS A 115 2.27 1.33 -37.73
C LYS A 115 2.51 -0.10 -38.20
N ASN A 116 3.71 -0.63 -38.00
CA ASN A 116 4.09 -1.92 -38.57
C ASN A 116 3.99 -3.06 -37.57
N ILE A 117 3.43 -2.81 -36.40
CA ILE A 117 3.37 -3.82 -35.33
C ILE A 117 1.94 -4.34 -35.24
N PRO A 118 1.65 -5.54 -35.75
CA PRO A 118 0.29 -6.09 -35.61
C PRO A 118 -0.09 -6.27 -34.16
N ARG A 119 -1.39 -6.17 -33.90
CA ARG A 119 -1.96 -6.32 -32.57
C ARG A 119 -2.44 -7.75 -32.36
N LEU A 120 -2.66 -8.11 -31.09
CA LEU A 120 -3.37 -9.35 -30.81
C LEU A 120 -4.88 -9.16 -30.91
N VAL A 121 -5.36 -7.94 -30.66
CA VAL A 121 -6.78 -7.60 -30.78
C VAL A 121 -6.91 -6.75 -32.03
N SER A 122 -7.37 -7.35 -33.13
CA SER A 122 -7.40 -6.66 -34.41
C SER A 122 -8.31 -5.44 -34.38
N GLY A 123 -9.37 -5.47 -33.56
CA GLY A 123 -10.33 -4.38 -33.56
C GLY A 123 -9.80 -3.08 -32.99
N TRP A 124 -8.73 -3.14 -32.20
CA TRP A 124 -8.25 -1.96 -31.47
C TRP A 124 -7.51 -1.02 -32.44
N VAL A 125 -8.29 -0.26 -33.20
CA VAL A 125 -7.72 0.73 -34.11
C VAL A 125 -7.51 2.08 -33.45
N LYS A 126 -8.08 2.31 -32.27
CA LYS A 126 -7.92 3.54 -31.52
C LYS A 126 -7.31 3.23 -30.15
N PRO A 127 -6.66 4.20 -29.51
CA PRO A 127 -6.02 3.92 -28.22
C PRO A 127 -7.02 3.68 -27.11
N ILE A 128 -6.59 2.88 -26.14
CA ILE A 128 -7.31 2.71 -24.88
C ILE A 128 -6.42 3.27 -23.78
N ILE A 129 -6.93 4.25 -23.04
CA ILE A 129 -6.18 4.90 -21.98
C ILE A 129 -6.80 4.49 -20.65
N ILE A 130 -6.02 3.83 -19.81
CA ILE A 130 -6.47 3.44 -18.49
C ILE A 130 -6.07 4.50 -17.49
N GLY A 131 -7.03 4.97 -16.71
CA GLY A 131 -6.76 5.84 -15.59
C GLY A 131 -6.82 5.02 -14.31
N CYS A 132 -5.66 4.65 -13.78
CA CYS A 132 -5.57 3.75 -12.65
C CYS A 132 -5.45 4.55 -11.36
N HIS A 133 -6.44 4.41 -10.48
CA HIS A 133 -6.37 5.05 -9.18
C HIS A 133 -5.10 4.60 -8.47
N ALA A 134 -4.27 5.57 -8.05
CA ALA A 134 -2.96 5.27 -7.52
C ALA A 134 -2.97 4.94 -6.03
N TYR A 135 -4.07 5.17 -5.33
CA TYR A 135 -4.09 5.20 -3.87
C TYR A 135 -4.99 4.12 -3.31
N GLY A 136 -4.54 3.51 -2.21
CA GLY A 136 -5.40 2.65 -1.41
C GLY A 136 -5.52 1.22 -1.92
N ASP A 137 -6.53 0.54 -1.40
CA ASP A 137 -6.89 -0.82 -1.82
C ASP A 137 -5.70 -1.75 -1.56
N GLN A 138 -5.44 -2.71 -2.44
CA GLN A 138 -4.53 -3.82 -2.13
C GLN A 138 -3.12 -3.34 -1.82
N TYR A 139 -2.67 -2.24 -2.43
CA TYR A 139 -1.29 -1.78 -2.22
C TYR A 139 -1.08 -1.15 -0.84
N ARG A 140 -2.14 -0.95 -0.05
CA ARG A 140 -2.03 -0.49 1.32
C ARG A 140 -2.77 -1.40 2.27
N ALA A 141 -3.07 -2.62 1.85
CA ALA A 141 -3.86 -3.52 2.65
C ALA A 141 -3.06 -4.06 3.83
N THR A 142 -3.77 -4.56 4.82
CA THR A 142 -3.18 -5.19 6.00
C THR A 142 -3.66 -6.63 6.03
N ASP A 143 -2.81 -7.56 5.58
CA ASP A 143 -3.17 -8.97 5.50
C ASP A 143 -2.33 -9.78 6.46
N PHE A 144 -2.89 -10.89 6.93
CA PHE A 144 -2.19 -11.73 7.89
C PHE A 144 -2.72 -13.16 7.81
N VAL A 145 -1.89 -14.10 8.23
CA VAL A 145 -2.30 -15.50 8.34
C VAL A 145 -3.11 -15.67 9.61
N VAL A 146 -4.22 -16.38 9.51
CA VAL A 146 -4.99 -16.81 10.68
C VAL A 146 -4.46 -18.18 11.10
N PRO A 147 -3.80 -18.30 12.25
CA PRO A 147 -3.12 -19.57 12.57
C PRO A 147 -4.08 -20.69 12.96
N GLY A 148 -5.25 -20.37 13.49
CA GLY A 148 -6.18 -21.40 13.92
C GLY A 148 -7.55 -20.83 14.26
N PRO A 149 -8.40 -21.67 14.85
CA PRO A 149 -9.77 -21.23 15.14
C PRO A 149 -9.78 -19.91 15.92
N GLY A 150 -10.77 -19.09 15.63
CA GLY A 150 -10.87 -17.80 16.26
C GLY A 150 -11.71 -16.87 15.41
N LYS A 151 -11.91 -15.67 15.93
CA LYS A 151 -12.80 -14.68 15.34
C LYS A 151 -11.99 -13.53 14.77
N VAL A 152 -12.27 -13.17 13.51
CA VAL A 152 -11.70 -11.99 12.88
C VAL A 152 -12.78 -10.93 12.81
N GLU A 153 -12.47 -9.74 13.30
CA GLU A 153 -13.40 -8.63 13.31
C GLU A 153 -12.69 -7.39 12.78
N ILE A 154 -13.48 -6.48 12.21
CA ILE A 154 -12.97 -5.20 11.74
C ILE A 154 -13.82 -4.11 12.39
N THR A 155 -13.17 -3.11 12.97
CA THR A 155 -13.85 -2.11 13.77
C THR A 155 -13.52 -0.71 13.27
N TYR A 156 -14.47 0.21 13.49
CA TYR A 156 -14.26 1.62 13.18
C TYR A 156 -14.56 2.44 14.43
N THR A 157 -13.65 3.33 14.78
CA THR A 157 -13.80 4.20 15.95
C THR A 157 -13.59 5.65 15.51
N PRO A 158 -14.64 6.47 15.48
CA PRO A 158 -14.45 7.88 15.14
C PRO A 158 -13.40 8.53 16.03
N SER A 159 -12.77 9.58 15.50
N SER A 159 -12.77 9.58 15.50
CA SER A 159 -11.68 10.23 16.23
CA SER A 159 -11.68 10.23 16.23
C SER A 159 -12.14 10.78 17.57
C SER A 159 -12.14 10.76 17.58
N ASP A 160 -13.40 11.20 17.67
CA ASP A 160 -13.91 11.71 18.95
C ASP A 160 -14.17 10.59 19.96
N GLY A 161 -14.03 9.33 19.55
CA GLY A 161 -14.15 8.22 20.48
C GLY A 161 -15.50 8.07 21.12
N THR A 162 -16.55 8.63 20.54
CA THR A 162 -17.88 8.55 21.12
C THR A 162 -18.63 7.29 20.74
N GLN A 163 -18.10 6.47 19.83
CA GLN A 163 -18.74 5.21 19.51
C GLN A 163 -17.74 4.28 18.86
N LYS A 164 -18.13 3.02 18.73
CA LYS A 164 -17.31 2.00 18.11
C LYS A 164 -18.22 1.04 17.36
N VAL A 165 -17.93 0.83 16.08
CA VAL A 165 -18.68 -0.11 15.24
C VAL A 165 -17.79 -1.33 15.01
N THR A 166 -18.31 -2.51 15.31
CA THR A 166 -17.57 -3.76 15.16
C THR A 166 -18.30 -4.64 14.16
N TYR A 167 -17.61 -5.03 13.09
CA TYR A 167 -18.15 -5.94 12.10
C TYR A 167 -17.47 -7.30 12.22
N LEU A 168 -18.26 -8.36 12.11
CA LEU A 168 -17.71 -9.71 12.06
C LEU A 168 -17.23 -10.00 10.64
N VAL A 169 -15.94 -10.26 10.49
CA VAL A 169 -15.41 -10.69 9.19
C VAL A 169 -15.63 -12.18 9.00
N HIS A 170 -15.22 -12.98 9.97
CA HIS A 170 -15.39 -14.43 9.88
C HIS A 170 -15.06 -15.05 11.22
N ASN A 171 -15.75 -16.13 11.53
CA ASN A 171 -15.43 -16.98 12.68
C ASN A 171 -14.83 -18.26 12.12
N PHE A 172 -13.52 -18.42 12.30
CA PHE A 172 -12.84 -19.66 11.93
C PHE A 172 -13.15 -20.70 13.01
N GLU A 173 -13.95 -21.70 12.65
CA GLU A 173 -14.35 -22.74 13.59
C GLU A 173 -13.51 -24.00 13.50
N GLU A 174 -13.08 -24.37 12.29
CA GLU A 174 -12.23 -25.54 12.07
C GLU A 174 -11.04 -25.09 11.23
N GLY A 175 -9.91 -24.87 11.89
CA GLY A 175 -8.69 -24.50 11.20
C GLY A 175 -8.56 -23.00 11.01
N GLY A 176 -7.46 -22.62 10.36
CA GLY A 176 -7.14 -21.25 10.11
C GLY A 176 -7.24 -20.87 8.64
N GLY A 177 -6.52 -19.82 8.28
CA GLY A 177 -6.54 -19.34 6.91
C GLY A 177 -5.86 -18.00 6.75
N VAL A 178 -6.56 -17.04 6.15
CA VAL A 178 -6.02 -15.71 5.88
C VAL A 178 -7.14 -14.70 6.04
N ALA A 179 -6.74 -13.47 6.33
CA ALA A 179 -7.68 -12.36 6.44
C ALA A 179 -6.93 -11.08 6.09
N MET A 180 -7.70 -10.07 5.67
CA MET A 180 -7.08 -8.80 5.33
C MET A 180 -8.12 -7.69 5.46
N GLY A 181 -7.62 -6.49 5.72
CA GLY A 181 -8.42 -5.29 5.64
C GLY A 181 -7.80 -4.34 4.64
N MET A 182 -8.64 -3.57 3.96
CA MET A 182 -8.16 -2.54 3.07
C MET A 182 -9.13 -1.37 3.09
N TYR A 183 -8.70 -0.25 2.52
CA TYR A 183 -9.43 1.00 2.67
C TYR A 183 -9.19 1.87 1.45
N ASN A 184 -9.99 2.92 1.35
CA ASN A 184 -9.71 4.03 0.45
C ASN A 184 -10.34 5.28 1.04
N GLN A 185 -10.01 6.43 0.46
CA GLN A 185 -10.44 7.72 0.97
C GLN A 185 -11.31 8.44 -0.04
N ASP A 186 -12.29 9.20 0.47
CA ASP A 186 -13.18 9.96 -0.39
C ASP A 186 -12.42 10.99 -1.22
N LYS A 187 -11.57 11.80 -0.57
CA LYS A 187 -10.87 12.85 -1.29
C LYS A 187 -10.04 12.28 -2.44
N SER A 188 -9.40 11.14 -2.21
CA SER A 188 -8.61 10.51 -3.27
C SER A 188 -9.53 10.02 -4.40
N ILE A 189 -10.68 9.43 -4.05
CA ILE A 189 -11.60 8.98 -5.07
C ILE A 189 -12.14 10.16 -5.87
N GLU A 190 -12.34 11.30 -5.20
CA GLU A 190 -12.81 12.50 -5.89
C GLU A 190 -11.77 13.02 -6.87
N ASP A 191 -10.50 13.10 -6.44
CA ASP A 191 -9.44 13.46 -7.38
C ASP A 191 -9.36 12.47 -8.53
N PHE A 192 -9.44 11.18 -8.21
CA PHE A 192 -9.46 10.15 -9.25
C PHE A 192 -10.57 10.40 -10.26
N ALA A 193 -11.76 10.77 -9.78
CA ALA A 193 -12.87 11.06 -10.68
C ALA A 193 -12.58 12.29 -11.53
N HIS A 194 -12.16 13.39 -10.91
CA HIS A 194 -11.85 14.60 -11.66
C HIS A 194 -10.79 14.33 -12.72
N SER A 195 -9.74 13.60 -12.35
CA SER A 195 -8.71 13.24 -13.33
C SER A 195 -9.31 12.46 -14.50
N SER A 196 -10.26 11.57 -14.22
CA SER A 196 -10.82 10.74 -15.27
C SER A 196 -11.71 11.54 -16.22
N PHE A 197 -12.55 12.41 -15.68
CA PHE A 197 -13.43 13.20 -16.54
C PHE A 197 -12.63 14.19 -17.37
N GLN A 198 -11.59 14.79 -16.79
CA GLN A 198 -10.78 15.76 -17.53
C GLN A 198 -9.97 15.10 -18.63
N MET A 199 -9.48 13.87 -18.39
CA MET A 199 -8.74 13.17 -19.44
C MET A 199 -9.65 12.86 -20.63
N ALA A 200 -10.87 12.41 -20.37
CA ALA A 200 -11.80 12.08 -21.45
C ALA A 200 -12.12 13.32 -22.28
N LEU A 201 -12.34 14.46 -21.63
CA LEU A 201 -12.61 15.70 -22.36
C LEU A 201 -11.38 16.16 -23.12
N SER A 202 -10.20 16.04 -22.51
CA SER A 202 -8.97 16.41 -23.21
C SER A 202 -8.79 15.59 -24.49
N LYS A 203 -9.06 14.29 -24.41
CA LYS A 203 -8.93 13.41 -25.56
C LYS A 203 -10.20 13.36 -26.41
N GLY A 204 -11.32 13.84 -25.90
CA GLY A 204 -12.56 13.79 -26.66
C GLY A 204 -13.12 12.39 -26.83
N TRP A 205 -12.88 11.51 -25.86
CA TRP A 205 -13.35 10.14 -25.90
C TRP A 205 -14.31 9.87 -24.74
N PRO A 206 -15.11 8.82 -24.82
CA PRO A 206 -15.97 8.46 -23.68
C PRO A 206 -15.16 7.98 -22.49
N LEU A 207 -15.82 7.94 -21.34
CA LEU A 207 -15.21 7.46 -20.11
C LEU A 207 -16.02 6.30 -19.56
N TYR A 208 -15.32 5.26 -19.12
CA TYR A 208 -15.94 4.12 -18.46
C TYR A 208 -15.24 3.88 -17.13
N LEU A 209 -16.04 3.70 -16.07
CA LEU A 209 -15.54 3.28 -14.77
C LEU A 209 -15.96 1.83 -14.53
N SER A 210 -15.01 1.01 -14.10
CA SER A 210 -15.28 -0.38 -13.74
C SER A 210 -15.21 -0.55 -12.23
N THR A 211 -16.21 -1.21 -11.68
CA THR A 211 -16.18 -1.67 -10.29
C THR A 211 -16.94 -3.00 -10.23
N LYS A 212 -17.07 -3.53 -9.02
CA LYS A 212 -17.90 -4.71 -8.76
C LYS A 212 -18.91 -4.38 -7.67
N ASN A 213 -19.65 -3.29 -7.87
CA ASN A 213 -20.50 -2.77 -6.81
C ASN A 213 -21.68 -3.69 -6.50
N THR A 214 -22.01 -4.62 -7.38
CA THR A 214 -23.05 -5.59 -7.05
C THR A 214 -22.62 -6.51 -5.92
N ILE A 215 -21.31 -6.72 -5.77
CA ILE A 215 -20.76 -7.57 -4.72
C ILE A 215 -20.27 -6.75 -3.54
N LEU A 216 -19.43 -5.75 -3.81
CA LEU A 216 -18.94 -4.82 -2.79
C LEU A 216 -19.83 -3.57 -2.86
N LYS A 217 -21.02 -3.70 -2.26
CA LYS A 217 -22.04 -2.67 -2.45
C LYS A 217 -21.64 -1.35 -1.81
N LYS A 218 -20.92 -1.39 -0.69
CA LYS A 218 -20.50 -0.17 -0.02
C LYS A 218 -19.16 0.33 -0.54
N TYR A 219 -18.16 -0.56 -0.60
CA TYR A 219 -16.82 -0.18 -1.03
C TYR A 219 -16.82 0.33 -2.46
N ASP A 220 -17.23 -0.51 -3.41
CA ASP A 220 -17.26 -0.11 -4.81
C ASP A 220 -18.42 0.84 -5.09
N GLY A 221 -19.54 0.68 -4.39
CA GLY A 221 -20.64 1.62 -4.54
C GLY A 221 -20.22 3.06 -4.28
N ARG A 222 -19.25 3.25 -3.38
CA ARG A 222 -18.74 4.60 -3.12
C ARG A 222 -18.10 5.18 -4.37
N PHE A 223 -17.21 4.42 -5.02
CA PHE A 223 -16.62 4.88 -6.27
C PHE A 223 -17.70 5.26 -7.27
N LYS A 224 -18.62 4.34 -7.54
CA LYS A 224 -19.72 4.59 -8.47
C LYS A 224 -20.45 5.87 -8.11
N ASP A 225 -20.77 6.05 -6.82
CA ASP A 225 -21.55 7.21 -6.41
C ASP A 225 -20.76 8.50 -6.56
N ILE A 226 -19.49 8.50 -6.14
CA ILE A 226 -18.68 9.72 -6.23
C ILE A 226 -18.50 10.13 -7.68
N PHE A 227 -18.20 9.18 -8.55
CA PHE A 227 -18.06 9.49 -9.98
C PHE A 227 -19.36 10.10 -10.53
N GLN A 228 -20.49 9.47 -10.22
CA GLN A 228 -21.76 9.94 -10.78
C GLN A 228 -22.12 11.32 -10.28
N GLU A 229 -21.95 11.57 -8.97
CA GLU A 229 -22.27 12.89 -8.43
C GLU A 229 -21.42 13.98 -9.07
N ILE A 230 -20.16 13.66 -9.36
CA ILE A 230 -19.28 14.65 -9.97
C ILE A 230 -19.60 14.81 -11.45
N TYR A 231 -20.01 13.74 -12.13
CA TYR A 231 -20.35 13.84 -13.54
C TYR A 231 -21.61 14.69 -13.73
N ASP A 232 -22.67 14.38 -13.00
CA ASP A 232 -23.92 15.13 -13.17
C ASP A 232 -23.76 16.59 -12.81
N LYS A 233 -22.83 16.91 -11.90
CA LYS A 233 -22.74 18.25 -11.34
C LYS A 233 -21.68 19.13 -12.01
N GLN A 234 -20.71 18.54 -12.72
CA GLN A 234 -19.59 19.32 -13.21
C GLN A 234 -19.09 18.95 -14.61
N TYR A 235 -19.63 17.90 -15.23
CA TYR A 235 -19.08 17.44 -16.50
C TYR A 235 -20.10 16.97 -17.52
N LYS A 236 -21.33 16.62 -17.12
CA LYS A 236 -22.29 16.09 -18.10
C LYS A 236 -22.51 17.06 -19.25
N SER A 237 -22.62 18.36 -18.96
CA SER A 237 -22.82 19.33 -20.03
C SER A 237 -21.64 19.35 -20.99
N GLN A 238 -20.42 19.35 -20.46
CA GLN A 238 -19.24 19.39 -21.31
C GLN A 238 -19.11 18.10 -22.11
N PHE A 239 -19.43 16.96 -21.52
CA PHE A 239 -19.43 15.70 -22.27
C PHE A 239 -20.47 15.73 -23.38
N GLU A 240 -21.71 16.09 -23.04
CA GLU A 240 -22.76 16.17 -24.06
C GLU A 240 -22.38 17.15 -25.16
N ALA A 241 -21.71 18.25 -24.81
CA ALA A 241 -21.29 19.21 -25.82
C ALA A 241 -20.29 18.59 -26.79
N GLN A 242 -19.46 17.67 -26.31
CA GLN A 242 -18.47 17.00 -27.15
C GLN A 242 -18.94 15.64 -27.67
N LYS A 243 -20.24 15.34 -27.54
CA LYS A 243 -20.81 14.10 -28.05
C LYS A 243 -20.15 12.86 -27.43
N ILE A 244 -19.68 12.98 -26.18
CA ILE A 244 -19.14 11.85 -25.45
C ILE A 244 -20.02 11.58 -24.22
N TRP A 245 -19.67 10.56 -23.44
CA TRP A 245 -20.53 10.12 -22.36
C TRP A 245 -19.70 9.42 -21.29
N TYR A 246 -20.30 9.27 -20.11
CA TYR A 246 -19.73 8.51 -19.01
C TYR A 246 -20.70 7.39 -18.61
N GLU A 247 -20.14 6.20 -18.41
N GLU A 247 -20.14 6.20 -18.38
CA GLU A 247 -20.94 5.02 -18.07
CA GLU A 247 -20.95 5.04 -18.06
C GLU A 247 -20.18 4.16 -17.07
C GLU A 247 -20.18 4.16 -17.09
N HIS A 248 -20.87 3.70 -16.04
CA HIS A 248 -20.31 2.74 -15.10
C HIS A 248 -20.63 1.34 -15.60
N ARG A 249 -19.66 0.44 -15.47
CA ARG A 249 -19.83 -0.94 -15.89
C ARG A 249 -19.22 -1.86 -14.85
N LEU A 250 -19.81 -3.05 -14.73
CA LEU A 250 -19.20 -4.09 -13.89
C LEU A 250 -17.89 -4.53 -14.53
N ILE A 251 -16.87 -4.73 -13.68
CA ILE A 251 -15.51 -4.96 -14.17
C ILE A 251 -15.50 -6.10 -15.18
N ASP A 252 -16.19 -7.20 -14.90
CA ASP A 252 -16.12 -8.36 -15.78
C ASP A 252 -16.78 -8.06 -17.12
N ASP A 253 -17.89 -7.31 -17.11
N ASP A 253 -17.89 -7.31 -17.11
CA ASP A 253 -18.50 -6.89 -18.37
CA ASP A 253 -18.50 -6.89 -18.37
C ASP A 253 -17.64 -5.87 -19.09
C ASP A 253 -17.64 -5.87 -19.09
N MET A 254 -16.85 -5.07 -18.34
CA MET A 254 -16.02 -4.06 -18.97
C MET A 254 -14.86 -4.66 -19.76
N VAL A 255 -14.22 -5.71 -19.22
CA VAL A 255 -13.09 -6.28 -19.93
C VAL A 255 -13.55 -6.94 -21.23
N ALA A 256 -14.70 -7.62 -21.18
CA ALA A 256 -15.23 -8.25 -22.40
C ALA A 256 -15.60 -7.19 -23.43
N GLN A 257 -16.27 -6.12 -23.00
CA GLN A 257 -16.63 -5.04 -23.92
C GLN A 257 -15.37 -4.38 -24.49
N ALA A 258 -14.39 -4.10 -23.62
CA ALA A 258 -13.15 -3.51 -24.10
C ALA A 258 -12.49 -4.40 -25.15
N MET A 259 -12.46 -5.71 -24.91
CA MET A 259 -11.72 -6.59 -25.81
C MET A 259 -12.36 -6.67 -27.19
N LYS A 260 -13.68 -6.53 -27.28
CA LYS A 260 -14.37 -6.59 -28.57
C LYS A 260 -14.63 -5.23 -29.17
N SER A 261 -14.23 -4.15 -28.48
CA SER A 261 -14.46 -2.81 -28.97
C SER A 261 -13.42 -2.47 -30.05
N GLU A 262 -13.44 -1.21 -30.50
CA GLU A 262 -12.41 -0.67 -31.38
C GLU A 262 -11.48 0.30 -30.65
N GLY A 263 -11.51 0.30 -29.32
CA GLY A 263 -10.72 1.25 -28.56
C GLY A 263 -11.32 2.64 -28.62
N GLY A 264 -10.50 3.63 -28.28
CA GLY A 264 -10.94 5.01 -28.30
C GLY A 264 -11.80 5.38 -27.10
N PHE A 265 -11.30 5.11 -25.90
CA PHE A 265 -12.03 5.48 -24.70
C PHE A 265 -11.07 5.52 -23.52
N ILE A 266 -11.44 6.28 -22.51
CA ILE A 266 -10.73 6.31 -21.24
C ILE A 266 -11.37 5.28 -20.31
N TRP A 267 -10.53 4.53 -19.60
CA TRP A 267 -10.97 3.43 -18.75
C TRP A 267 -10.46 3.71 -17.34
N ALA A 268 -11.34 4.28 -16.51
CA ALA A 268 -11.01 4.53 -15.12
C ALA A 268 -11.07 3.21 -14.35
N CYS A 269 -9.94 2.83 -13.75
CA CYS A 269 -9.79 1.55 -13.06
C CYS A 269 -9.44 1.77 -11.60
N LYS A 270 -10.04 0.97 -10.73
CA LYS A 270 -9.53 0.86 -9.37
C LYS A 270 -8.09 0.34 -9.41
N ASN A 271 -7.34 0.64 -8.34
CA ASN A 271 -5.93 0.34 -8.26
C ASN A 271 -5.58 -1.05 -8.79
N TYR A 272 -6.22 -2.08 -8.22
CA TYR A 272 -5.89 -3.45 -8.60
C TYR A 272 -6.24 -3.73 -10.06
N ASP A 273 -7.41 -3.25 -10.51
CA ASP A 273 -7.84 -3.53 -11.87
C ASP A 273 -6.94 -2.84 -12.90
N GLY A 274 -6.55 -1.59 -12.61
CA GLY A 274 -5.65 -0.90 -13.52
C GLY A 274 -4.29 -1.57 -13.58
N ASP A 275 -3.81 -2.09 -12.46
CA ASP A 275 -2.58 -2.85 -12.44
C ASP A 275 -2.66 -4.03 -13.41
N VAL A 276 -3.75 -4.80 -13.33
CA VAL A 276 -3.86 -6.03 -14.11
C VAL A 276 -4.25 -5.72 -15.55
N GLN A 277 -5.29 -4.91 -15.75
CA GLN A 277 -5.83 -4.72 -17.08
C GLN A 277 -4.91 -3.88 -17.98
N SER A 278 -4.04 -3.05 -17.39
CA SER A 278 -3.09 -2.30 -18.18
C SER A 278 -2.07 -3.23 -18.86
N ASP A 279 -1.84 -4.42 -18.29
CA ASP A 279 -1.03 -5.42 -18.97
C ASP A 279 -1.86 -6.18 -20.00
N PHE A 280 -3.14 -6.41 -19.73
CA PHE A 280 -4.05 -6.88 -20.76
C PHE A 280 -4.05 -5.93 -21.96
N VAL A 281 -4.13 -4.63 -21.70
CA VAL A 281 -4.14 -3.66 -22.80
C VAL A 281 -2.80 -3.63 -23.51
N ALA A 282 -1.70 -3.51 -22.73
CA ALA A 282 -0.38 -3.41 -23.35
C ALA A 282 -0.08 -4.62 -24.22
N GLN A 283 -0.40 -5.81 -23.74
CA GLN A 283 -0.14 -7.01 -24.51
C GLN A 283 -1.04 -7.11 -25.73
N GLY A 284 -2.28 -6.60 -25.61
CA GLY A 284 -3.20 -6.67 -26.75
C GLY A 284 -2.75 -5.86 -27.93
N TYR A 285 -2.09 -4.73 -27.69
CA TYR A 285 -1.56 -3.92 -28.79
C TYR A 285 -0.23 -4.43 -29.32
N GLY A 286 0.45 -5.34 -28.60
CA GLY A 286 1.69 -5.88 -29.10
C GLY A 286 2.69 -6.35 -28.06
N SER A 287 3.04 -5.51 -27.09
CA SER A 287 4.11 -5.85 -26.17
C SER A 287 3.99 -5.05 -24.88
N LEU A 288 4.35 -5.68 -23.76
CA LEU A 288 4.44 -4.96 -22.50
C LEU A 288 5.50 -3.87 -22.55
N GLY A 289 6.48 -3.99 -23.44
CA GLY A 289 7.49 -2.96 -23.58
C GLY A 289 7.01 -1.68 -24.22
N MET A 290 5.78 -1.66 -24.75
CA MET A 290 5.26 -0.54 -25.54
C MET A 290 4.08 0.09 -24.80
N MET A 291 4.36 0.77 -23.70
CA MET A 291 3.30 1.41 -22.92
C MET A 291 3.91 2.53 -22.10
N THR A 292 3.21 3.65 -22.03
CA THR A 292 3.57 4.75 -21.13
C THR A 292 2.80 4.61 -19.82
N SER A 293 3.41 5.11 -18.76
CA SER A 293 2.79 5.08 -17.43
C SER A 293 3.24 6.32 -16.69
N VAL A 294 2.31 7.23 -16.42
CA VAL A 294 2.61 8.49 -15.78
C VAL A 294 1.62 8.69 -14.64
N LEU A 295 2.14 8.79 -13.42
CA LEU A 295 1.35 9.21 -12.27
C LEU A 295 1.16 10.71 -12.33
N VAL A 296 -0.08 11.16 -12.36
CA VAL A 296 -0.42 12.57 -12.38
C VAL A 296 -1.14 12.88 -11.07
N CYS A 297 -0.52 13.67 -10.22
N CYS A 297 -0.50 13.70 -10.23
CA CYS A 297 -1.15 13.94 -8.95
CA CYS A 297 -1.07 14.05 -8.94
C CYS A 297 -2.15 15.10 -9.08
C CYS A 297 -2.20 15.05 -9.13
N PRO A 298 -3.04 15.24 -8.10
CA PRO A 298 -4.15 16.20 -8.26
C PRO A 298 -3.71 17.63 -8.51
N ASP A 299 -2.61 18.09 -7.90
CA ASP A 299 -2.21 19.48 -8.08
C ASP A 299 -1.91 19.82 -9.53
N GLY A 300 -1.66 18.81 -10.37
CA GLY A 300 -1.37 19.02 -11.77
C GLY A 300 0.09 19.29 -12.08
N LYS A 301 0.88 19.71 -11.10
CA LYS A 301 2.25 20.10 -11.34
C LYS A 301 3.27 18.99 -11.11
N THR A 302 2.93 17.97 -10.32
CA THR A 302 3.84 16.89 -10.02
C THR A 302 3.47 15.63 -10.79
N VAL A 303 4.48 14.98 -11.37
CA VAL A 303 4.28 13.75 -12.11
C VAL A 303 5.43 12.78 -11.83
N GLU A 304 5.12 11.50 -11.90
CA GLU A 304 6.12 10.44 -11.85
C GLU A 304 5.92 9.54 -13.06
N ALA A 305 6.91 9.48 -13.93
CA ALA A 305 6.88 8.62 -15.10
C ALA A 305 7.68 7.36 -14.83
N GLU A 306 7.22 6.25 -15.41
CA GLU A 306 7.77 4.95 -15.07
C GLU A 306 7.51 3.99 -16.22
N ALA A 307 8.25 2.90 -16.22
CA ALA A 307 7.85 1.70 -16.96
C ALA A 307 6.87 0.90 -16.11
N ALA A 308 5.70 0.59 -16.67
CA ALA A 308 4.71 -0.17 -15.93
C ALA A 308 5.07 -1.64 -15.82
N HIS A 309 5.74 -2.19 -16.83
CA HIS A 309 6.14 -3.59 -16.78
C HIS A 309 7.18 -3.80 -15.68
N GLY A 310 7.59 -5.04 -15.50
CA GLY A 310 8.50 -5.41 -14.44
C GLY A 310 9.96 -5.34 -14.86
N THR A 311 10.81 -5.99 -14.07
CA THR A 311 12.25 -5.96 -14.28
C THR A 311 12.72 -7.02 -15.27
N VAL A 312 11.80 -7.80 -15.84
CA VAL A 312 12.10 -8.76 -16.90
C VAL A 312 13.14 -9.76 -16.41
N THR A 313 12.85 -10.37 -15.27
CA THR A 313 13.81 -11.27 -14.63
C THR A 313 14.31 -12.36 -15.57
N ARG A 314 13.42 -12.90 -16.40
CA ARG A 314 13.81 -14.00 -17.28
C ARG A 314 14.91 -13.58 -18.24
N HIS A 315 14.81 -12.37 -18.81
CA HIS A 315 15.86 -11.89 -19.69
C HIS A 315 17.14 -11.64 -18.91
N TYR A 316 17.01 -11.12 -17.69
CA TYR A 316 18.19 -10.82 -16.89
C TYR A 316 18.98 -12.09 -16.59
N ARG A 317 18.29 -13.19 -16.29
CA ARG A 317 18.97 -14.47 -16.08
C ARG A 317 19.78 -14.86 -17.31
N MET A 318 19.24 -14.63 -18.51
CA MET A 318 20.00 -14.91 -19.72
C MET A 318 21.23 -14.00 -19.79
N TYR A 319 21.04 -12.71 -19.52
CA TYR A 319 22.16 -11.78 -19.51
C TYR A 319 23.24 -12.23 -18.54
N GLN A 320 22.84 -12.73 -17.36
CA GLN A 320 23.81 -13.17 -16.38
C GLN A 320 24.67 -14.31 -16.90
N LYS A 321 24.15 -15.11 -17.85
CA LYS A 321 24.89 -16.23 -18.42
C LYS A 321 25.64 -15.84 -19.69
N GLY A 322 25.66 -14.55 -20.05
CA GLY A 322 26.31 -14.10 -21.25
C GLY A 322 25.52 -14.29 -22.53
N GLN A 323 24.32 -14.87 -22.43
CA GLN A 323 23.49 -15.07 -23.60
C GLN A 323 22.94 -13.75 -24.10
N GLU A 324 22.64 -13.70 -25.39
CA GLU A 324 22.05 -12.49 -25.98
C GLU A 324 20.63 -12.28 -25.47
N THR A 325 20.33 -11.05 -25.12
CA THR A 325 18.99 -10.63 -24.76
C THR A 325 18.48 -9.63 -25.79
N SER A 326 17.16 -9.53 -25.90
CA SER A 326 16.50 -8.58 -26.77
C SER A 326 15.32 -7.99 -25.99
N THR A 327 15.64 -7.20 -24.97
CA THR A 327 14.63 -6.61 -24.10
C THR A 327 14.22 -5.26 -24.65
N ASN A 328 12.92 -5.02 -24.70
CA ASN A 328 12.39 -3.80 -25.30
C ASN A 328 12.55 -2.64 -24.34
N PRO A 329 13.31 -1.60 -24.69
CA PRO A 329 13.52 -0.48 -23.76
C PRO A 329 12.55 0.69 -23.94
N ILE A 330 11.60 0.60 -24.88
CA ILE A 330 10.78 1.76 -25.24
C ILE A 330 10.06 2.30 -24.02
N ALA A 331 9.44 1.42 -23.23
CA ALA A 331 8.72 1.91 -22.06
C ALA A 331 9.64 2.68 -21.12
N SER A 332 10.86 2.17 -20.92
CA SER A 332 11.81 2.86 -20.05
C SER A 332 12.24 4.18 -20.64
N ILE A 333 12.41 4.23 -21.97
CA ILE A 333 12.79 5.48 -22.63
C ILE A 333 11.67 6.51 -22.48
N PHE A 334 10.41 6.07 -22.61
CA PHE A 334 9.30 7.01 -22.54
C PHE A 334 9.03 7.49 -21.14
N ALA A 335 9.49 6.76 -20.12
CA ALA A 335 9.49 7.32 -18.77
C ALA A 335 10.35 8.57 -18.71
N TRP A 336 11.55 8.51 -19.31
CA TRP A 336 12.42 9.68 -19.36
C TRP A 336 11.82 10.80 -20.21
N THR A 337 11.31 10.48 -21.40
CA THR A 337 10.78 11.53 -22.27
C THR A 337 9.56 12.19 -21.65
N ARG A 338 8.64 11.39 -21.09
CA ARG A 338 7.46 11.98 -20.45
C ARG A 338 7.85 12.79 -19.22
N GLY A 339 8.87 12.35 -18.47
CA GLY A 339 9.34 13.13 -17.34
C GLY A 339 9.99 14.43 -17.76
N LEU A 340 10.86 14.37 -18.78
CA LEU A 340 11.53 15.57 -19.25
C LEU A 340 10.56 16.52 -19.94
N ALA A 341 9.53 15.99 -20.61
CA ALA A 341 8.54 16.85 -21.23
C ALA A 341 7.76 17.64 -20.18
N HIS A 342 7.38 16.98 -19.08
CA HIS A 342 6.72 17.71 -18.00
C HIS A 342 7.69 18.70 -17.36
N ARG A 343 8.96 18.30 -17.23
CA ARG A 343 9.98 19.24 -16.76
C ARG A 343 10.04 20.48 -17.64
N ALA A 344 10.00 20.28 -18.97
CA ALA A 344 10.06 21.41 -19.88
C ALA A 344 8.83 22.31 -19.75
N LYS A 345 7.65 21.71 -19.58
CA LYS A 345 6.44 22.50 -19.44
C LYS A 345 6.51 23.40 -18.21
N LEU A 346 6.96 22.85 -17.09
CA LEU A 346 7.02 23.63 -15.85
C LEU A 346 7.98 24.80 -15.96
N ASP A 347 9.06 24.65 -16.74
CA ASP A 347 10.11 25.66 -16.82
C ASP A 347 10.10 26.42 -18.14
N ASN A 348 9.09 26.21 -18.98
N ASN A 348 9.09 26.22 -18.98
CA ASN A 348 9.02 26.85 -20.29
CA ASN A 348 9.01 26.84 -20.29
C ASN A 348 10.32 26.66 -21.05
C ASN A 348 10.32 26.66 -21.05
N ASN A 349 10.83 25.43 -21.03
CA ASN A 349 12.09 25.08 -21.67
C ASN A 349 11.79 24.52 -23.06
N LYS A 350 11.85 25.39 -24.07
CA LYS A 350 11.56 24.95 -25.43
C LYS A 350 12.57 23.93 -25.92
N GLU A 351 13.83 24.07 -25.52
CA GLU A 351 14.88 23.17 -26.02
C GLU A 351 14.70 21.77 -25.44
N LEU A 352 14.37 21.66 -24.15
CA LEU A 352 14.13 20.35 -23.55
C LEU A 352 12.85 19.73 -24.07
N ALA A 353 11.82 20.55 -24.29
CA ALA A 353 10.59 20.02 -24.88
C ALA A 353 10.86 19.41 -26.24
N PHE A 354 11.71 20.06 -27.05
CA PHE A 354 12.06 19.52 -28.35
C PHE A 354 12.79 18.19 -28.21
N PHE A 355 13.80 18.15 -27.34
CA PHE A 355 14.55 16.90 -27.15
C PHE A 355 13.61 15.76 -26.75
N ALA A 356 12.71 16.01 -25.80
CA ALA A 356 11.83 14.95 -25.31
C ALA A 356 11.00 14.38 -26.45
N ASN A 357 10.33 15.25 -27.21
CA ASN A 357 9.52 14.78 -28.32
C ASN A 357 10.38 14.16 -29.41
N ALA A 358 11.58 14.71 -29.64
CA ALA A 358 12.45 14.15 -30.67
C ALA A 358 12.83 12.72 -30.35
N LEU A 359 13.09 12.42 -29.08
CA LEU A 359 13.48 11.06 -28.71
C LEU A 359 12.30 10.10 -28.85
N GLU A 360 11.09 10.55 -28.54
CA GLU A 360 9.92 9.72 -28.80
C GLU A 360 9.76 9.46 -30.28
N GLU A 361 9.95 10.49 -31.11
CA GLU A 361 9.86 10.31 -32.56
C GLU A 361 10.93 9.34 -33.05
N VAL A 362 12.17 9.52 -32.62
CA VAL A 362 13.24 8.61 -33.01
C VAL A 362 12.85 7.17 -32.69
N SER A 363 12.31 6.96 -31.48
CA SER A 363 11.99 5.60 -31.04
C SER A 363 10.99 4.94 -31.97
N ILE A 364 9.88 5.64 -32.26
CA ILE A 364 8.86 5.07 -33.13
C ILE A 364 9.35 4.98 -34.56
N GLU A 365 10.16 5.94 -35.01
CA GLU A 365 10.65 5.91 -36.38
C GLU A 365 11.62 4.75 -36.60
N THR A 366 12.45 4.45 -35.58
CA THR A 366 13.38 3.34 -35.70
C THR A 366 12.65 2.02 -35.89
N ILE A 367 11.61 1.79 -35.07
CA ILE A 367 10.85 0.55 -35.17
C ILE A 367 10.10 0.48 -36.49
N GLU A 368 9.43 1.58 -36.87
CA GLU A 368 8.72 1.59 -38.15
C GLU A 368 9.65 1.47 -39.34
N ALA A 369 10.96 1.68 -39.16
CA ALA A 369 11.94 1.44 -40.21
C ALA A 369 12.44 0.01 -40.22
N GLY A 370 11.95 -0.84 -39.30
CA GLY A 370 12.29 -2.25 -39.31
C GLY A 370 13.34 -2.69 -38.32
N PHE A 371 13.81 -1.79 -37.44
CA PHE A 371 14.82 -2.11 -36.44
C PHE A 371 14.11 -2.18 -35.08
N MET A 372 14.06 -3.37 -34.50
CA MET A 372 13.21 -3.59 -33.34
C MET A 372 13.75 -4.75 -32.53
N THR A 373 13.27 -4.87 -31.30
CA THR A 373 13.63 -5.98 -30.44
C THR A 373 12.75 -7.19 -30.73
N LYS A 374 13.14 -8.33 -30.15
CA LYS A 374 12.54 -9.61 -30.54
C LYS A 374 11.04 -9.62 -30.32
N ASP A 375 10.57 -9.06 -29.19
CA ASP A 375 9.15 -9.06 -28.91
C ASP A 375 8.35 -8.46 -30.06
N LEU A 376 8.83 -7.35 -30.60
CA LEU A 376 8.09 -6.69 -31.69
C LEU A 376 8.22 -7.47 -32.98
N ALA A 377 9.40 -8.03 -33.26
CA ALA A 377 9.55 -8.91 -34.41
C ALA A 377 8.60 -10.09 -34.31
N ALA A 378 8.34 -10.59 -33.10
CA ALA A 378 7.38 -11.67 -32.93
C ALA A 378 5.96 -11.21 -33.24
N CYS A 379 5.64 -9.94 -32.98
CA CYS A 379 4.33 -9.43 -33.36
C CYS A 379 4.13 -9.51 -34.88
N ILE A 380 5.15 -9.11 -35.64
CA ILE A 380 5.07 -9.10 -37.10
C ILE A 380 4.96 -10.53 -37.61
N LYS A 381 6.06 -11.27 -37.54
CA LYS A 381 6.03 -12.69 -37.81
C LYS A 381 5.30 -13.39 -36.67
N GLY A 382 5.46 -14.70 -36.54
CA GLY A 382 5.06 -15.41 -35.33
C GLY A 382 6.32 -15.75 -34.56
N LEU A 383 6.20 -15.81 -33.24
CA LEU A 383 7.35 -16.19 -32.43
C LEU A 383 8.02 -17.47 -32.94
N PRO A 384 7.30 -18.52 -33.34
CA PRO A 384 7.98 -19.69 -33.90
C PRO A 384 8.70 -19.43 -35.21
N ASN A 385 8.39 -18.32 -35.89
CA ASN A 385 9.00 -18.01 -37.18
C ASN A 385 10.09 -16.94 -37.09
N VAL A 386 10.29 -16.33 -35.92
CA VAL A 386 11.28 -15.28 -35.79
C VAL A 386 12.68 -15.88 -35.91
N GLN A 387 13.52 -15.25 -36.72
CA GLN A 387 14.93 -15.57 -36.83
C GLN A 387 15.75 -14.46 -36.18
N ARG A 388 17.01 -14.80 -35.90
CA ARG A 388 17.90 -13.81 -35.28
C ARG A 388 18.03 -12.56 -36.15
N SER A 389 18.04 -12.74 -37.47
CA SER A 389 18.19 -11.60 -38.37
C SER A 389 16.98 -10.67 -38.36
N ASP A 390 15.88 -11.07 -37.73
CA ASP A 390 14.68 -10.26 -37.71
C ASP A 390 14.67 -9.19 -36.61
N TYR A 391 15.61 -9.23 -35.66
CA TYR A 391 15.60 -8.28 -34.58
C TYR A 391 17.02 -7.91 -34.18
N LEU A 392 17.11 -6.92 -33.31
CA LEU A 392 18.39 -6.48 -32.73
C LEU A 392 18.41 -6.85 -31.25
N ASN A 393 19.57 -7.23 -30.76
CA ASN A 393 19.69 -7.48 -29.32
C ASN A 393 19.60 -6.14 -28.57
N THR A 394 19.53 -6.25 -27.24
CA THR A 394 19.26 -5.07 -26.42
C THR A 394 20.22 -3.93 -26.73
N PHE A 395 21.52 -4.21 -26.79
CA PHE A 395 22.48 -3.14 -27.02
C PHE A 395 22.41 -2.64 -28.46
N GLU A 396 22.26 -3.55 -29.43
CA GLU A 396 22.17 -3.15 -30.83
C GLU A 396 21.01 -2.19 -31.05
N PHE A 397 19.85 -2.50 -30.48
CA PHE A 397 18.70 -1.62 -30.63
C PHE A 397 18.97 -0.26 -29.98
N MET A 398 19.48 -0.27 -28.74
CA MET A 398 19.87 0.97 -28.10
C MET A 398 20.86 1.75 -28.95
N ASP A 399 21.81 1.04 -29.57
CA ASP A 399 22.82 1.72 -30.37
C ASP A 399 22.20 2.31 -31.65
N LYS A 400 21.27 1.58 -32.26
CA LYS A 400 20.58 2.12 -33.43
C LYS A 400 19.77 3.36 -33.05
N LEU A 401 19.04 3.29 -31.94
CA LEU A 401 18.34 4.47 -31.44
C LEU A 401 19.31 5.63 -31.22
N GLY A 402 20.48 5.35 -30.65
CA GLY A 402 21.44 6.40 -30.42
C GLY A 402 21.89 7.09 -31.70
N GLU A 403 22.14 6.30 -32.76
CA GLU A 403 22.57 6.89 -34.02
C GLU A 403 21.45 7.71 -34.66
N ASN A 404 20.21 7.21 -34.63
CA ASN A 404 19.09 7.95 -35.18
C ASN A 404 18.79 9.20 -34.35
N LEU A 405 19.03 9.17 -33.05
CA LEU A 405 18.86 10.36 -32.23
C LEU A 405 19.89 11.42 -32.60
N LYS A 406 21.15 11.00 -32.73
CA LYS A 406 22.20 11.95 -33.13
C LYS A 406 21.86 12.61 -34.46
N ILE A 407 21.23 11.86 -35.37
CA ILE A 407 20.90 12.42 -36.67
C ILE A 407 19.79 13.45 -36.54
N LYS A 408 18.72 13.11 -35.80
CA LYS A 408 17.60 14.02 -35.71
C LYS A 408 17.99 15.31 -34.99
N LEU A 409 18.83 15.19 -33.96
CA LEU A 409 19.29 16.39 -33.26
C LEU A 409 20.27 17.19 -34.10
N ALA A 410 21.09 16.51 -34.91
CA ALA A 410 21.98 17.22 -35.82
C ALA A 410 21.20 17.99 -36.87
N GLN A 411 20.18 17.34 -37.46
CA GLN A 411 19.35 18.04 -38.44
C GLN A 411 18.63 19.23 -37.82
N ALA A 412 18.25 19.12 -36.55
CA ALA A 412 17.59 20.23 -35.87
C ALA A 412 18.48 21.46 -35.79
N LYS A 413 19.80 21.26 -35.64
CA LYS A 413 20.73 22.37 -35.59
C LYS A 413 21.01 22.99 -36.96
N LEU A 414 20.65 22.29 -38.04
CA LEU A 414 20.88 22.80 -39.38
C LEU A 414 19.78 23.75 -39.85
N LEU A 415 18.88 24.15 -38.96
CA LEU A 415 17.84 25.11 -39.29
C LEU A 415 18.36 26.53 -39.05
N GLU A 416 17.64 27.51 -39.62
CA GLU A 416 18.05 28.90 -39.45
C GLU A 416 17.80 29.34 -38.02
N HIS A 417 18.87 29.69 -37.31
CA HIS A 417 18.77 30.11 -35.92
C HIS A 417 19.61 31.36 -35.68
C SER B 2 -42.23 -35.71 -21.59
N LYS B 3 -42.08 -37.02 -21.67
CA LYS B 3 -40.80 -37.63 -22.08
C LYS B 3 -40.79 -39.11 -21.76
N LYS B 4 -39.70 -39.81 -22.11
CA LYS B 4 -39.59 -41.23 -21.83
C LYS B 4 -38.18 -41.65 -21.42
N ILE B 5 -37.31 -40.70 -21.10
CA ILE B 5 -35.97 -40.99 -20.60
C ILE B 5 -35.97 -40.68 -19.10
N SER B 6 -35.69 -41.69 -18.28
CA SER B 6 -35.65 -41.52 -16.83
C SER B 6 -34.36 -40.81 -16.47
N GLY B 7 -34.45 -39.52 -16.15
CA GLY B 7 -33.28 -38.72 -15.84
C GLY B 7 -32.87 -38.80 -14.39
N GLY B 8 -33.83 -38.68 -13.48
CA GLY B 8 -33.57 -38.75 -12.06
C GLY B 8 -33.89 -37.42 -11.37
N SER B 9 -33.22 -37.19 -10.25
CA SER B 9 -33.44 -36.00 -9.44
C SER B 9 -32.51 -34.89 -9.90
N VAL B 10 -33.07 -33.71 -10.15
CA VAL B 10 -32.31 -32.55 -10.60
C VAL B 10 -32.85 -31.31 -9.90
N VAL B 11 -31.96 -30.47 -9.40
CA VAL B 11 -32.34 -29.22 -8.77
C VAL B 11 -32.30 -28.12 -9.84
N GLU B 12 -33.45 -27.48 -10.07
CA GLU B 12 -33.56 -26.38 -11.00
C GLU B 12 -33.63 -25.06 -10.23
N MET B 13 -33.03 -24.03 -10.81
CA MET B 13 -33.06 -22.69 -10.23
C MET B 13 -33.39 -21.71 -11.35
N GLN B 14 -34.61 -21.16 -11.32
CA GLN B 14 -35.05 -20.22 -12.34
C GLN B 14 -34.44 -18.85 -12.09
N GLY B 15 -34.33 -18.08 -13.18
CA GLY B 15 -33.61 -16.81 -13.13
C GLY B 15 -34.44 -15.60 -13.50
N ASP B 16 -33.78 -14.60 -14.10
CA ASP B 16 -34.38 -13.29 -14.33
C ASP B 16 -34.19 -12.85 -15.77
N GLU B 17 -35.09 -11.97 -16.21
CA GLU B 17 -34.95 -11.16 -17.43
C GLU B 17 -34.75 -12.07 -18.63
N MET B 18 -33.79 -11.80 -19.52
CA MET B 18 -33.74 -12.49 -20.80
C MET B 18 -33.43 -13.96 -20.64
N THR B 19 -32.55 -14.31 -19.70
CA THR B 19 -32.23 -15.72 -19.48
C THR B 19 -33.42 -16.49 -18.92
N ARG B 20 -34.35 -15.82 -18.25
CA ARG B 20 -35.54 -16.52 -17.77
C ARG B 20 -36.44 -16.92 -18.93
N ILE B 21 -36.52 -16.07 -19.96
CA ILE B 21 -37.29 -16.41 -21.15
C ILE B 21 -36.66 -17.62 -21.84
N ILE B 22 -35.35 -17.55 -22.09
CA ILE B 22 -34.65 -18.66 -22.73
C ILE B 22 -34.76 -19.92 -21.89
N TRP B 23 -34.67 -19.77 -20.57
CA TRP B 23 -34.68 -20.94 -19.68
C TRP B 23 -35.90 -21.81 -19.91
N GLU B 24 -37.08 -21.19 -20.01
CA GLU B 24 -38.30 -21.96 -20.20
C GLU B 24 -38.39 -22.54 -21.61
N LEU B 25 -37.87 -21.82 -22.61
CA LEU B 25 -37.85 -22.35 -23.97
C LEU B 25 -36.99 -23.60 -24.07
N ILE B 26 -35.90 -23.66 -23.30
CA ILE B 26 -35.04 -24.84 -23.32
C ILE B 26 -35.76 -26.04 -22.75
N LYS B 27 -36.50 -25.84 -21.66
CA LYS B 27 -37.22 -26.95 -21.03
C LYS B 27 -38.38 -27.41 -21.91
N GLU B 28 -39.19 -26.46 -22.39
CA GLU B 28 -40.38 -26.82 -23.15
C GLU B 28 -40.04 -27.49 -24.48
N LYS B 29 -38.89 -27.15 -25.07
CA LYS B 29 -38.58 -27.58 -26.43
C LYS B 29 -37.43 -28.57 -26.53
N LEU B 30 -36.44 -28.50 -25.64
CA LEU B 30 -35.26 -29.35 -25.75
C LEU B 30 -35.19 -30.43 -24.69
N ILE B 31 -35.81 -30.25 -23.52
CA ILE B 31 -35.63 -31.17 -22.41
C ILE B 31 -36.91 -31.98 -22.18
N PHE B 32 -37.97 -31.32 -21.72
CA PHE B 32 -39.20 -32.02 -21.36
C PHE B 32 -39.68 -32.97 -22.44
N PRO B 33 -39.83 -32.56 -23.71
CA PRO B 33 -40.32 -33.50 -24.74
C PRO B 33 -39.62 -34.85 -24.74
N TYR B 34 -38.38 -34.91 -24.24
CA TYR B 34 -37.57 -36.10 -24.33
C TYR B 34 -37.16 -36.71 -23.00
N VAL B 35 -37.18 -35.94 -21.91
CA VAL B 35 -36.68 -36.40 -20.62
C VAL B 35 -37.76 -36.22 -19.57
N GLU B 36 -37.99 -37.26 -18.78
CA GLU B 36 -38.82 -37.20 -17.58
C GLU B 36 -37.90 -37.31 -16.37
N LEU B 37 -38.02 -36.36 -15.45
CA LEU B 37 -37.14 -36.35 -14.30
C LEU B 37 -37.84 -35.73 -13.11
N ASP B 38 -37.36 -36.07 -11.91
CA ASP B 38 -37.88 -35.52 -10.67
C ASP B 38 -37.23 -34.16 -10.46
N LEU B 39 -37.93 -33.12 -10.91
CA LEU B 39 -37.39 -31.77 -10.94
C LEU B 39 -37.78 -31.01 -9.68
N HIS B 40 -36.79 -30.65 -8.87
CA HIS B 40 -37.00 -29.85 -7.66
C HIS B 40 -36.74 -28.39 -8.03
N SER B 41 -37.82 -27.69 -8.38
CA SER B 41 -37.71 -26.33 -8.89
C SER B 41 -37.67 -25.33 -7.75
N TYR B 42 -36.73 -24.39 -7.83
CA TYR B 42 -36.61 -23.28 -6.90
C TYR B 42 -36.58 -21.99 -7.71
N ASP B 43 -37.54 -21.10 -7.47
CA ASP B 43 -37.66 -19.86 -8.22
C ASP B 43 -36.73 -18.82 -7.59
N LEU B 44 -35.52 -18.70 -8.14
CA LEU B 44 -34.58 -17.67 -7.70
C LEU B 44 -34.76 -16.37 -8.46
N GLY B 45 -35.92 -16.16 -9.08
CA GLY B 45 -36.22 -14.84 -9.62
C GLY B 45 -36.17 -13.78 -8.54
N ILE B 46 -35.81 -12.57 -8.95
CA ILE B 46 -35.62 -11.49 -7.97
C ILE B 46 -36.89 -11.29 -7.16
N GLU B 47 -38.06 -11.47 -7.79
CA GLU B 47 -39.32 -11.27 -7.08
C GLU B 47 -39.49 -12.31 -5.96
N ASN B 48 -39.31 -13.59 -6.29
CA ASN B 48 -39.50 -14.63 -5.28
C ASN B 48 -38.44 -14.54 -4.18
N ARG B 49 -37.20 -14.23 -4.55
CA ARG B 49 -36.16 -14.05 -3.54
C ARG B 49 -36.57 -12.97 -2.55
N ASP B 50 -37.04 -11.83 -3.04
CA ASP B 50 -37.54 -10.78 -2.15
C ASP B 50 -38.68 -11.28 -1.30
N ALA B 51 -39.62 -12.02 -1.91
CA ALA B 51 -40.80 -12.48 -1.18
C ALA B 51 -40.43 -13.44 -0.05
N THR B 52 -39.39 -14.24 -0.22
CA THR B 52 -38.96 -15.19 0.79
C THR B 52 -37.72 -14.72 1.55
N ASN B 53 -37.39 -13.44 1.46
CA ASN B 53 -36.21 -12.89 2.14
C ASN B 53 -34.97 -13.70 1.81
N ASP B 54 -34.84 -14.09 0.54
CA ASP B 54 -33.70 -14.82 0.00
C ASP B 54 -33.59 -16.24 0.53
N GLN B 55 -34.58 -16.71 1.29
CA GLN B 55 -34.49 -18.07 1.83
C GLN B 55 -34.52 -19.12 0.72
N VAL B 56 -35.24 -18.84 -0.37
CA VAL B 56 -35.28 -19.78 -1.48
C VAL B 56 -33.88 -20.08 -1.98
N THR B 57 -33.02 -19.06 -2.01
CA THR B 57 -31.64 -19.26 -2.46
C THR B 57 -30.93 -20.27 -1.57
N LYS B 58 -31.03 -20.09 -0.24
CA LYS B 58 -30.40 -21.03 0.67
C LYS B 58 -31.03 -22.41 0.57
N ASP B 59 -32.35 -22.47 0.43
CA ASP B 59 -33.02 -23.76 0.28
C ASP B 59 -32.53 -24.49 -0.96
N ALA B 60 -32.38 -23.77 -2.07
CA ALA B 60 -31.89 -24.40 -3.30
C ALA B 60 -30.49 -24.97 -3.09
N ALA B 61 -29.61 -24.21 -2.40
CA ALA B 61 -28.26 -24.68 -2.16
C ALA B 61 -28.25 -26.00 -1.41
N GLU B 62 -29.04 -26.09 -0.34
CA GLU B 62 -29.09 -27.33 0.44
C GLU B 62 -29.64 -28.48 -0.39
N ALA B 63 -30.58 -28.21 -1.29
CA ALA B 63 -31.14 -29.27 -2.12
C ALA B 63 -30.08 -29.86 -3.04
N ILE B 64 -29.18 -29.01 -3.58
CA ILE B 64 -28.11 -29.51 -4.42
C ILE B 64 -27.22 -30.46 -3.66
N LYS B 65 -26.91 -30.14 -2.40
CA LYS B 65 -26.08 -31.03 -1.59
C LYS B 65 -26.76 -32.37 -1.36
N LYS B 66 -28.10 -32.39 -1.39
CA LYS B 66 -28.85 -33.62 -1.17
C LYS B 66 -29.02 -34.44 -2.43
N HIS B 67 -29.15 -33.79 -3.60
CA HIS B 67 -29.40 -34.49 -4.85
C HIS B 67 -28.20 -34.57 -5.77
N ASN B 68 -27.20 -33.70 -5.59
CA ASN B 68 -25.86 -33.77 -6.17
C ASN B 68 -25.76 -33.09 -7.54
N VAL B 69 -26.87 -32.68 -8.15
CA VAL B 69 -26.82 -32.03 -9.46
C VAL B 69 -27.77 -30.84 -9.44
N GLY B 70 -27.25 -29.67 -9.77
CA GLY B 70 -28.07 -28.48 -9.91
C GLY B 70 -27.80 -27.78 -11.21
N VAL B 71 -28.84 -27.17 -11.76
CA VAL B 71 -28.77 -26.38 -12.99
C VAL B 71 -29.39 -25.01 -12.70
N LYS B 72 -28.61 -23.95 -12.88
CA LYS B 72 -29.03 -22.62 -12.43
C LYS B 72 -29.11 -21.66 -13.61
N CYS B 73 -30.21 -20.92 -13.65
CA CYS B 73 -30.38 -19.83 -14.59
C CYS B 73 -29.72 -18.57 -14.07
N ALA B 74 -29.33 -17.68 -14.98
CA ALA B 74 -28.72 -16.42 -14.57
C ALA B 74 -29.72 -15.59 -13.77
N THR B 75 -29.22 -14.91 -12.75
CA THR B 75 -30.06 -14.17 -11.82
C THR B 75 -29.53 -12.75 -11.63
N ILE B 76 -30.41 -11.87 -11.17
CA ILE B 76 -30.04 -10.50 -10.87
C ILE B 76 -29.42 -10.44 -9.48
N THR B 77 -28.27 -9.75 -9.39
CA THR B 77 -27.71 -9.39 -8.08
C THR B 77 -28.04 -7.93 -7.84
N PRO B 78 -28.97 -7.59 -6.95
CA PRO B 78 -29.47 -6.22 -6.90
C PRO B 78 -28.51 -5.25 -6.22
N ASP B 79 -28.43 -4.05 -6.80
CA ASP B 79 -27.78 -2.90 -6.17
C ASP B 79 -28.82 -1.82 -5.94
N GLU B 80 -28.37 -0.58 -5.70
CA GLU B 80 -29.31 0.50 -5.41
C GLU B 80 -30.38 0.62 -6.49
N LYS B 81 -29.95 0.78 -7.75
CA LYS B 81 -30.90 0.96 -8.85
C LYS B 81 -31.86 -0.22 -8.96
N ARG B 82 -31.41 -1.43 -8.63
CA ARG B 82 -32.28 -2.59 -8.71
C ARG B 82 -33.32 -2.57 -7.60
N VAL B 83 -32.95 -2.11 -6.40
CA VAL B 83 -33.92 -2.01 -5.31
C VAL B 83 -35.09 -1.12 -5.70
N GLU B 84 -34.78 0.03 -6.32
CA GLU B 84 -35.84 0.93 -6.76
C GLU B 84 -36.68 0.30 -7.87
N GLU B 85 -36.07 -0.56 -8.68
CA GLU B 85 -36.77 -1.13 -9.83
C GLU B 85 -37.88 -2.08 -9.38
N PHE B 86 -37.57 -2.99 -8.45
CA PHE B 86 -38.49 -4.03 -8.04
C PHE B 86 -39.13 -3.77 -6.68
N LYS B 87 -38.87 -2.60 -6.08
CA LYS B 87 -39.38 -2.30 -4.74
C LYS B 87 -38.91 -3.35 -3.74
N LEU B 88 -37.62 -3.65 -3.78
CA LEU B 88 -37.05 -4.68 -2.93
C LEU B 88 -36.97 -4.21 -1.48
N LYS B 89 -36.94 -5.19 -0.57
CA LYS B 89 -36.79 -4.89 0.85
C LYS B 89 -35.33 -4.61 1.20
N GLN B 90 -34.41 -5.33 0.57
CA GLN B 90 -33.00 -5.22 0.86
C GLN B 90 -32.21 -5.51 -0.40
N MET B 91 -30.97 -5.01 -0.44
CA MET B 91 -30.04 -5.34 -1.52
C MET B 91 -29.55 -6.77 -1.28
N TRP B 92 -30.35 -7.73 -1.75
CA TRP B 92 -30.05 -9.13 -1.50
C TRP B 92 -28.68 -9.48 -2.07
N LYS B 93 -27.95 -10.33 -1.33
CA LYS B 93 -26.65 -10.78 -1.80
C LYS B 93 -26.80 -11.64 -3.05
N SER B 94 -25.72 -11.70 -3.81
CA SER B 94 -25.71 -12.50 -5.03
C SER B 94 -26.08 -13.93 -4.73
N PRO B 95 -27.10 -14.50 -5.40
CA PRO B 95 -27.41 -15.92 -5.17
C PRO B 95 -26.26 -16.84 -5.53
N ASN B 96 -25.43 -16.46 -6.50
CA ASN B 96 -24.28 -17.28 -6.87
C ASN B 96 -23.29 -17.34 -5.72
N GLY B 97 -22.95 -16.18 -5.14
CA GLY B 97 -22.07 -16.18 -3.99
C GLY B 97 -22.60 -17.04 -2.85
N THR B 98 -23.90 -16.93 -2.56
CA THR B 98 -24.50 -17.74 -1.52
C THR B 98 -24.31 -19.23 -1.81
N ILE B 99 -24.76 -19.66 -3.00
CA ILE B 99 -24.69 -21.07 -3.35
C ILE B 99 -23.25 -21.57 -3.35
N ARG B 100 -22.33 -20.75 -3.88
CA ARG B 100 -20.95 -21.18 -4.02
C ARG B 100 -20.27 -21.35 -2.67
N ASN B 101 -20.52 -20.44 -1.74
CA ASN B 101 -19.90 -20.56 -0.42
C ASN B 101 -20.56 -21.64 0.44
N ILE B 102 -21.81 -21.98 0.15
CA ILE B 102 -22.44 -23.11 0.84
C ILE B 102 -21.89 -24.43 0.31
N LEU B 103 -21.73 -24.53 -1.00
CA LEU B 103 -21.22 -25.77 -1.58
C LEU B 103 -19.70 -25.83 -1.55
N GLY B 104 -19.05 -24.69 -1.79
CA GLY B 104 -17.61 -24.67 -1.90
C GLY B 104 -17.14 -25.42 -3.14
N GLY B 105 -15.82 -25.50 -3.29
CA GLY B 105 -15.21 -26.18 -4.41
C GLY B 105 -14.62 -25.24 -5.44
N THR B 106 -14.60 -25.67 -6.70
CA THR B 106 -14.01 -24.90 -7.78
C THR B 106 -14.97 -24.81 -8.95
N VAL B 107 -15.07 -23.64 -9.54
CA VAL B 107 -15.93 -23.40 -10.69
C VAL B 107 -15.05 -23.45 -11.93
N PHE B 108 -15.19 -24.50 -12.73
CA PHE B 108 -14.40 -24.68 -13.94
C PHE B 108 -15.15 -24.08 -15.12
N ARG B 109 -14.50 -23.17 -15.82
CA ARG B 109 -15.11 -22.47 -16.95
C ARG B 109 -14.27 -22.68 -18.20
N GLU B 110 -14.96 -22.97 -19.30
CA GLU B 110 -14.32 -23.27 -20.57
C GLU B 110 -15.21 -22.78 -21.70
N ALA B 111 -14.59 -22.28 -22.75
CA ALA B 111 -15.34 -21.78 -23.90
C ALA B 111 -15.99 -22.93 -24.66
N ILE B 112 -17.11 -22.63 -25.30
CA ILE B 112 -17.79 -23.57 -26.19
C ILE B 112 -17.39 -23.22 -27.62
N ILE B 113 -16.68 -24.13 -28.28
CA ILE B 113 -15.98 -23.84 -29.52
C ILE B 113 -16.80 -24.36 -30.69
N CYS B 114 -16.93 -23.53 -31.72
CA CYS B 114 -17.48 -23.94 -33.01
C CYS B 114 -16.42 -23.63 -34.07
N LYS B 115 -16.23 -24.59 -34.99
CA LYS B 115 -15.12 -24.51 -35.94
C LYS B 115 -15.22 -23.33 -36.89
N ASN B 116 -16.36 -22.66 -36.96
CA ASN B 116 -16.59 -21.58 -37.91
C ASN B 116 -16.68 -20.21 -37.26
N ILE B 117 -16.41 -20.11 -35.96
CA ILE B 117 -16.50 -18.85 -35.23
C ILE B 117 -15.08 -18.34 -35.00
N PRO B 118 -14.67 -17.25 -35.64
CA PRO B 118 -13.33 -16.72 -35.39
C PRO B 118 -13.19 -16.18 -33.98
N ARG B 119 -11.95 -16.18 -33.49
CA ARG B 119 -11.60 -15.69 -32.17
C ARG B 119 -11.08 -14.27 -32.24
N LEU B 120 -11.21 -13.54 -31.13
CA LEU B 120 -10.56 -12.24 -31.04
C LEU B 120 -9.07 -12.38 -30.81
N VAL B 121 -8.65 -13.42 -30.08
CA VAL B 121 -7.25 -13.72 -29.86
C VAL B 121 -6.88 -14.83 -30.83
N SER B 122 -6.19 -14.47 -31.90
CA SER B 122 -5.97 -15.42 -32.99
C SER B 122 -5.15 -16.63 -32.53
N GLY B 123 -4.28 -16.45 -31.52
CA GLY B 123 -3.38 -17.51 -31.13
C GLY B 123 -4.06 -18.65 -30.39
N TRP B 124 -5.24 -18.42 -29.82
CA TRP B 124 -5.87 -19.40 -28.94
C TRP B 124 -6.44 -20.56 -29.77
N VAL B 125 -5.54 -21.45 -30.19
CA VAL B 125 -5.94 -22.64 -30.94
C VAL B 125 -6.24 -23.82 -30.04
N LYS B 126 -5.84 -23.79 -28.78
CA LYS B 126 -6.16 -24.80 -27.78
C LYS B 126 -6.99 -24.17 -26.67
N PRO B 127 -7.77 -24.98 -25.94
CA PRO B 127 -8.68 -24.39 -24.95
C PRO B 127 -7.96 -23.88 -23.72
N ILE B 128 -8.61 -22.92 -23.05
CA ILE B 128 -8.18 -22.39 -21.77
C ILE B 128 -9.26 -22.69 -20.75
N ILE B 129 -8.91 -23.43 -19.70
CA ILE B 129 -9.85 -23.82 -18.66
C ILE B 129 -9.48 -23.06 -17.40
N ILE B 130 -10.33 -22.13 -17.00
CA ILE B 130 -10.14 -21.41 -15.75
C ILE B 130 -10.75 -22.21 -14.61
N GLY B 131 -9.97 -22.46 -13.57
CA GLY B 131 -10.48 -23.05 -12.35
C GLY B 131 -10.61 -21.98 -11.27
N CYS B 132 -11.84 -21.54 -11.03
CA CYS B 132 -12.11 -20.40 -10.17
C CYS B 132 -12.49 -20.87 -8.77
N HIS B 133 -11.70 -20.47 -7.77
CA HIS B 133 -12.02 -20.77 -6.39
C HIS B 133 -13.39 -20.20 -6.03
N ALA B 134 -14.28 -21.08 -5.56
CA ALA B 134 -15.67 -20.70 -5.35
C ALA B 134 -15.91 -19.98 -4.03
N TYR B 135 -14.99 -20.08 -3.08
CA TYR B 135 -15.24 -19.75 -1.68
C TYR B 135 -14.48 -18.49 -1.26
N GLY B 136 -15.13 -17.69 -0.42
CA GLY B 136 -14.45 -16.61 0.29
C GLY B 136 -14.18 -15.39 -0.57
N ASP B 137 -13.18 -14.63 -0.13
CA ASP B 137 -12.71 -13.43 -0.82
C ASP B 137 -13.89 -12.47 -0.97
N GLN B 138 -14.00 -11.76 -2.11
CA GLN B 138 -14.92 -10.64 -2.23
C GLN B 138 -16.37 -11.04 -2.00
N TYR B 139 -16.75 -12.27 -2.38
CA TYR B 139 -18.15 -12.67 -2.26
C TYR B 139 -18.58 -12.90 -0.82
N ARG B 140 -17.64 -12.96 0.13
CA ARG B 140 -17.97 -13.01 1.56
C ARG B 140 -17.33 -11.85 2.31
N ALA B 141 -17.00 -10.77 1.62
CA ALA B 141 -16.35 -9.65 2.27
C ALA B 141 -17.33 -8.88 3.13
N THR B 142 -16.78 -8.11 4.06
CA THR B 142 -17.54 -7.20 4.91
C THR B 142 -17.03 -5.79 4.63
N ASP B 143 -17.78 -5.04 3.84
CA ASP B 143 -17.40 -3.69 3.45
C ASP B 143 -18.38 -2.68 4.03
N PHE B 144 -17.88 -1.47 4.28
CA PHE B 144 -18.71 -0.44 4.88
C PHE B 144 -18.15 0.93 4.53
N VAL B 145 -19.00 1.93 4.65
CA VAL B 145 -18.61 3.32 4.49
C VAL B 145 -18.00 3.82 5.80
N VAL B 146 -16.89 4.54 5.70
CA VAL B 146 -16.29 5.22 6.84
C VAL B 146 -16.80 6.66 6.83
N PRO B 147 -17.64 7.08 7.78
CA PRO B 147 -18.31 8.38 7.65
C PRO B 147 -17.41 9.57 7.91
N GLY B 148 -16.30 9.40 8.62
CA GLY B 148 -15.44 10.52 8.93
C GLY B 148 -14.13 10.08 9.55
N PRO B 149 -13.33 11.05 9.99
CA PRO B 149 -12.04 10.73 10.61
C PRO B 149 -12.19 9.70 11.72
N GLY B 150 -11.18 8.86 11.86
CA GLY B 150 -11.21 7.80 12.85
C GLY B 150 -10.31 6.67 12.44
N LYS B 151 -10.30 5.64 13.29
CA LYS B 151 -9.39 4.50 13.15
C LYS B 151 -10.19 3.26 12.73
N VAL B 152 -9.72 2.58 11.69
CA VAL B 152 -10.22 1.28 11.31
C VAL B 152 -9.16 0.25 11.69
N GLU B 153 -9.57 -0.80 12.37
CA GLU B 153 -8.67 -1.84 12.84
C GLU B 153 -9.25 -3.20 12.53
N ILE B 154 -8.37 -4.18 12.32
CA ILE B 154 -8.77 -5.56 12.13
C ILE B 154 -8.10 -6.39 13.22
N THR B 155 -8.87 -7.26 13.86
CA THR B 155 -8.40 -7.99 15.02
C THR B 155 -8.72 -9.47 14.88
N TYR B 156 -7.85 -10.29 15.46
CA TYR B 156 -8.03 -11.73 15.52
C TYR B 156 -8.02 -12.14 16.99
N THR B 157 -9.13 -12.71 17.45
CA THR B 157 -9.23 -13.25 18.80
C THR B 157 -9.17 -14.76 18.71
N PRO B 158 -8.05 -15.40 19.04
CA PRO B 158 -7.99 -16.86 18.96
C PRO B 158 -8.95 -17.50 19.95
N SER B 159 -9.48 -18.67 19.56
CA SER B 159 -10.43 -19.39 20.40
C SER B 159 -9.77 -20.07 21.60
N ASP B 160 -8.45 -20.13 21.65
CA ASP B 160 -7.74 -20.80 22.73
C ASP B 160 -7.41 -19.86 23.89
N GLY B 161 -8.02 -18.68 23.94
CA GLY B 161 -7.84 -17.76 25.04
C GLY B 161 -6.56 -16.95 25.01
N THR B 162 -5.64 -17.22 24.09
CA THR B 162 -4.40 -16.47 24.02
C THR B 162 -4.70 -15.03 23.59
N GLN B 163 -3.63 -14.24 23.50
CA GLN B 163 -3.79 -12.79 23.36
C GLN B 163 -4.43 -12.42 22.03
N LYS B 164 -5.33 -11.45 22.09
CA LYS B 164 -5.95 -10.88 20.90
C LYS B 164 -4.91 -10.11 20.09
N VAL B 165 -4.99 -10.22 18.76
CA VAL B 165 -4.08 -9.56 17.84
C VAL B 165 -4.84 -8.46 17.12
N THR B 166 -4.32 -7.23 17.20
CA THR B 166 -4.93 -6.07 16.57
C THR B 166 -3.98 -5.48 15.53
N TYR B 167 -4.50 -5.23 14.34
CA TYR B 167 -3.76 -4.55 13.28
C TYR B 167 -4.49 -3.27 12.89
N LEU B 168 -3.74 -2.21 12.66
CA LEU B 168 -4.30 -0.97 12.14
C LEU B 168 -4.49 -1.07 10.64
N VAL B 169 -5.73 -0.90 10.18
CA VAL B 169 -5.99 -0.86 8.74
C VAL B 169 -5.70 0.53 8.19
N HIS B 170 -6.27 1.55 8.83
CA HIS B 170 -6.00 2.92 8.43
C HIS B 170 -6.53 3.87 9.50
N ASN B 171 -5.80 4.96 9.74
CA ASN B 171 -6.30 6.08 10.49
C ASN B 171 -6.75 7.14 9.50
N PHE B 172 -8.07 7.36 9.42
CA PHE B 172 -8.62 8.43 8.60
C PHE B 172 -8.46 9.74 9.35
N GLU B 173 -7.63 10.63 8.83
CA GLU B 173 -7.34 11.91 9.48
C GLU B 173 -8.15 13.07 8.91
N GLU B 174 -8.30 13.13 7.60
CA GLU B 174 -9.08 14.16 6.93
C GLU B 174 -10.18 13.47 6.12
N GLY B 175 -11.41 13.59 6.58
CA GLY B 175 -12.53 13.00 5.87
C GLY B 175 -12.63 11.50 6.09
N GLY B 176 -13.54 10.90 5.33
CA GLY B 176 -13.81 9.49 5.45
C GLY B 176 -13.52 8.72 4.18
N GLY B 177 -14.19 7.60 4.00
CA GLY B 177 -13.98 6.76 2.83
C GLY B 177 -14.69 5.44 2.93
N VAL B 178 -13.96 4.36 2.67
CA VAL B 178 -14.50 3.01 2.70
C VAL B 178 -13.44 2.08 3.27
N ALA B 179 -13.90 0.97 3.83
CA ALA B 179 -13.01 -0.06 4.35
C ALA B 179 -13.71 -1.40 4.20
N MET B 180 -12.92 -2.47 4.21
CA MET B 180 -13.50 -3.79 4.09
C MET B 180 -12.57 -4.83 4.69
N GLY B 181 -13.16 -5.93 5.14
CA GLY B 181 -12.41 -7.10 5.53
C GLY B 181 -12.85 -8.29 4.70
N MET B 182 -11.90 -9.18 4.42
CA MET B 182 -12.23 -10.43 3.76
C MET B 182 -11.30 -11.51 4.30
N TYR B 183 -11.60 -12.75 3.95
CA TYR B 183 -10.92 -13.90 4.52
C TYR B 183 -10.98 -15.07 3.56
N ASN B 184 -10.16 -16.08 3.84
CA ASN B 184 -10.32 -17.39 3.25
C ASN B 184 -9.82 -18.43 4.24
N GLN B 185 -10.15 -19.69 3.97
CA GLN B 185 -9.85 -20.80 4.86
C GLN B 185 -8.85 -21.77 4.22
N ASP B 186 -7.91 -22.25 5.02
CA ASP B 186 -6.89 -23.15 4.54
C ASP B 186 -7.49 -24.36 3.83
N LYS B 187 -8.51 -24.98 4.43
CA LYS B 187 -9.05 -26.21 3.87
C LYS B 187 -9.64 -25.97 2.49
N SER B 188 -10.36 -24.85 2.31
CA SER B 188 -10.91 -24.53 1.01
C SER B 188 -9.80 -24.31 -0.02
N ILE B 189 -8.73 -23.62 0.38
CA ILE B 189 -7.60 -23.42 -0.52
C ILE B 189 -6.97 -24.77 -0.89
N GLU B 190 -6.91 -25.69 0.07
CA GLU B 190 -6.36 -27.02 -0.20
C GLU B 190 -7.22 -27.79 -1.20
N ASP B 191 -8.54 -27.73 -1.04
CA ASP B 191 -9.43 -28.35 -2.03
C ASP B 191 -9.26 -27.68 -3.39
N PHE B 192 -9.27 -26.35 -3.41
CA PHE B 192 -9.05 -25.60 -4.64
C PHE B 192 -7.78 -26.05 -5.35
N ALA B 193 -6.71 -26.30 -4.59
CA ALA B 193 -5.45 -26.74 -5.19
C ALA B 193 -5.58 -28.17 -5.73
N HIS B 194 -6.15 -29.07 -4.94
CA HIS B 194 -6.26 -30.46 -5.38
C HIS B 194 -7.06 -30.56 -6.67
N SER B 195 -8.20 -29.87 -6.75
CA SER B 195 -9.02 -29.92 -7.95
C SER B 195 -8.29 -29.31 -9.14
N SER B 196 -7.43 -28.31 -8.91
CA SER B 196 -6.65 -27.73 -10.00
C SER B 196 -5.63 -28.73 -10.54
N PHE B 197 -4.91 -29.40 -9.65
CA PHE B 197 -3.93 -30.38 -10.09
C PHE B 197 -4.60 -31.58 -10.76
N GLN B 198 -5.73 -32.02 -10.20
CA GLN B 198 -6.44 -33.15 -10.79
C GLN B 198 -6.99 -32.81 -12.18
N MET B 199 -7.54 -31.60 -12.33
CA MET B 199 -8.05 -31.18 -13.63
C MET B 199 -6.93 -31.15 -14.66
N ALA B 200 -5.77 -30.61 -14.30
CA ALA B 200 -4.66 -30.53 -15.23
C ALA B 200 -4.22 -31.92 -15.69
N LEU B 201 -4.21 -32.90 -14.78
CA LEU B 201 -3.78 -34.24 -15.15
C LEU B 201 -4.80 -34.94 -16.03
N SER B 202 -6.09 -34.78 -15.71
CA SER B 202 -7.12 -35.44 -16.50
C SER B 202 -7.15 -34.90 -17.93
N LYS B 203 -6.96 -33.59 -18.09
CA LYS B 203 -6.93 -32.97 -19.42
C LYS B 203 -5.56 -33.04 -20.07
N GLY B 204 -4.51 -33.27 -19.30
CA GLY B 204 -3.18 -33.38 -19.87
C GLY B 204 -2.56 -32.05 -20.25
N TRP B 205 -2.85 -30.99 -19.52
CA TRP B 205 -2.34 -29.65 -19.77
C TRP B 205 -1.62 -29.12 -18.53
N PRO B 206 -0.70 -28.17 -18.70
CA PRO B 206 -0.06 -27.56 -17.53
C PRO B 206 -1.02 -26.67 -16.77
N LEU B 207 -0.67 -26.41 -15.51
CA LEU B 207 -1.50 -25.62 -14.60
C LEU B 207 -0.76 -24.36 -14.19
N TYR B 208 -1.45 -23.23 -14.22
CA TYR B 208 -0.92 -21.97 -13.74
C TYR B 208 -1.82 -21.45 -12.63
N LEU B 209 -1.21 -21.00 -11.54
CA LEU B 209 -1.91 -20.26 -10.48
C LEU B 209 -1.49 -18.81 -10.54
N SER B 210 -2.47 -17.91 -10.51
CA SER B 210 -2.21 -16.47 -10.51
C SER B 210 -2.56 -15.90 -9.13
N THR B 211 -1.65 -15.10 -8.58
CA THR B 211 -1.93 -14.31 -7.39
C THR B 211 -1.17 -13.00 -7.50
N LYS B 212 -1.33 -12.14 -6.50
CA LYS B 212 -0.48 -10.96 -6.38
C LYS B 212 0.29 -11.03 -5.07
N ASN B 213 1.01 -12.14 -4.85
CA ASN B 213 1.63 -12.38 -3.55
C ASN B 213 2.75 -11.39 -3.24
N THR B 214 3.31 -10.73 -4.26
CA THR B 214 4.29 -9.69 -3.98
C THR B 214 3.66 -8.54 -3.23
N ILE B 215 2.36 -8.33 -3.39
CA ILE B 215 1.62 -7.24 -2.74
C ILE B 215 0.88 -7.73 -1.51
N LEU B 216 0.06 -8.76 -1.66
CA LEU B 216 -0.61 -9.43 -0.54
C LEU B 216 0.27 -10.59 -0.12
N LYS B 217 1.34 -10.27 0.61
CA LYS B 217 2.38 -11.25 0.87
C LYS B 217 1.86 -12.39 1.74
N LYS B 218 0.96 -12.12 2.66
CA LYS B 218 0.41 -13.14 3.55
C LYS B 218 -0.82 -13.80 2.93
N TYR B 219 -1.81 -13.00 2.54
CA TYR B 219 -3.05 -13.53 2.00
C TYR B 219 -2.80 -14.37 0.76
N ASP B 220 -2.22 -13.76 -0.28
CA ASP B 220 -1.96 -14.49 -1.52
C ASP B 220 -0.78 -15.45 -1.36
N GLY B 221 0.18 -15.12 -0.50
CA GLY B 221 1.25 -16.07 -0.23
C GLY B 221 0.72 -17.41 0.26
N ARG B 222 -0.39 -17.40 1.00
CA ARG B 222 -0.95 -18.64 1.51
C ARG B 222 -1.45 -19.52 0.38
N PHE B 223 -2.14 -18.94 -0.60
CA PHE B 223 -2.52 -19.68 -1.80
C PHE B 223 -1.29 -20.27 -2.47
N LYS B 224 -0.26 -19.44 -2.69
CA LYS B 224 0.93 -19.88 -3.39
C LYS B 224 1.63 -21.01 -2.65
N ASP B 225 1.79 -20.87 -1.34
CA ASP B 225 2.50 -21.89 -0.57
C ASP B 225 1.71 -23.20 -0.53
N ILE B 226 0.39 -23.12 -0.35
CA ILE B 226 -0.41 -24.33 -0.26
C ILE B 226 -0.38 -25.10 -1.57
N PHE B 227 -0.55 -24.38 -2.69
CA PHE B 227 -0.42 -25.01 -4.00
C PHE B 227 0.92 -25.70 -4.16
N GLN B 228 2.01 -24.97 -3.86
CA GLN B 228 3.35 -25.53 -4.07
C GLN B 228 3.59 -26.73 -3.18
N GLU B 229 3.10 -26.69 -1.94
CA GLU B 229 3.26 -27.82 -1.04
C GLU B 229 2.60 -29.07 -1.60
N ILE B 230 1.32 -28.96 -1.97
CA ILE B 230 0.58 -30.11 -2.47
C ILE B 230 1.18 -30.62 -3.77
N TYR B 231 1.64 -29.71 -4.62
CA TYR B 231 2.26 -30.12 -5.88
C TYR B 231 3.51 -30.96 -5.62
N ASP B 232 4.41 -30.46 -4.76
CA ASP B 232 5.64 -31.18 -4.50
C ASP B 232 5.40 -32.51 -3.80
N LYS B 233 4.31 -32.61 -3.02
CA LYS B 233 4.08 -33.78 -2.20
C LYS B 233 3.12 -34.78 -2.81
N GLN B 234 2.31 -34.40 -3.81
CA GLN B 234 1.26 -35.28 -4.28
C GLN B 234 1.03 -35.28 -5.79
N TYR B 235 1.65 -34.38 -6.57
CA TYR B 235 1.38 -34.34 -7.99
C TYR B 235 2.58 -34.05 -8.88
N LYS B 236 3.73 -33.67 -8.32
CA LYS B 236 4.86 -33.30 -9.17
C LYS B 236 5.29 -34.45 -10.08
N SER B 237 5.42 -35.65 -9.51
CA SER B 237 5.86 -36.79 -10.31
C SER B 237 4.87 -37.10 -11.43
N GLN B 238 3.57 -37.01 -11.13
CA GLN B 238 2.57 -37.30 -12.15
C GLN B 238 2.63 -36.29 -13.29
N PHE B 239 2.76 -35.00 -12.95
CA PHE B 239 2.90 -33.97 -13.98
C PHE B 239 4.10 -34.26 -14.89
N GLU B 240 5.25 -34.57 -14.28
CA GLU B 240 6.43 -34.89 -15.07
C GLU B 240 6.20 -36.12 -15.93
N ALA B 241 5.44 -37.10 -15.44
CA ALA B 241 5.14 -38.28 -16.23
C ALA B 241 4.38 -37.91 -17.49
N GLN B 242 3.44 -36.97 -17.40
CA GLN B 242 2.66 -36.52 -18.54
C GLN B 242 3.30 -35.32 -19.24
N LYS B 243 4.55 -35.01 -18.94
CA LYS B 243 5.29 -33.94 -19.61
C LYS B 243 4.57 -32.59 -19.48
N ILE B 244 3.92 -32.36 -18.35
CA ILE B 244 3.30 -31.07 -18.07
C ILE B 244 3.95 -30.49 -16.81
N TRP B 245 3.55 -29.28 -16.44
CA TRP B 245 4.21 -28.59 -15.33
C TRP B 245 3.20 -27.70 -14.61
N TYR B 246 3.54 -27.35 -13.37
CA TYR B 246 2.82 -26.35 -12.60
C TYR B 246 3.72 -25.15 -12.35
N GLU B 247 3.15 -23.97 -12.42
CA GLU B 247 3.92 -22.73 -12.31
C GLU B 247 3.03 -21.65 -11.71
N HIS B 248 3.58 -20.90 -10.77
CA HIS B 248 2.90 -19.74 -10.22
C HIS B 248 3.37 -18.49 -10.94
N ARG B 249 2.43 -17.61 -11.27
CA ARG B 249 2.70 -16.36 -11.94
C ARG B 249 1.95 -15.23 -11.27
N LEU B 250 2.55 -14.06 -11.24
CA LEU B 250 1.82 -12.86 -10.83
C LEU B 250 0.70 -12.61 -11.83
N ILE B 251 -0.46 -12.19 -11.32
CA ILE B 251 -1.69 -12.16 -12.12
C ILE B 251 -1.50 -11.33 -13.38
N ASP B 252 -0.84 -10.18 -13.28
CA ASP B 252 -0.70 -9.34 -14.46
C ASP B 252 0.23 -9.99 -15.49
N ASP B 253 1.29 -10.65 -15.05
CA ASP B 253 2.09 -11.45 -15.97
C ASP B 253 1.25 -12.56 -16.61
N MET B 254 0.38 -13.18 -15.81
CA MET B 254 -0.41 -14.31 -16.29
C MET B 254 -1.34 -13.89 -17.42
N VAL B 255 -2.10 -12.81 -17.22
N VAL B 255 -2.10 -12.82 -17.21
CA VAL B 255 -3.04 -12.40 -18.25
CA VAL B 255 -3.04 -12.36 -18.24
C VAL B 255 -2.30 -12.04 -19.54
C VAL B 255 -2.29 -12.05 -19.53
N ALA B 256 -1.15 -11.36 -19.42
CA ALA B 256 -0.37 -11.03 -20.60
C ALA B 256 0.19 -12.29 -21.25
N GLN B 257 0.75 -13.21 -20.45
CA GLN B 257 1.24 -14.46 -21.00
C GLN B 257 0.11 -15.26 -21.64
N ALA B 258 -1.06 -15.29 -21.00
CA ALA B 258 -2.18 -16.05 -21.54
C ALA B 258 -2.61 -15.50 -22.89
N MET B 259 -2.68 -14.17 -23.01
CA MET B 259 -3.23 -13.59 -24.22
C MET B 259 -2.32 -13.81 -25.42
N LYS B 260 -1.01 -13.86 -25.23
CA LYS B 260 -0.09 -14.12 -26.33
C LYS B 260 0.22 -15.60 -26.50
N SER B 261 -0.41 -16.48 -25.70
CA SER B 261 -0.14 -17.90 -25.77
C SER B 261 -0.98 -18.57 -26.85
N GLU B 262 -0.75 -19.86 -27.05
CA GLU B 262 -1.56 -20.70 -27.92
C GLU B 262 -2.68 -21.40 -27.18
N GLY B 263 -2.90 -21.05 -25.91
CA GLY B 263 -3.87 -21.75 -25.10
C GLY B 263 -3.34 -23.11 -24.66
N GLY B 264 -4.26 -23.92 -24.17
CA GLY B 264 -3.92 -25.27 -23.73
C GLY B 264 -3.29 -25.30 -22.36
N PHE B 265 -4.00 -24.79 -21.37
CA PHE B 265 -3.52 -24.82 -19.99
C PHE B 265 -4.70 -24.62 -19.05
N ILE B 266 -4.52 -25.05 -17.81
CA ILE B 266 -5.48 -24.80 -16.74
C ILE B 266 -5.02 -23.57 -15.98
N TRP B 267 -5.96 -22.67 -15.72
CA TRP B 267 -5.66 -21.38 -15.09
C TRP B 267 -6.42 -21.31 -13.78
N ALA B 268 -5.70 -21.54 -12.68
CA ALA B 268 -6.29 -21.45 -11.34
C ALA B 268 -6.34 -19.99 -10.91
N CYS B 269 -7.54 -19.49 -10.63
CA CYS B 269 -7.74 -18.11 -10.24
C CYS B 269 -8.37 -18.04 -8.85
N LYS B 270 -7.98 -17.01 -8.11
CA LYS B 270 -8.75 -16.63 -6.93
C LYS B 270 -10.15 -16.20 -7.36
N ASN B 271 -11.06 -16.17 -6.39
CA ASN B 271 -12.47 -15.93 -6.67
C ASN B 271 -12.65 -14.73 -7.60
N TYR B 272 -12.03 -13.60 -7.27
CA TYR B 272 -12.25 -12.37 -8.03
C TYR B 272 -11.64 -12.46 -9.41
N ASP B 273 -10.41 -12.95 -9.51
CA ASP B 273 -9.73 -13.04 -10.80
C ASP B 273 -10.48 -13.99 -11.74
N GLY B 274 -10.94 -15.13 -11.22
CA GLY B 274 -11.69 -16.06 -12.05
C GLY B 274 -12.95 -15.43 -12.60
N ASP B 275 -13.63 -14.63 -11.78
CA ASP B 275 -14.83 -13.92 -12.22
C ASP B 275 -14.51 -13.03 -13.42
N VAL B 276 -13.50 -12.18 -13.28
CA VAL B 276 -13.19 -11.21 -14.34
C VAL B 276 -12.57 -11.91 -15.54
N GLN B 277 -11.57 -12.76 -15.30
CA GLN B 277 -10.80 -13.33 -16.41
C GLN B 277 -11.56 -14.40 -17.18
N SER B 278 -12.58 -15.02 -16.56
CA SER B 278 -13.40 -15.97 -17.31
C SER B 278 -14.17 -15.28 -18.42
N ASP B 279 -14.58 -14.02 -18.22
CA ASP B 279 -15.20 -13.26 -19.30
C ASP B 279 -14.18 -12.76 -20.31
N PHE B 280 -12.96 -12.45 -19.84
CA PHE B 280 -11.84 -12.22 -20.73
C PHE B 280 -11.63 -13.42 -21.65
N VAL B 281 -11.61 -14.62 -21.08
CA VAL B 281 -11.40 -15.82 -21.88
C VAL B 281 -12.60 -16.05 -22.80
N ALA B 282 -13.82 -15.97 -22.25
CA ALA B 282 -15.01 -16.23 -23.04
C ALA B 282 -15.10 -15.30 -24.24
N GLN B 283 -14.94 -13.99 -24.01
CA GLN B 283 -15.02 -13.04 -25.10
C GLN B 283 -13.90 -13.28 -26.10
N GLY B 284 -12.70 -13.60 -25.61
CA GLY B 284 -11.58 -13.83 -26.50
C GLY B 284 -11.81 -14.96 -27.47
N TYR B 285 -12.53 -16.00 -27.05
CA TYR B 285 -12.81 -17.11 -27.94
C TYR B 285 -13.97 -16.82 -28.89
N GLY B 286 -14.79 -15.82 -28.59
CA GLY B 286 -15.88 -15.46 -29.49
C GLY B 286 -16.99 -14.67 -28.85
N SER B 287 -17.61 -15.23 -27.81
CA SER B 287 -18.82 -14.65 -27.24
C SER B 287 -19.02 -15.16 -25.81
N LEU B 288 -19.56 -14.29 -24.96
CA LEU B 288 -19.91 -14.69 -23.60
C LEU B 288 -20.98 -15.78 -23.60
N GLY B 289 -21.80 -15.86 -24.65
CA GLY B 289 -22.81 -16.90 -24.73
C GLY B 289 -22.26 -18.29 -24.99
N MET B 290 -20.97 -18.41 -25.25
CA MET B 290 -20.33 -19.68 -25.57
C MET B 290 -19.31 -20.00 -24.48
N MET B 291 -19.80 -20.39 -23.31
CA MET B 291 -18.93 -20.77 -22.21
C MET B 291 -19.72 -21.59 -21.19
N THR B 292 -19.15 -22.71 -20.76
CA THR B 292 -19.74 -23.52 -19.71
C THR B 292 -19.16 -23.13 -18.36
N SER B 293 -19.96 -23.30 -17.32
CA SER B 293 -19.55 -23.02 -15.95
C SER B 293 -20.16 -24.06 -15.04
N VAL B 294 -19.31 -24.83 -14.35
CA VAL B 294 -19.78 -25.91 -13.50
C VAL B 294 -18.99 -25.87 -12.19
N LEU B 295 -19.71 -25.77 -11.08
CA LEU B 295 -19.09 -25.86 -9.77
C LEU B 295 -18.91 -27.33 -9.41
N VAL B 296 -17.68 -27.73 -9.13
CA VAL B 296 -17.35 -29.10 -8.75
C VAL B 296 -17.01 -29.09 -7.28
N CYS B 297 -17.89 -29.65 -6.45
N CYS B 297 -17.89 -29.66 -6.46
CA CYS B 297 -17.64 -29.68 -5.02
CA CYS B 297 -17.68 -29.73 -5.02
C CYS B 297 -16.42 -30.55 -4.73
C CYS B 297 -16.44 -30.58 -4.72
N PRO B 298 -15.78 -30.33 -3.58
CA PRO B 298 -14.62 -31.17 -3.23
C PRO B 298 -14.90 -32.67 -3.27
N ASP B 299 -16.05 -33.12 -2.75
CA ASP B 299 -16.33 -34.55 -2.76
C ASP B 299 -16.28 -35.15 -4.16
N GLY B 300 -16.42 -34.33 -5.20
CA GLY B 300 -16.36 -34.79 -6.56
C GLY B 300 -17.66 -35.32 -7.13
N LYS B 301 -18.65 -35.57 -6.29
CA LYS B 301 -19.92 -36.14 -6.72
C LYS B 301 -21.06 -35.14 -6.77
N THR B 302 -20.84 -33.89 -6.37
CA THR B 302 -21.86 -32.86 -6.40
C THR B 302 -21.46 -31.78 -7.40
N VAL B 303 -22.45 -31.29 -8.15
CA VAL B 303 -22.21 -30.38 -9.28
C VAL B 303 -23.33 -29.35 -9.35
N GLU B 304 -22.98 -28.13 -9.71
CA GLU B 304 -23.94 -27.08 -10.04
C GLU B 304 -23.53 -26.46 -11.36
N ALA B 305 -24.33 -26.67 -12.40
CA ALA B 305 -24.07 -26.13 -13.73
C ALA B 305 -24.87 -24.86 -13.94
N GLU B 306 -24.27 -23.91 -14.67
CA GLU B 306 -24.86 -22.60 -14.84
C GLU B 306 -24.35 -21.98 -16.13
N ALA B 307 -25.02 -20.92 -16.56
CA ALA B 307 -24.46 -20.00 -17.55
C ALA B 307 -23.56 -19.01 -16.82
N ALA B 308 -22.30 -18.92 -17.27
CA ALA B 308 -21.37 -18.01 -16.62
C ALA B 308 -21.82 -16.56 -16.75
N HIS B 309 -22.52 -16.24 -17.83
CA HIS B 309 -22.88 -14.86 -18.13
C HIS B 309 -24.10 -14.46 -17.31
N GLY B 310 -24.49 -13.19 -17.44
CA GLY B 310 -25.60 -12.63 -16.69
C GLY B 310 -26.92 -12.77 -17.42
N THR B 311 -27.90 -11.99 -16.94
CA THR B 311 -29.25 -12.04 -17.46
C THR B 311 -29.43 -11.27 -18.76
N VAL B 312 -28.35 -10.73 -19.33
CA VAL B 312 -28.40 -10.00 -20.59
C VAL B 312 -29.46 -8.91 -20.50
N THR B 313 -29.26 -7.97 -19.57
CA THR B 313 -30.30 -6.97 -19.32
C THR B 313 -30.57 -6.12 -20.55
N ARG B 314 -29.53 -5.73 -21.28
CA ARG B 314 -29.72 -4.85 -22.44
C ARG B 314 -30.68 -5.47 -23.44
N HIS B 315 -30.52 -6.77 -23.73
CA HIS B 315 -31.45 -7.44 -24.63
C HIS B 315 -32.85 -7.48 -24.05
N TYR B 316 -32.97 -7.64 -22.73
CA TYR B 316 -34.29 -7.74 -22.10
C TYR B 316 -35.08 -6.44 -22.25
N ARG B 317 -34.39 -5.29 -22.27
CA ARG B 317 -35.09 -4.03 -22.49
C ARG B 317 -35.67 -3.94 -23.89
N MET B 318 -35.20 -4.77 -24.82
CA MET B 318 -35.78 -4.83 -26.17
C MET B 318 -36.96 -5.79 -26.23
N TYR B 319 -36.84 -6.94 -25.54
CA TYR B 319 -37.96 -7.86 -25.46
C TYR B 319 -39.16 -7.23 -24.76
N GLN B 320 -38.91 -6.36 -23.78
CA GLN B 320 -39.99 -5.65 -23.10
C GLN B 320 -40.65 -4.63 -24.02
N LYS B 321 -39.89 -4.07 -24.95
CA LYS B 321 -40.40 -3.11 -25.92
C LYS B 321 -40.86 -3.77 -27.21
N GLY B 322 -41.10 -5.08 -27.20
CA GLY B 322 -41.59 -5.78 -28.37
C GLY B 322 -40.63 -5.83 -29.54
N GLN B 323 -39.37 -5.46 -29.34
CA GLN B 323 -38.39 -5.44 -30.41
C GLN B 323 -37.71 -6.79 -30.53
N GLU B 324 -37.41 -7.17 -31.78
CA GLU B 324 -36.73 -8.43 -32.02
C GLU B 324 -35.37 -8.47 -31.31
N THR B 325 -34.98 -9.65 -30.86
CA THR B 325 -33.71 -9.84 -30.19
C THR B 325 -33.07 -11.13 -30.66
N SER B 326 -31.75 -11.22 -30.49
CA SER B 326 -30.97 -12.39 -30.88
C SER B 326 -30.00 -12.66 -29.73
N THR B 327 -30.47 -13.39 -28.73
CA THR B 327 -29.68 -13.71 -27.53
C THR B 327 -29.23 -15.16 -27.61
N ASN B 328 -27.95 -15.38 -27.37
CA ASN B 328 -27.38 -16.71 -27.53
C ASN B 328 -27.79 -17.60 -26.36
N PRO B 329 -28.52 -18.69 -26.60
CA PRO B 329 -28.95 -19.57 -25.51
C PRO B 329 -28.02 -20.74 -25.21
N ILE B 330 -26.89 -20.84 -25.90
CA ILE B 330 -26.08 -22.05 -25.81
C ILE B 330 -25.56 -22.28 -24.39
N ALA B 331 -25.09 -21.22 -23.74
CA ALA B 331 -24.60 -21.37 -22.37
C ALA B 331 -25.69 -21.90 -21.45
N SER B 332 -26.92 -21.38 -21.58
CA SER B 332 -28.02 -21.89 -20.78
C SER B 332 -28.30 -23.35 -21.11
N ILE B 333 -28.23 -23.72 -22.39
CA ILE B 333 -28.45 -25.10 -22.79
C ILE B 333 -27.39 -26.00 -22.18
N PHE B 334 -26.13 -25.56 -22.19
CA PHE B 334 -25.05 -26.41 -21.69
C PHE B 334 -25.05 -26.51 -20.18
N ALA B 335 -25.70 -25.59 -19.47
CA ALA B 335 -25.96 -25.81 -18.06
C ALA B 335 -26.77 -27.08 -17.86
N TRP B 336 -27.79 -27.29 -18.72
CA TRP B 336 -28.61 -28.48 -18.60
C TRP B 336 -27.84 -29.73 -19.03
N THR B 337 -27.11 -29.66 -20.14
CA THR B 337 -26.42 -30.85 -20.65
C THR B 337 -25.28 -31.25 -19.71
N ARG B 338 -24.53 -30.27 -19.21
CA ARG B 338 -23.46 -30.58 -18.25
C ARG B 338 -24.04 -31.13 -16.96
N GLY B 339 -25.21 -30.62 -16.54
CA GLY B 339 -25.86 -31.17 -15.36
C GLY B 339 -26.42 -32.55 -15.62
N LEU B 340 -27.20 -32.71 -16.68
CA LEU B 340 -27.75 -34.01 -17.02
C LEU B 340 -26.65 -35.03 -17.27
N ALA B 341 -25.53 -34.60 -17.86
CA ALA B 341 -24.41 -35.50 -18.08
C ALA B 341 -23.89 -36.05 -16.75
N HIS B 342 -23.64 -35.16 -15.79
CA HIS B 342 -23.17 -35.62 -14.49
C HIS B 342 -24.24 -36.43 -13.77
N ARG B 343 -25.51 -36.07 -13.93
CA ARG B 343 -26.59 -36.91 -13.43
C ARG B 343 -26.48 -38.32 -13.98
N ALA B 344 -26.18 -38.45 -15.27
CA ALA B 344 -26.06 -39.78 -15.88
C ALA B 344 -24.84 -40.52 -15.36
N LYS B 345 -23.74 -39.81 -15.13
CA LYS B 345 -22.54 -40.47 -14.62
C LYS B 345 -22.79 -41.08 -13.24
N LEU B 346 -23.52 -40.36 -12.38
CA LEU B 346 -23.82 -40.89 -11.05
C LEU B 346 -24.74 -42.10 -11.15
N ASP B 347 -25.88 -41.95 -11.83
CA ASP B 347 -26.88 -43.01 -11.89
C ASP B 347 -26.54 -44.10 -12.89
N ASN B 348 -25.39 -44.02 -13.56
CA ASN B 348 -25.02 -45.00 -14.58
C ASN B 348 -26.12 -45.11 -15.63
N ASN B 349 -26.57 -43.95 -16.10
CA ASN B 349 -27.70 -43.85 -17.02
C ASN B 349 -27.15 -43.64 -18.43
N LYS B 350 -27.00 -44.73 -19.17
CA LYS B 350 -26.38 -44.66 -20.49
C LYS B 350 -27.23 -43.87 -21.47
N GLU B 351 -28.56 -43.92 -21.34
CA GLU B 351 -29.42 -43.24 -22.29
C GLU B 351 -29.56 -41.76 -21.99
N LEU B 352 -29.45 -41.35 -20.72
CA LEU B 352 -29.45 -39.93 -20.40
C LEU B 352 -28.13 -39.30 -20.83
N ALA B 353 -27.02 -40.00 -20.64
CA ALA B 353 -25.74 -39.49 -21.10
C ALA B 353 -25.73 -39.27 -22.60
N PHE B 354 -26.35 -40.19 -23.35
CA PHE B 354 -26.44 -40.03 -24.80
C PHE B 354 -27.20 -38.76 -25.17
N PHE B 355 -28.37 -38.56 -24.57
CA PHE B 355 -29.15 -37.37 -24.86
C PHE B 355 -28.37 -36.10 -24.53
N ALA B 356 -27.74 -36.06 -23.35
CA ALA B 356 -26.97 -34.89 -22.96
C ALA B 356 -25.88 -34.59 -23.99
N ASN B 357 -25.14 -35.62 -24.41
CA ASN B 357 -24.11 -35.41 -25.42
C ASN B 357 -24.72 -35.08 -26.77
N ALA B 358 -25.86 -35.69 -27.10
CA ALA B 358 -26.50 -35.41 -28.38
C ALA B 358 -26.91 -33.94 -28.48
N LEU B 359 -27.48 -33.39 -27.41
CA LEU B 359 -27.95 -32.01 -27.46
C LEU B 359 -26.78 -31.04 -27.61
N GLU B 360 -25.65 -31.32 -26.96
CA GLU B 360 -24.47 -30.48 -27.15
C GLU B 360 -24.00 -30.51 -28.60
N GLU B 361 -23.98 -31.69 -29.21
CA GLU B 361 -23.57 -31.80 -30.60
C GLU B 361 -24.54 -31.06 -31.52
N VAL B 362 -25.84 -31.22 -31.29
CA VAL B 362 -26.83 -30.50 -32.08
C VAL B 362 -26.57 -29.00 -32.02
N SER B 363 -26.27 -28.48 -30.82
CA SER B 363 -26.05 -27.05 -30.67
C SER B 363 -24.87 -26.58 -31.53
N ILE B 364 -23.75 -27.32 -31.47
CA ILE B 364 -22.57 -26.93 -32.20
C ILE B 364 -22.74 -27.18 -33.70
N GLU B 365 -23.39 -28.29 -34.06
CA GLU B 365 -23.61 -28.58 -35.47
C GLU B 365 -24.51 -27.55 -36.11
N THR B 366 -25.49 -27.04 -35.36
CA THR B 366 -26.42 -26.05 -35.91
C THR B 366 -25.68 -24.75 -36.24
N ILE B 367 -24.86 -24.28 -35.31
CA ILE B 367 -24.09 -23.06 -35.55
C ILE B 367 -23.08 -23.28 -36.67
N GLU B 368 -22.43 -24.44 -36.68
CA GLU B 368 -21.46 -24.74 -37.73
C GLU B 368 -22.12 -24.96 -39.08
N ALA B 369 -23.44 -25.07 -39.14
CA ALA B 369 -24.17 -25.11 -40.40
C ALA B 369 -24.66 -23.73 -40.84
N GLY B 370 -24.34 -22.68 -40.10
CA GLY B 370 -24.72 -21.34 -40.49
C GLY B 370 -25.98 -20.80 -39.86
N PHE B 371 -26.57 -21.52 -38.90
CA PHE B 371 -27.74 -21.05 -38.17
C PHE B 371 -27.26 -20.62 -36.78
N MET B 372 -27.33 -19.32 -36.51
CA MET B 372 -26.77 -18.79 -35.27
C MET B 372 -27.45 -17.48 -34.93
N THR B 373 -27.20 -17.02 -33.70
CA THR B 373 -27.68 -15.73 -33.24
C THR B 373 -26.72 -14.63 -33.70
N LYS B 374 -27.18 -13.38 -33.57
CA LYS B 374 -26.44 -12.25 -34.12
C LYS B 374 -25.00 -12.21 -33.59
N ASP B 375 -24.81 -12.52 -32.30
CA ASP B 375 -23.48 -12.42 -31.72
C ASP B 375 -22.47 -13.29 -32.46
N LEU B 376 -22.85 -14.52 -32.80
CA LEU B 376 -21.93 -15.40 -33.52
C LEU B 376 -21.76 -14.97 -34.97
N ALA B 377 -22.78 -14.34 -35.56
CA ALA B 377 -22.63 -13.75 -36.89
C ALA B 377 -21.63 -12.61 -36.85
N ALA B 378 -21.61 -11.84 -35.75
CA ALA B 378 -20.66 -10.75 -35.61
C ALA B 378 -19.23 -11.25 -35.51
N CYS B 379 -19.03 -12.40 -34.85
CA CYS B 379 -17.70 -12.99 -34.81
C CYS B 379 -17.19 -13.30 -36.20
N ILE B 380 -18.08 -13.68 -37.13
CA ILE B 380 -17.65 -14.07 -38.47
C ILE B 380 -17.45 -12.84 -39.35
N LYS B 381 -18.49 -12.04 -39.50
CA LYS B 381 -18.51 -10.96 -40.47
C LYS B 381 -18.24 -9.59 -39.85
N GLY B 382 -18.08 -9.51 -38.53
CA GLY B 382 -17.93 -8.23 -37.89
C GLY B 382 -19.26 -7.53 -37.74
N LEU B 383 -19.53 -6.99 -36.55
CA LEU B 383 -20.84 -6.42 -36.27
C LEU B 383 -21.25 -5.34 -37.28
N PRO B 384 -20.37 -4.44 -37.72
CA PRO B 384 -20.81 -3.41 -38.69
C PRO B 384 -21.29 -3.98 -40.02
N ASN B 385 -21.02 -5.26 -40.30
CA ASN B 385 -21.38 -5.87 -41.57
C ASN B 385 -22.48 -6.92 -41.43
N VAL B 386 -23.02 -7.11 -40.23
CA VAL B 386 -24.04 -8.14 -40.03
C VAL B 386 -25.36 -7.66 -40.62
N GLN B 387 -25.98 -8.50 -41.43
CA GLN B 387 -27.30 -8.26 -42.01
C GLN B 387 -28.30 -9.24 -41.38
N ARG B 388 -29.59 -8.88 -41.49
CA ARG B 388 -30.62 -9.69 -40.83
C ARG B 388 -30.59 -11.13 -41.30
N SER B 389 -30.35 -11.34 -42.60
CA SER B 389 -30.32 -12.68 -43.16
C SER B 389 -29.20 -13.54 -42.59
N ASP B 390 -28.24 -12.94 -41.88
CA ASP B 390 -27.06 -13.65 -41.41
C ASP B 390 -27.28 -14.35 -40.07
N TYR B 391 -28.39 -14.11 -39.39
CA TYR B 391 -28.61 -14.70 -38.08
C TYR B 391 -30.09 -14.98 -37.87
N LEU B 392 -30.37 -15.77 -36.83
CA LEU B 392 -31.73 -16.08 -36.42
C LEU B 392 -32.00 -15.41 -35.08
N ASN B 393 -33.21 -14.89 -34.90
CA ASN B 393 -33.56 -14.32 -33.61
C ASN B 393 -33.66 -15.43 -32.56
N THR B 394 -33.81 -15.02 -31.30
CA THR B 394 -33.79 -15.97 -30.20
C THR B 394 -34.81 -17.09 -30.40
N PHE B 395 -36.02 -16.74 -30.85
CA PHE B 395 -37.07 -17.75 -31.00
C PHE B 395 -36.86 -18.60 -32.24
N GLU B 396 -36.32 -18.03 -33.31
CA GLU B 396 -36.03 -18.81 -34.50
C GLU B 396 -34.90 -19.81 -34.24
N PHE B 397 -33.89 -19.39 -33.46
CA PHE B 397 -32.76 -20.27 -33.20
C PHE B 397 -33.14 -21.44 -32.30
N MET B 398 -33.96 -21.17 -31.27
CA MET B 398 -34.42 -22.26 -30.41
C MET B 398 -35.21 -23.29 -31.21
N ASP B 399 -36.01 -22.84 -32.18
CA ASP B 399 -36.78 -23.78 -32.99
C ASP B 399 -35.87 -24.62 -33.88
N LYS B 400 -34.86 -24.00 -34.49
CA LYS B 400 -33.94 -24.76 -35.33
C LYS B 400 -33.21 -25.81 -34.52
N LEU B 401 -32.87 -25.49 -33.26
CA LEU B 401 -32.19 -26.46 -32.41
C LEU B 401 -33.11 -27.64 -32.09
N GLY B 402 -34.37 -27.37 -31.76
CA GLY B 402 -35.29 -28.44 -31.43
C GLY B 402 -35.59 -29.36 -32.59
N GLU B 403 -35.62 -28.80 -33.81
CA GLU B 403 -35.82 -29.63 -34.99
C GLU B 403 -34.60 -30.51 -35.26
N ASN B 404 -33.40 -29.95 -35.07
CA ASN B 404 -32.19 -30.76 -35.24
C ASN B 404 -32.06 -31.80 -34.14
N LEU B 405 -32.56 -31.51 -32.94
CA LEU B 405 -32.53 -32.49 -31.87
C LEU B 405 -33.50 -33.63 -32.15
N LYS B 406 -34.71 -33.32 -32.61
CA LYS B 406 -35.66 -34.37 -32.95
C LYS B 406 -35.10 -35.30 -34.03
N ILE B 407 -34.31 -34.76 -34.95
CA ILE B 407 -33.70 -35.58 -36.00
C ILE B 407 -32.52 -36.35 -35.46
N LYS B 408 -31.67 -35.69 -34.66
CA LYS B 408 -30.50 -36.37 -34.10
C LYS B 408 -30.92 -37.60 -33.31
N LEU B 409 -32.01 -37.47 -32.56
CA LEU B 409 -32.48 -38.54 -31.70
C LEU B 409 -33.20 -39.61 -32.49
N ALA B 410 -34.20 -39.21 -33.28
CA ALA B 410 -35.00 -40.18 -34.02
C ALA B 410 -34.10 -41.06 -34.88
N GLN B 411 -33.15 -40.44 -35.58
CA GLN B 411 -32.15 -41.21 -36.32
C GLN B 411 -31.45 -42.21 -35.40
N ALA B 412 -31.13 -41.79 -34.17
CA ALA B 412 -30.58 -42.72 -33.20
C ALA B 412 -31.57 -43.82 -32.87
N LYS B 413 -32.84 -43.46 -32.67
CA LYS B 413 -33.89 -44.43 -32.39
C LYS B 413 -33.54 -45.28 -31.17
N LYS C 3 1.56 -5.39 18.51
CA LYS C 3 2.17 -6.63 18.99
C LYS C 3 1.57 -7.09 20.32
N LYS C 4 2.30 -7.94 21.03
CA LYS C 4 1.78 -8.61 22.22
C LYS C 4 1.46 -7.64 23.35
N ILE C 5 2.48 -7.03 23.95
CA ILE C 5 2.27 -6.28 25.18
C ILE C 5 1.38 -5.08 24.92
N SER C 6 0.43 -4.86 25.82
CA SER C 6 -0.43 -3.67 25.78
C SER C 6 0.20 -2.61 26.66
N GLY C 7 0.65 -1.52 26.05
CA GLY C 7 1.40 -0.50 26.76
C GLY C 7 0.56 0.57 27.40
N GLY C 8 -0.61 0.85 26.82
CA GLY C 8 -1.49 1.88 27.33
C GLY C 8 -1.38 3.19 26.55
N SER C 9 -1.78 4.26 27.23
CA SER C 9 -1.91 5.57 26.60
C SER C 9 -0.59 6.34 26.70
N VAL C 10 -0.06 6.75 25.56
CA VAL C 10 1.23 7.43 25.49
C VAL C 10 1.13 8.56 24.46
N VAL C 11 1.75 9.70 24.77
CA VAL C 11 1.80 10.84 23.87
C VAL C 11 3.15 10.83 23.16
N GLU C 12 3.12 10.89 21.83
CA GLU C 12 4.32 10.84 21.01
C GLU C 12 4.48 12.14 20.25
N MET C 13 5.72 12.64 20.19
CA MET C 13 6.03 13.89 19.51
C MET C 13 7.16 13.65 18.52
N GLN C 14 6.81 13.65 17.23
CA GLN C 14 7.79 13.47 16.16
C GLN C 14 8.59 14.74 15.95
N GLY C 15 9.82 14.58 15.44
CA GLY C 15 10.76 15.67 15.36
C GLY C 15 11.28 15.96 13.96
N ASP C 16 12.58 16.26 13.85
CA ASP C 16 13.16 16.84 12.64
C ASP C 16 14.45 16.16 12.25
N GLU C 17 14.78 16.29 10.97
CA GLU C 17 16.09 15.95 10.38
C GLU C 17 16.48 14.54 10.79
N MET C 18 17.72 14.30 11.25
N MET C 18 17.72 14.30 11.25
CA MET C 18 18.18 12.93 11.43
CA MET C 18 18.18 12.93 11.43
C MET C 18 17.42 12.22 12.54
C MET C 18 17.42 12.22 12.54
N THR C 19 17.07 12.93 13.61
CA THR C 19 16.33 12.30 14.70
C THR C 19 14.93 11.88 14.24
N ARG C 20 14.36 12.60 13.27
CA ARG C 20 13.06 12.19 12.73
C ARG C 20 13.16 10.81 12.06
N ILE C 21 14.21 10.60 11.26
CA ILE C 21 14.39 9.31 10.61
C ILE C 21 14.62 8.21 11.64
N ILE C 22 15.51 8.48 12.61
CA ILE C 22 15.79 7.51 13.65
C ILE C 22 14.52 7.19 14.44
N TRP C 23 13.73 8.22 14.76
CA TRP C 23 12.50 8.03 15.51
C TRP C 23 11.62 6.97 14.88
N GLU C 24 11.48 7.00 13.55
CA GLU C 24 10.63 6.04 12.86
C GLU C 24 11.22 4.63 12.90
N LEU C 25 12.53 4.51 12.68
CA LEU C 25 13.18 3.22 12.83
C LEU C 25 12.91 2.62 14.20
N ILE C 26 13.02 3.45 15.25
CA ILE C 26 12.79 2.97 16.62
C ILE C 26 11.36 2.44 16.76
N LYS C 27 10.39 3.18 16.25
CA LYS C 27 9.00 2.76 16.37
C LYS C 27 8.75 1.48 15.57
N GLU C 28 9.24 1.45 14.32
CA GLU C 28 8.98 0.31 13.45
C GLU C 28 9.71 -0.94 13.92
N LYS C 29 10.93 -0.79 14.42
CA LYS C 29 11.81 -1.93 14.64
C LYS C 29 11.91 -2.36 16.10
N LEU C 30 11.60 -1.49 17.05
CA LEU C 30 11.81 -1.79 18.46
C LEU C 30 10.58 -1.67 19.33
N ILE C 31 9.58 -0.88 18.93
CA ILE C 31 8.42 -0.60 19.79
C ILE C 31 7.19 -1.33 19.29
N PHE C 32 6.71 -0.98 18.09
CA PHE C 32 5.48 -1.55 17.59
C PHE C 32 5.56 -3.07 17.38
N PRO C 33 6.69 -3.67 17.03
CA PRO C 33 6.73 -5.14 16.89
C PRO C 33 6.49 -5.88 18.20
N TYR C 34 6.48 -5.19 19.34
CA TYR C 34 6.34 -5.86 20.63
C TYR C 34 5.34 -5.21 21.58
N VAL C 35 4.89 -3.97 21.31
CA VAL C 35 4.02 -3.24 22.23
C VAL C 35 2.89 -2.61 21.43
N GLU C 36 1.65 -2.83 21.88
CA GLU C 36 0.49 -2.13 21.35
C GLU C 36 0.20 -0.92 22.24
N LEU C 37 -0.03 0.23 21.62
CA LEU C 37 -0.16 1.48 22.35
C LEU C 37 -1.39 2.25 21.89
N ASP C 38 -2.11 2.82 22.85
CA ASP C 38 -3.07 3.90 22.58
C ASP C 38 -2.23 5.16 22.36
N LEU C 39 -1.67 5.27 21.17
CA LEU C 39 -0.68 6.30 20.88
C LEU C 39 -1.36 7.60 20.50
N HIS C 40 -0.98 8.67 21.18
CA HIS C 40 -1.45 10.02 20.88
C HIS C 40 -0.27 10.74 20.22
N SER C 41 -0.28 10.78 18.89
CA SER C 41 0.84 11.28 18.11
C SER C 41 0.63 12.73 17.75
N TYR C 42 1.68 13.54 17.93
CA TYR C 42 1.70 14.94 17.51
C TYR C 42 2.97 15.16 16.71
N ASP C 43 2.83 15.66 15.49
CA ASP C 43 3.96 15.88 14.61
C ASP C 43 4.53 17.27 14.90
N LEU C 44 5.63 17.32 15.66
CA LEU C 44 6.32 18.56 15.93
C LEU C 44 7.44 18.81 14.93
N GLY C 45 7.38 18.20 13.75
CA GLY C 45 8.26 18.59 12.68
C GLY C 45 8.09 20.06 12.34
N ILE C 46 9.19 20.69 11.93
CA ILE C 46 9.15 22.13 11.69
C ILE C 46 8.08 22.49 10.67
N GLU C 47 7.82 21.60 9.70
CA GLU C 47 6.80 21.90 8.70
C GLU C 47 5.40 21.90 9.31
N ASN C 48 5.11 20.95 10.20
CA ASN C 48 3.77 20.86 10.76
C ASN C 48 3.54 21.92 11.83
N ARG C 49 4.58 22.32 12.57
CA ARG C 49 4.43 23.41 13.51
C ARG C 49 4.11 24.71 12.78
N ASP C 50 4.79 24.96 11.66
CA ASP C 50 4.50 26.15 10.87
C ASP C 50 3.08 26.09 10.30
N ALA C 51 2.64 24.91 9.87
CA ALA C 51 1.30 24.78 9.30
C ALA C 51 0.23 25.02 10.36
N THR C 52 0.45 24.54 11.58
CA THR C 52 -0.51 24.71 12.66
C THR C 52 -0.27 25.99 13.46
N ASN C 53 0.62 26.85 13.00
CA ASN C 53 0.99 28.07 13.72
C ASN C 53 1.47 27.75 15.13
N ASP C 54 2.18 26.62 15.28
CA ASP C 54 2.72 26.11 16.53
C ASP C 54 1.63 25.67 17.49
N GLN C 55 0.40 25.51 17.03
CA GLN C 55 -0.66 25.02 17.91
C GLN C 55 -0.45 23.55 18.26
N VAL C 56 0.14 22.76 17.36
CA VAL C 56 0.38 21.35 17.64
C VAL C 56 1.29 21.20 18.85
N THR C 57 2.19 22.16 19.07
CA THR C 57 3.08 22.09 20.22
C THR C 57 2.31 22.25 21.52
N LYS C 58 1.42 23.26 21.59
CA LYS C 58 0.59 23.42 22.77
C LYS C 58 -0.35 22.24 22.95
N ASP C 59 -0.90 21.72 21.86
CA ASP C 59 -1.78 20.56 21.95
C ASP C 59 -1.03 19.35 22.51
N ALA C 60 0.20 19.12 22.06
CA ALA C 60 0.98 18.00 22.58
C ALA C 60 1.23 18.16 24.07
N ALA C 61 1.55 19.38 24.52
CA ALA C 61 1.80 19.60 25.94
C ALA C 61 0.56 19.31 26.77
N GLU C 62 -0.62 19.72 26.30
CA GLU C 62 -1.84 19.45 27.04
C GLU C 62 -2.17 17.96 27.03
N ALA C 63 -1.79 17.26 25.96
CA ALA C 63 -2.01 15.81 25.94
C ALA C 63 -1.17 15.11 26.99
N ILE C 64 0.08 15.57 27.18
CA ILE C 64 0.92 14.99 28.22
C ILE C 64 0.29 15.18 29.59
N LYS C 65 -0.31 16.34 29.82
CA LYS C 65 -0.98 16.57 31.10
C LYS C 65 -2.13 15.59 31.29
N LYS C 66 -2.85 15.26 30.21
CA LYS C 66 -3.98 14.36 30.33
C LYS C 66 -3.54 12.92 30.52
N HIS C 67 -2.53 12.48 29.78
CA HIS C 67 -2.14 11.07 29.76
C HIS C 67 -0.92 10.75 30.61
N ASN C 68 -0.21 11.76 31.11
CA ASN C 68 0.85 11.64 32.10
C ASN C 68 2.15 11.07 31.56
N VAL C 69 2.21 10.70 30.28
CA VAL C 69 3.44 10.16 29.70
C VAL C 69 3.64 10.76 28.31
N GLY C 70 4.83 11.32 28.09
CA GLY C 70 5.19 11.83 26.79
C GLY C 70 6.60 11.43 26.39
N VAL C 71 6.82 11.16 25.11
CA VAL C 71 8.15 10.87 24.58
C VAL C 71 8.36 11.77 23.37
N LYS C 72 9.43 12.56 23.39
CA LYS C 72 9.63 13.62 22.42
C LYS C 72 10.92 13.40 21.62
N CYS C 73 10.78 13.52 20.31
CA CYS C 73 11.92 13.56 19.40
C CYS C 73 12.53 14.96 19.39
N ALA C 74 13.83 15.03 19.15
CA ALA C 74 14.48 16.33 19.05
C ALA C 74 13.88 17.13 17.90
N THR C 75 13.81 18.45 18.10
CA THR C 75 13.12 19.34 17.19
C THR C 75 14.00 20.54 16.85
N ILE C 76 13.77 21.11 15.67
CA ILE C 76 14.43 22.34 15.27
C ILE C 76 13.78 23.52 15.99
N THR C 77 14.61 24.34 16.64
CA THR C 77 14.18 25.66 17.08
C THR C 77 14.68 26.67 16.06
N PRO C 78 13.81 27.29 15.26
CA PRO C 78 14.30 28.05 14.10
C PRO C 78 14.78 29.45 14.44
N ASP C 79 15.87 29.85 13.80
CA ASP C 79 16.33 31.23 13.73
C ASP C 79 16.11 31.73 12.31
N GLU C 80 16.67 32.91 12.00
CA GLU C 80 16.47 33.50 10.67
C GLU C 80 16.88 32.53 9.57
N LYS C 81 17.99 31.81 9.76
CA LYS C 81 18.44 30.87 8.74
C LYS C 81 17.42 29.76 8.51
N ARG C 82 16.79 29.28 9.59
CA ARG C 82 15.78 28.24 9.44
C ARG C 82 14.50 28.78 8.80
N VAL C 83 14.20 30.07 9.01
CA VAL C 83 13.04 30.66 8.37
C VAL C 83 13.22 30.69 6.85
N GLU C 84 14.40 31.07 6.39
CA GLU C 84 14.66 31.05 4.95
C GLU C 84 14.70 29.62 4.43
N GLU C 85 15.25 28.68 5.22
CA GLU C 85 15.37 27.30 4.76
C GLU C 85 14.00 26.70 4.49
N PHE C 86 13.06 26.88 5.42
CA PHE C 86 11.75 26.24 5.34
C PHE C 86 10.65 27.21 4.96
N LYS C 87 10.98 28.45 4.61
CA LYS C 87 9.99 29.47 4.29
C LYS C 87 8.91 29.54 5.37
N LEU C 88 9.37 29.70 6.61
CA LEU C 88 8.48 29.71 7.75
C LEU C 88 7.71 31.03 7.84
N LYS C 89 6.57 30.97 8.53
CA LYS C 89 5.81 32.19 8.78
C LYS C 89 6.48 33.06 9.83
N GLN C 90 7.04 32.45 10.87
CA GLN C 90 7.68 33.18 11.95
C GLN C 90 8.82 32.35 12.52
N MET C 91 9.71 33.01 13.24
CA MET C 91 10.70 32.29 14.04
C MET C 91 10.02 31.69 15.25
N TRP C 92 9.43 30.50 15.10
CA TRP C 92 8.69 29.88 16.19
C TRP C 92 9.60 29.64 17.38
N LYS C 93 9.00 29.66 18.57
CA LYS C 93 9.73 29.40 19.80
C LYS C 93 10.03 27.92 19.94
N SER C 94 11.10 27.63 20.66
CA SER C 94 11.51 26.26 20.95
C SER C 94 10.31 25.46 21.47
N PRO C 95 9.97 24.34 20.85
CA PRO C 95 8.90 23.49 21.41
C PRO C 95 9.24 22.99 22.80
N ASN C 96 10.52 22.81 23.11
CA ASN C 96 10.90 22.35 24.44
C ASN C 96 10.56 23.38 25.49
N GLY C 97 10.90 24.65 25.24
CA GLY C 97 10.53 25.69 26.17
C GLY C 97 9.03 25.74 26.40
N THR C 98 8.27 25.66 25.31
CA THR C 98 6.80 25.71 25.43
C THR C 98 6.29 24.57 26.29
N ILE C 99 6.74 23.34 26.00
CA ILE C 99 6.28 22.19 26.76
C ILE C 99 6.74 22.28 28.20
N ARG C 100 8.01 22.62 28.42
CA ARG C 100 8.56 22.60 29.78
C ARG C 100 7.88 23.63 30.67
N ASN C 101 7.55 24.81 30.13
CA ASN C 101 6.91 25.84 30.93
C ASN C 101 5.43 25.59 31.15
N ILE C 102 4.79 24.81 30.27
CA ILE C 102 3.42 24.39 30.52
C ILE C 102 3.40 23.32 31.62
N LEU C 103 4.33 22.37 31.56
CA LEU C 103 4.32 21.26 32.50
C LEU C 103 5.02 21.62 33.81
N GLY C 104 6.10 22.39 33.73
CA GLY C 104 6.88 22.70 34.91
C GLY C 104 7.69 21.51 35.36
N GLY C 105 8.39 21.71 36.48
CA GLY C 105 9.12 20.63 37.11
C GLY C 105 10.62 20.69 36.89
N THR C 106 11.26 19.52 36.91
CA THR C 106 12.71 19.39 36.81
C THR C 106 13.04 18.36 35.76
N VAL C 107 14.03 18.67 34.91
CA VAL C 107 14.47 17.77 33.86
C VAL C 107 15.74 17.09 34.34
N PHE C 108 15.64 15.80 34.64
CA PHE C 108 16.78 15.04 35.14
C PHE C 108 17.52 14.39 33.98
N ARG C 109 18.83 14.61 33.94
CA ARG C 109 19.66 14.13 32.84
C ARG C 109 20.86 13.40 33.41
N GLU C 110 21.19 12.29 32.76
CA GLU C 110 22.25 11.41 33.22
C GLU C 110 22.82 10.65 32.04
N ALA C 111 24.13 10.40 32.08
CA ALA C 111 24.77 9.66 31.01
C ALA C 111 24.30 8.21 31.00
N ILE C 112 24.34 7.61 29.82
CA ILE C 112 24.13 6.17 29.64
C ILE C 112 25.51 5.55 29.45
N ILE C 113 25.88 4.64 30.35
CA ILE C 113 27.25 4.19 30.50
C ILE C 113 27.39 2.76 29.97
N CYS C 114 28.42 2.55 29.16
CA CYS C 114 28.83 1.23 28.70
C CYS C 114 30.25 0.98 29.18
N LYS C 115 30.52 -0.25 29.62
CA LYS C 115 31.79 -0.56 30.25
C LYS C 115 32.97 -0.47 29.30
N ASN C 116 32.72 -0.48 27.99
CA ASN C 116 33.79 -0.52 26.99
C ASN C 116 34.04 0.84 26.33
N ILE C 117 33.42 1.91 26.83
CA ILE C 117 33.49 3.22 26.19
C ILE C 117 34.37 4.13 27.05
N PRO C 118 35.61 4.40 26.63
CA PRO C 118 36.44 5.33 27.40
C PRO C 118 35.79 6.71 27.48
N ARG C 119 35.98 7.36 28.63
CA ARG C 119 35.47 8.71 28.86
C ARG C 119 36.51 9.73 28.41
N LEU C 120 36.05 10.97 28.25
CA LEU C 120 36.97 12.08 28.07
C LEU C 120 37.50 12.57 29.41
N VAL C 121 36.70 12.48 30.46
CA VAL C 121 37.08 12.88 31.81
C VAL C 121 37.43 11.61 32.59
N SER C 122 38.71 11.48 32.98
CA SER C 122 39.20 10.22 33.51
C SER C 122 38.57 9.86 34.85
N GLY C 123 38.24 10.86 35.68
CA GLY C 123 37.83 10.59 37.04
C GLY C 123 36.40 10.14 37.23
N TRP C 124 35.53 10.32 36.23
CA TRP C 124 34.10 10.13 36.40
C TRP C 124 33.76 8.64 36.42
N VAL C 125 34.06 8.00 37.56
CA VAL C 125 33.74 6.58 37.74
C VAL C 125 32.33 6.36 38.27
N LYS C 126 31.65 7.40 38.74
CA LYS C 126 30.28 7.33 39.21
C LYS C 126 29.42 8.31 38.45
N PRO C 127 28.11 8.09 38.38
CA PRO C 127 27.26 8.93 37.54
C PRO C 127 27.10 10.33 38.13
N ILE C 128 26.89 11.29 37.23
CA ILE C 128 26.51 12.64 37.57
C ILE C 128 25.10 12.86 37.05
N ILE C 129 24.19 13.29 37.92
CA ILE C 129 22.80 13.51 37.55
C ILE C 129 22.51 15.00 37.68
N ILE C 130 22.18 15.64 36.56
CA ILE C 130 21.79 17.05 36.57
C ILE C 130 20.28 17.13 36.73
N GLY C 131 19.85 17.95 37.69
CA GLY C 131 18.46 18.33 37.81
C GLY C 131 18.28 19.72 37.24
N CYS C 132 17.76 19.81 36.02
CA CYS C 132 17.62 21.08 35.33
C CYS C 132 16.25 21.67 35.62
N HIS C 133 16.21 22.83 36.27
CA HIS C 133 14.96 23.56 36.42
C HIS C 133 14.34 23.81 35.05
N ALA C 134 13.10 23.37 34.87
CA ALA C 134 12.45 23.40 33.56
C ALA C 134 11.77 24.71 33.23
N TYR C 135 11.57 25.59 34.21
CA TYR C 135 10.68 26.72 34.07
C TYR C 135 11.44 28.04 34.08
N GLY C 136 10.96 28.98 33.26
CA GLY C 136 11.41 30.35 33.35
C GLY C 136 12.77 30.62 32.72
N ASP C 137 13.33 31.76 33.12
CA ASP C 137 14.69 32.17 32.70
C ASP C 137 14.68 32.35 31.18
N GLN C 138 15.73 31.93 30.49
CA GLN C 138 15.93 32.32 29.09
C GLN C 138 14.83 31.82 28.18
N TYR C 139 14.26 30.64 28.46
CA TYR C 139 13.22 30.09 27.59
C TYR C 139 11.90 30.84 27.68
N ARG C 140 11.78 31.79 28.62
CA ARG C 140 10.60 32.64 28.70
C ARG C 140 10.98 34.11 28.65
N ALA C 141 12.18 34.43 28.19
CA ALA C 141 12.66 35.79 28.23
C ALA C 141 11.99 36.64 27.14
N THR C 142 12.01 37.94 27.36
CA THR C 142 11.58 38.92 26.37
C THR C 142 12.82 39.72 25.99
N ASP C 143 13.34 39.46 24.79
CA ASP C 143 14.54 40.13 24.31
C ASP C 143 14.20 40.91 23.05
N PHE C 144 14.94 41.99 22.82
CA PHE C 144 14.66 42.84 21.66
C PHE C 144 15.90 43.62 21.30
N VAL C 145 15.91 44.10 20.06
CA VAL C 145 16.97 44.98 19.59
C VAL C 145 16.64 46.40 20.00
N VAL C 146 17.66 47.14 20.42
CA VAL C 146 17.54 48.56 20.74
C VAL C 146 18.05 49.33 19.52
N PRO C 147 17.18 50.01 18.77
CA PRO C 147 17.61 50.54 17.45
C PRO C 147 18.50 51.76 17.53
N GLY C 148 18.51 52.48 18.64
CA GLY C 148 19.29 53.69 18.75
C GLY C 148 19.25 54.23 20.16
N PRO C 149 19.83 55.43 20.35
CA PRO C 149 19.89 56.00 21.70
C PRO C 149 18.51 56.07 22.34
N GLY C 150 18.51 55.91 23.66
CA GLY C 150 17.26 55.83 24.40
C GLY C 150 17.47 55.06 25.69
N LYS C 151 16.42 55.04 26.49
CA LYS C 151 16.48 54.45 27.82
C LYS C 151 15.62 53.18 27.87
N VAL C 152 16.17 52.13 28.47
CA VAL C 152 15.44 50.90 28.71
C VAL C 152 15.17 50.81 30.21
N GLU C 153 13.90 50.60 30.55
CA GLU C 153 13.48 50.53 31.95
C GLU C 153 12.68 49.25 32.15
N ILE C 154 12.76 48.71 33.37
CA ILE C 154 11.95 47.58 33.77
C ILE C 154 11.15 48.01 34.99
N THR C 155 9.85 47.73 34.97
N THR C 155 9.85 47.73 34.97
CA THR C 155 8.92 48.22 35.99
CA THR C 155 8.93 48.23 35.99
C THR C 155 8.16 47.05 36.59
C THR C 155 8.12 47.08 36.58
N TYR C 156 7.90 47.13 37.89
CA TYR C 156 7.04 46.20 38.59
C TYR C 156 5.86 46.95 39.19
N THR C 157 4.67 46.41 38.98
CA THR C 157 3.43 47.04 39.47
C THR C 157 2.63 45.99 40.24
N PRO C 158 2.54 46.08 41.56
CA PRO C 158 1.70 45.14 42.31
C PRO C 158 0.26 45.18 41.83
N SER C 159 -0.37 44.00 41.80
CA SER C 159 -1.73 43.91 41.31
C SER C 159 -2.69 44.79 42.11
N ASP C 160 -2.41 45.02 43.39
CA ASP C 160 -3.23 45.94 44.17
C ASP C 160 -3.02 47.40 43.75
N GLY C 161 -2.11 47.68 42.83
CA GLY C 161 -1.98 49.01 42.26
C GLY C 161 -1.65 50.12 43.23
N THR C 162 -1.24 49.76 44.44
CA THR C 162 -0.89 50.75 45.45
C THR C 162 0.53 51.29 45.29
N GLN C 163 1.33 50.70 44.41
CA GLN C 163 2.77 50.95 44.38
C GLN C 163 3.27 50.72 42.96
N LYS C 164 4.50 51.15 42.71
CA LYS C 164 5.14 50.93 41.42
C LYS C 164 6.64 51.18 41.58
N VAL C 165 7.45 50.27 41.05
CA VAL C 165 8.90 50.40 41.08
C VAL C 165 9.42 50.36 39.66
N THR C 166 10.16 51.38 39.26
CA THR C 166 10.81 51.45 37.96
C THR C 166 12.31 51.42 38.15
N TYR C 167 12.98 50.48 37.48
CA TYR C 167 14.43 50.35 37.51
C TYR C 167 15.01 50.75 36.16
N LEU C 168 16.10 51.52 36.18
CA LEU C 168 16.83 51.83 34.97
C LEU C 168 17.67 50.62 34.56
N VAL C 169 17.43 50.08 33.37
CA VAL C 169 18.31 49.02 32.88
C VAL C 169 19.55 49.63 32.23
N HIS C 170 19.36 50.58 31.33
CA HIS C 170 20.48 51.24 30.69
C HIS C 170 20.00 52.45 29.90
N ASN C 171 20.81 53.49 29.89
CA ASN C 171 20.64 54.61 28.98
C ASN C 171 21.61 54.43 27.82
N PHE C 172 21.06 54.11 26.65
CA PHE C 172 21.86 54.06 25.43
C PHE C 172 22.10 55.48 24.96
N GLU C 173 23.33 55.97 25.13
CA GLU C 173 23.67 57.33 24.72
C GLU C 173 24.29 57.40 23.34
N GLU C 174 25.00 56.35 22.92
CA GLU C 174 25.66 56.30 21.63
C GLU C 174 25.27 55.00 20.94
N GLY C 175 24.39 55.10 19.95
CA GLY C 175 23.99 53.93 19.19
C GLY C 175 22.97 53.08 19.92
N GLY C 176 22.83 51.85 19.44
CA GLY C 176 21.87 50.92 20.00
C GLY C 176 22.51 49.66 20.52
N GLY C 177 21.73 48.59 20.59
CA GLY C 177 22.22 47.33 21.10
C GLY C 177 21.10 46.33 21.28
N VAL C 178 21.08 45.69 22.45
CA VAL C 178 20.06 44.71 22.78
C VAL C 178 19.72 44.81 24.26
N ALA C 179 18.52 44.36 24.60
CA ALA C 179 18.07 44.32 25.98
C ALA C 179 17.10 43.17 26.13
N MET C 180 16.93 42.72 27.36
CA MET C 180 16.04 41.59 27.61
C MET C 180 15.53 41.63 29.03
N GLY C 181 14.31 41.12 29.21
CA GLY C 181 13.77 40.86 30.53
C GLY C 181 13.56 39.37 30.69
N MET C 182 13.58 38.93 31.95
CA MET C 182 13.60 37.53 32.33
C MET C 182 13.04 37.42 33.74
N TYR C 183 12.43 36.27 34.05
CA TYR C 183 11.77 36.09 35.35
C TYR C 183 11.78 34.63 35.75
N ASN C 184 11.47 34.40 37.03
CA ASN C 184 11.11 33.06 37.51
C ASN C 184 10.14 33.25 38.66
N GLN C 185 9.60 32.12 39.14
N GLN C 185 9.57 32.12 39.12
CA GLN C 185 8.49 32.10 40.08
CA GLN C 185 8.49 32.13 40.10
C GLN C 185 8.89 31.36 41.36
C GLN C 185 8.91 31.37 41.36
N ASP C 186 8.50 31.91 42.51
CA ASP C 186 8.84 31.28 43.79
C ASP C 186 8.36 29.84 43.87
N LYS C 187 7.09 29.60 43.50
CA LYS C 187 6.54 28.26 43.62
C LYS C 187 7.31 27.27 42.75
N SER C 188 7.68 27.69 41.54
CA SER C 188 8.45 26.81 40.67
C SER C 188 9.83 26.52 41.26
N ILE C 189 10.46 27.53 41.86
CA ILE C 189 11.76 27.33 42.48
C ILE C 189 11.65 26.38 43.67
N GLU C 190 10.54 26.47 44.41
CA GLU C 190 10.33 25.57 45.54
C GLU C 190 10.13 24.14 45.07
N ASP C 191 9.30 23.94 44.04
CA ASP C 191 9.18 22.61 43.45
C ASP C 191 10.53 22.09 43.00
N PHE C 192 11.32 22.95 42.36
CA PHE C 192 12.66 22.56 41.91
C PHE C 192 13.52 22.13 43.10
N ALA C 193 13.46 22.87 44.21
CA ALA C 193 14.23 22.50 45.38
C ALA C 193 13.80 21.13 45.90
N HIS C 194 12.50 20.93 46.10
CA HIS C 194 12.02 19.67 46.64
C HIS C 194 12.44 18.50 45.76
N SER C 195 12.24 18.61 44.45
CA SER C 195 12.58 17.51 43.55
C SER C 195 14.07 17.22 43.59
N SER C 196 14.90 18.25 43.82
CA SER C 196 16.34 18.04 43.91
C SER C 196 16.71 17.29 45.19
N PHE C 197 16.22 17.78 46.34
CA PHE C 197 16.53 17.11 47.60
C PHE C 197 16.07 15.66 47.57
N GLN C 198 14.87 15.42 47.03
CA GLN C 198 14.32 14.06 47.02
C GLN C 198 15.12 13.15 46.10
N MET C 199 15.61 13.69 44.97
CA MET C 199 16.45 12.87 44.09
C MET C 199 17.75 12.49 44.80
N ALA C 200 18.37 13.44 45.50
CA ALA C 200 19.61 13.14 46.21
C ALA C 200 19.38 12.08 47.28
N LEU C 201 18.26 12.15 47.98
CA LEU C 201 17.98 11.17 49.02
C LEU C 201 17.68 9.81 48.43
N SER C 202 16.93 9.76 47.33
CA SER C 202 16.61 8.48 46.71
C SER C 202 17.86 7.79 46.20
N LYS C 203 18.84 8.56 45.70
CA LYS C 203 20.09 7.99 45.21
C LYS C 203 21.13 7.82 46.30
N GLY C 204 20.99 8.50 47.43
CA GLY C 204 22.01 8.44 48.46
C GLY C 204 23.27 9.19 48.12
N TRP C 205 23.17 10.26 47.33
CA TRP C 205 24.30 11.07 46.94
C TRP C 205 24.09 12.51 47.39
N PRO C 206 25.17 13.26 47.60
CA PRO C 206 25.02 14.67 47.98
C PRO C 206 24.44 15.48 46.83
N LEU C 207 23.98 16.68 47.19
CA LEU C 207 23.33 17.59 46.25
C LEU C 207 24.11 18.90 46.22
N TYR C 208 24.38 19.40 45.02
CA TYR C 208 24.98 20.71 44.83
C TYR C 208 24.05 21.58 43.98
N LEU C 209 23.88 22.82 44.38
CA LEU C 209 23.16 23.83 43.62
C LEU C 209 24.16 24.87 43.13
N SER C 210 24.10 25.20 41.84
CA SER C 210 24.97 26.19 41.25
C SER C 210 24.17 27.44 40.90
N THR C 211 24.72 28.60 41.27
CA THR C 211 24.16 29.87 40.84
C THR C 211 25.32 30.84 40.66
N LYS C 212 24.97 32.07 40.31
CA LYS C 212 25.95 33.16 40.28
C LYS C 212 25.45 34.29 41.19
N ASN C 213 25.07 33.94 42.43
CA ASN C 213 24.40 34.90 43.30
C ASN C 213 25.30 36.05 43.71
N THR C 214 26.62 35.92 43.58
CA THR C 214 27.49 37.07 43.85
C THR C 214 27.29 38.19 42.83
N ILE C 215 26.81 37.84 41.63
CA ILE C 215 26.55 38.81 40.57
C ILE C 215 25.07 39.15 40.48
N LEU C 216 24.22 38.12 40.37
CA LEU C 216 22.77 38.31 40.42
C LEU C 216 22.33 38.09 41.87
N LYS C 217 22.61 39.11 42.69
CA LYS C 217 22.42 38.97 44.12
C LYS C 217 20.96 38.74 44.49
N LYS C 218 20.03 39.30 43.73
CA LYS C 218 18.60 39.15 44.02
C LYS C 218 18.02 37.96 43.27
N TYR C 219 18.33 37.83 41.98
CA TYR C 219 17.75 36.78 41.15
C TYR C 219 18.23 35.41 41.57
N ASP C 220 19.55 35.22 41.60
CA ASP C 220 20.11 33.93 41.99
C ASP C 220 20.10 33.75 43.50
N GLY C 221 20.13 34.86 44.26
CA GLY C 221 20.00 34.76 45.69
C GLY C 221 18.69 34.11 46.11
N ARG C 222 17.61 34.37 45.36
CA ARG C 222 16.34 33.74 45.64
C ARG C 222 16.44 32.22 45.55
N PHE C 223 17.04 31.71 44.46
CA PHE C 223 17.28 30.28 44.35
C PHE C 223 18.06 29.77 45.55
N LYS C 224 19.19 30.43 45.85
CA LYS C 224 20.04 30.01 46.96
C LYS C 224 19.26 30.00 48.27
N ASP C 225 18.49 31.07 48.55
CA ASP C 225 17.77 31.15 49.81
C ASP C 225 16.67 30.11 49.92
N ILE C 226 15.94 29.86 48.82
CA ILE C 226 14.83 28.93 48.87
C ILE C 226 15.36 27.51 49.09
N PHE C 227 16.40 27.12 48.37
CA PHE C 227 17.00 25.80 48.59
C PHE C 227 17.47 25.63 50.02
N GLN C 228 18.08 26.67 50.59
CA GLN C 228 18.69 26.52 51.90
C GLN C 228 17.64 26.40 53.00
N GLU C 229 16.56 27.20 52.92
CA GLU C 229 15.55 27.12 53.96
C GLU C 229 14.76 25.83 53.87
N ILE C 230 14.42 25.39 52.65
CA ILE C 230 13.76 24.10 52.51
C ILE C 230 14.67 22.99 53.05
N TYR C 231 15.97 23.09 52.79
CA TYR C 231 16.90 22.11 53.30
C TYR C 231 16.90 22.09 54.82
N ASP C 232 17.09 23.26 55.44
CA ASP C 232 17.18 23.32 56.90
C ASP C 232 15.89 22.82 57.55
N LYS C 233 14.74 23.14 56.95
CA LYS C 233 13.47 22.83 57.60
C LYS C 233 13.02 21.40 57.34
N GLN C 234 13.33 20.83 56.17
CA GLN C 234 12.65 19.62 55.73
C GLN C 234 13.54 18.47 55.30
N TYR C 235 14.84 18.67 55.12
CA TYR C 235 15.68 17.60 54.59
C TYR C 235 17.03 17.41 55.28
N LYS C 236 17.49 18.36 56.09
CA LYS C 236 18.84 18.25 56.64
C LYS C 236 19.00 16.97 57.47
N SER C 237 18.04 16.70 58.35
CA SER C 237 18.14 15.51 59.19
C SER C 237 18.22 14.25 58.32
N GLN C 238 17.45 14.20 57.24
CA GLN C 238 17.46 13.03 56.38
C GLN C 238 18.79 12.89 55.64
N PHE C 239 19.31 14.01 55.13
CA PHE C 239 20.63 13.98 54.49
C PHE C 239 21.69 13.47 55.47
N GLU C 240 21.73 14.05 56.67
CA GLU C 240 22.70 13.62 57.67
C GLU C 240 22.49 12.17 58.05
N ALA C 241 21.24 11.69 58.04
CA ALA C 241 20.99 10.29 58.35
C ALA C 241 21.59 9.37 57.30
N GLN C 242 21.65 9.81 56.05
CA GLN C 242 22.29 9.04 54.98
C GLN C 242 23.73 9.45 54.76
N LYS C 243 24.28 10.31 55.61
CA LYS C 243 25.68 10.73 55.51
C LYS C 243 25.94 11.44 54.16
N ILE C 244 24.94 12.18 53.69
CA ILE C 244 25.10 13.04 52.52
C ILE C 244 24.95 14.48 52.97
N TRP C 245 25.06 15.42 52.03
CA TRP C 245 25.05 16.83 52.36
C TRP C 245 24.51 17.63 51.19
N TYR C 246 24.11 18.86 51.48
CA TYR C 246 23.72 19.83 50.47
C TYR C 246 24.63 21.05 50.56
N GLU C 247 25.08 21.54 49.41
N GLU C 247 25.08 21.54 49.42
CA GLU C 247 25.98 22.69 49.37
CA GLU C 247 25.97 22.70 49.39
C GLU C 247 25.67 23.53 48.14
C GLU C 247 25.69 23.54 48.16
N HIS C 248 25.66 24.85 48.34
CA HIS C 248 25.57 25.78 47.24
C HIS C 248 26.97 26.16 46.80
N ARG C 249 27.17 26.21 45.49
CA ARG C 249 28.45 26.60 44.90
C ARG C 249 28.20 27.60 43.79
N LEU C 250 29.15 28.51 43.61
CA LEU C 250 29.10 29.37 42.42
C LEU C 250 29.33 28.52 41.18
N ILE C 251 28.58 28.82 40.11
CA ILE C 251 28.61 28.00 38.91
C ILE C 251 30.05 27.78 38.43
N ASP C 252 30.87 28.83 38.50
CA ASP C 252 32.31 28.74 38.26
C ASP C 252 32.91 27.49 38.91
N ASP C 253 32.89 27.54 40.24
CA ASP C 253 33.53 26.51 41.04
C ASP C 253 32.88 25.16 40.82
N MET C 254 31.56 25.14 40.62
CA MET C 254 30.85 23.87 40.46
C MET C 254 31.34 23.13 39.21
N VAL C 255 31.41 23.82 38.08
CA VAL C 255 31.88 23.19 36.85
C VAL C 255 33.29 22.63 37.06
N ALA C 256 34.16 23.43 37.66
CA ALA C 256 35.53 22.96 37.90
C ALA C 256 35.54 21.79 38.88
N GLN C 257 34.74 21.86 39.94
CA GLN C 257 34.71 20.77 40.91
C GLN C 257 34.17 19.49 40.26
N ALA C 258 33.08 19.62 39.49
CA ALA C 258 32.53 18.44 38.82
C ALA C 258 33.57 17.78 37.94
N MET C 259 34.36 18.57 37.21
CA MET C 259 35.26 17.98 36.23
C MET C 259 36.36 17.17 36.87
N LYS C 260 36.87 17.61 38.03
CA LYS C 260 37.91 16.88 38.73
C LYS C 260 37.36 15.89 39.73
N SER C 261 36.03 15.79 39.86
CA SER C 261 35.44 14.90 40.85
C SER C 261 35.45 13.45 40.33
N GLU C 262 35.00 12.55 41.19
CA GLU C 262 34.76 11.17 40.81
C GLU C 262 33.32 10.95 40.36
N GLY C 263 32.50 12.00 40.36
CA GLY C 263 31.08 11.84 40.12
C GLY C 263 30.37 11.36 41.36
N GLY C 264 29.12 10.94 41.17
CA GLY C 264 28.32 10.45 42.27
C GLY C 264 27.64 11.54 43.07
N PHE C 265 27.04 12.50 42.38
CA PHE C 265 26.28 13.55 43.05
C PHE C 265 25.15 14.02 42.14
N ILE C 266 24.20 14.71 42.76
CA ILE C 266 23.12 15.38 42.05
C ILE C 266 23.52 16.84 41.89
N TRP C 267 23.29 17.39 40.71
CA TRP C 267 23.72 18.75 40.35
C TRP C 267 22.47 19.52 39.92
N ALA C 268 21.93 20.32 40.84
CA ALA C 268 20.76 21.15 40.55
C ALA C 268 21.21 22.39 39.77
N CYS C 269 20.61 22.59 38.59
CA CYS C 269 21.00 23.67 37.71
C CYS C 269 19.80 24.56 37.39
N LYS C 270 20.03 25.87 37.41
CA LYS C 270 19.11 26.76 36.72
C LYS C 270 18.99 26.33 35.27
N ASN C 271 17.88 26.73 34.64
CA ASN C 271 17.53 26.26 33.30
C ASN C 271 18.71 26.37 32.33
N TYR C 272 19.29 27.57 32.21
CA TYR C 272 20.34 27.77 31.22
C TYR C 272 21.53 26.87 31.48
N ASP C 273 22.00 26.83 32.73
CA ASP C 273 23.17 26.03 33.07
C ASP C 273 22.90 24.54 32.87
N GLY C 274 21.69 24.09 33.22
CA GLY C 274 21.36 22.70 32.98
C GLY C 274 21.39 22.35 31.51
N ASP C 275 20.86 23.26 30.68
CA ASP C 275 20.91 23.07 29.23
C ASP C 275 22.35 22.87 28.76
N VAL C 276 23.26 23.75 29.17
CA VAL C 276 24.62 23.70 28.65
C VAL C 276 25.43 22.60 29.34
N GLN C 277 25.34 22.51 30.66
CA GLN C 277 26.22 21.59 31.39
C GLN C 277 25.82 20.14 31.22
N SER C 278 24.56 19.85 30.84
CA SER C 278 24.20 18.48 30.51
C SER C 278 24.91 18.00 29.25
N ASP C 279 25.24 18.91 28.33
CA ASP C 279 26.06 18.53 27.18
C ASP C 279 27.51 18.36 27.59
N PHE C 280 28.00 19.22 28.48
CA PHE C 280 29.31 19.01 29.11
C PHE C 280 29.39 17.62 29.74
N VAL C 281 28.38 17.26 30.52
CA VAL C 281 28.38 15.94 31.17
C VAL C 281 28.30 14.83 30.11
N ALA C 282 27.33 14.93 29.21
CA ALA C 282 27.12 13.86 28.24
C ALA C 282 28.38 13.59 27.43
N GLN C 283 29.00 14.65 26.92
CA GLN C 283 30.20 14.46 26.11
C GLN C 283 31.36 13.95 26.95
N GLY C 284 31.44 14.36 28.22
CA GLY C 284 32.53 13.90 29.07
C GLY C 284 32.52 12.40 29.27
N TYR C 285 31.33 11.82 29.42
CA TYR C 285 31.23 10.38 29.58
C TYR C 285 31.43 9.63 28.26
N GLY C 286 31.10 10.26 27.13
CA GLY C 286 31.27 9.59 25.85
C GLY C 286 30.69 10.30 24.65
N SER C 287 29.39 10.59 24.68
CA SER C 287 28.75 11.13 23.49
C SER C 287 27.42 11.77 23.88
N LEU C 288 27.05 12.82 23.13
CA LEU C 288 25.73 13.41 23.29
C LEU C 288 24.61 12.43 23.00
N GLY C 289 24.90 11.35 22.27
CA GLY C 289 23.90 10.33 22.02
C GLY C 289 23.65 9.38 23.16
N MET C 290 24.39 9.51 24.25
CA MET C 290 24.34 8.56 25.37
C MET C 290 23.94 9.30 26.64
N MET C 291 22.69 9.76 26.68
CA MET C 291 22.19 10.47 27.84
C MET C 291 20.67 10.37 27.89
N THR C 292 20.13 10.23 29.09
CA THR C 292 18.70 10.25 29.33
C THR C 292 18.27 11.64 29.78
N SER C 293 17.03 11.99 29.45
CA SER C 293 16.47 13.29 29.84
C SER C 293 14.99 13.10 30.08
N VAL C 294 14.56 13.24 31.33
CA VAL C 294 13.17 13.06 31.72
C VAL C 294 12.72 14.26 32.53
N LEU C 295 11.76 15.02 32.00
CA LEU C 295 11.08 16.04 32.79
C LEU C 295 10.11 15.35 33.73
N VAL C 296 10.27 15.59 35.04
CA VAL C 296 9.38 15.04 36.05
C VAL C 296 8.56 16.18 36.62
N CYS C 297 7.25 16.13 36.39
N CYS C 297 7.25 16.12 36.39
CA CYS C 297 6.40 17.20 36.89
CA CYS C 297 6.33 17.13 36.90
C CYS C 297 6.34 17.17 38.42
C CYS C 297 6.35 17.15 38.43
N PRO C 298 6.08 18.31 39.05
CA PRO C 298 6.08 18.35 40.53
C PRO C 298 5.23 17.28 41.19
N ASP C 299 4.06 16.97 40.65
CA ASP C 299 3.21 15.95 41.25
C ASP C 299 3.81 14.54 41.14
N GLY C 300 4.90 14.38 40.40
CA GLY C 300 5.50 13.07 40.20
C GLY C 300 4.70 12.12 39.35
N LYS C 301 3.49 12.49 38.94
CA LYS C 301 2.65 11.61 38.14
C LYS C 301 2.88 11.75 36.65
N THR C 302 3.30 12.92 36.19
CA THR C 302 3.50 13.19 34.77
C THR C 302 4.98 13.32 34.46
N VAL C 303 5.39 12.77 33.31
CA VAL C 303 6.78 12.84 32.87
C VAL C 303 6.83 13.05 31.36
N GLU C 304 7.88 13.72 30.90
CA GLU C 304 8.16 13.88 29.48
C GLU C 304 9.60 13.46 29.24
N ALA C 305 9.79 12.31 28.62
CA ALA C 305 11.13 11.84 28.27
C ALA C 305 11.47 12.30 26.86
N GLU C 306 12.76 12.53 26.63
CA GLU C 306 13.21 13.16 25.39
C GLU C 306 14.66 12.78 25.14
N ALA C 307 15.12 13.05 23.92
CA ALA C 307 16.54 13.14 23.62
C ALA C 307 16.99 14.56 23.92
N ALA C 308 17.98 14.71 24.80
CA ALA C 308 18.46 16.02 25.17
C ALA C 308 19.24 16.68 24.04
N HIS C 309 19.88 15.89 23.19
CA HIS C 309 20.65 16.43 22.08
C HIS C 309 19.71 16.93 20.98
N GLY C 310 20.30 17.54 19.97
CA GLY C 310 19.55 18.14 18.88
C GLY C 310 19.20 17.15 17.79
N THR C 311 18.80 17.70 16.64
CA THR C 311 18.40 16.93 15.47
C THR C 311 19.59 16.46 14.63
N VAL C 312 20.81 16.83 15.01
CA VAL C 312 22.03 16.33 14.39
C VAL C 312 22.07 16.80 12.94
N THR C 313 21.92 18.11 12.75
CA THR C 313 21.81 18.66 11.40
C THR C 313 23.00 18.29 10.54
N ARG C 314 24.22 18.37 11.08
CA ARG C 314 25.41 18.12 10.27
C ARG C 314 25.39 16.71 9.69
N HIS C 315 24.87 15.73 10.44
CA HIS C 315 24.72 14.39 9.88
C HIS C 315 23.63 14.36 8.82
N TYR C 316 22.52 15.08 9.06
CA TYR C 316 21.42 15.09 8.10
C TYR C 316 21.86 15.67 6.76
N ARG C 317 22.76 16.66 6.80
CA ARG C 317 23.26 17.23 5.54
C ARG C 317 24.02 16.18 4.74
N MET C 318 24.79 15.33 5.44
CA MET C 318 25.45 14.22 4.75
C MET C 318 24.42 13.22 4.23
N TYR C 319 23.41 12.91 5.03
CA TYR C 319 22.38 11.96 4.60
C TYR C 319 21.61 12.49 3.40
N GLN C 320 21.32 13.79 3.37
CA GLN C 320 20.65 14.36 2.21
C GLN C 320 21.47 14.14 0.95
N LYS C 321 22.79 14.31 1.04
CA LYS C 321 23.67 13.87 -0.01
C LYS C 321 23.65 12.33 -0.06
N GLY C 322 24.47 11.76 -0.93
CA GLY C 322 24.50 10.32 -1.05
C GLY C 322 25.42 9.65 -0.05
N GLN C 323 25.68 10.32 1.06
CA GLN C 323 26.73 9.90 1.99
C GLN C 323 26.15 9.06 3.13
N GLU C 324 26.90 8.05 3.54
CA GLU C 324 26.50 7.19 4.64
C GLU C 324 26.66 7.93 5.97
N THR C 325 25.78 7.62 6.92
CA THR C 325 25.78 8.27 8.22
C THR C 325 25.80 7.22 9.32
N SER C 326 26.36 7.61 10.46
CA SER C 326 26.40 6.77 11.65
C SER C 326 26.01 7.67 12.82
N THR C 327 24.71 7.76 13.08
CA THR C 327 24.17 8.59 14.14
C THR C 327 23.68 7.70 15.28
N ASN C 328 23.91 8.15 16.51
CA ASN C 328 23.64 7.33 17.69
C ASN C 328 22.18 7.46 18.09
N PRO C 329 21.41 6.38 18.08
CA PRO C 329 19.97 6.47 18.44
C PRO C 329 19.66 6.14 19.90
N ILE C 330 20.67 5.91 20.73
CA ILE C 330 20.41 5.39 22.07
C ILE C 330 19.59 6.38 22.88
N ALA C 331 19.96 7.66 22.84
CA ALA C 331 19.19 8.65 23.60
C ALA C 331 17.75 8.68 23.14
N SER C 332 17.52 8.63 21.83
CA SER C 332 16.15 8.58 21.33
C SER C 332 15.44 7.30 21.78
N ILE C 333 16.18 6.19 21.84
CA ILE C 333 15.60 4.93 22.30
C ILE C 333 15.23 5.02 23.77
N PHE C 334 16.11 5.62 24.59
CA PHE C 334 15.86 5.68 26.03
C PHE C 334 14.76 6.69 26.38
N ALA C 335 14.46 7.63 25.49
CA ALA C 335 13.25 8.42 25.65
C ALA C 335 12.03 7.51 25.67
N TRP C 336 12.02 6.48 24.82
CA TRP C 336 10.88 5.55 24.78
C TRP C 336 10.87 4.64 26.00
N THR C 337 12.01 4.04 26.33
CA THR C 337 12.05 3.14 27.48
C THR C 337 11.72 3.88 28.76
N ARG C 338 12.26 5.09 28.93
CA ARG C 338 11.96 5.86 30.13
C ARG C 338 10.49 6.25 30.18
N GLY C 339 9.92 6.63 29.03
CA GLY C 339 8.50 6.93 28.99
C GLY C 339 7.65 5.71 29.26
N LEU C 340 7.98 4.58 28.63
CA LEU C 340 7.23 3.36 28.85
C LEU C 340 7.37 2.86 30.28
N ALA C 341 8.54 3.07 30.89
CA ALA C 341 8.73 2.62 32.27
C ALA C 341 7.82 3.37 33.24
N HIS C 342 7.62 4.68 33.00
CA HIS C 342 6.71 5.44 33.84
C HIS C 342 5.27 5.02 33.59
N ARG C 343 4.89 4.80 32.33
CA ARG C 343 3.57 4.26 32.04
C ARG C 343 3.32 2.97 32.80
N ALA C 344 4.30 2.06 32.80
CA ALA C 344 4.14 0.79 33.49
C ALA C 344 3.97 0.99 34.99
N LYS C 345 4.72 1.95 35.56
CA LYS C 345 4.62 2.20 36.99
C LYS C 345 3.24 2.73 37.35
N LEU C 346 2.68 3.60 36.51
CA LEU C 346 1.35 4.14 36.77
C LEU C 346 0.26 3.09 36.59
N ASP C 347 0.49 2.12 35.71
CA ASP C 347 -0.52 1.12 35.36
C ASP C 347 -0.24 -0.26 35.97
N ASN C 348 0.77 -0.37 36.83
CA ASN C 348 1.17 -1.65 37.41
C ASN C 348 1.28 -2.71 36.32
N ASN C 349 1.91 -2.33 35.21
CA ASN C 349 2.06 -3.19 34.03
C ASN C 349 3.41 -3.88 34.12
N LYS C 350 3.43 -5.04 34.79
CA LYS C 350 4.68 -5.78 34.95
C LYS C 350 5.34 -6.05 33.61
N GLU C 351 4.55 -6.32 32.58
CA GLU C 351 5.11 -6.74 31.30
C GLU C 351 5.76 -5.57 30.56
N LEU C 352 5.10 -4.42 30.58
CA LEU C 352 5.69 -3.23 29.95
C LEU C 352 6.97 -2.83 30.67
N ALA C 353 6.92 -2.80 32.01
CA ALA C 353 8.12 -2.48 32.77
C ALA C 353 9.27 -3.42 32.41
N PHE C 354 8.99 -4.70 32.25
CA PHE C 354 10.02 -5.64 31.84
C PHE C 354 10.53 -5.30 30.44
N PHE C 355 9.62 -4.98 29.53
CA PHE C 355 10.03 -4.64 28.17
C PHE C 355 10.90 -3.38 28.16
N ALA C 356 10.45 -2.33 28.86
CA ALA C 356 11.21 -1.08 28.86
C ALA C 356 12.63 -1.31 29.34
N ASN C 357 12.79 -2.06 30.44
CA ASN C 357 14.12 -2.31 30.97
C ASN C 357 14.91 -3.24 30.06
N ALA C 358 14.24 -4.22 29.45
CA ALA C 358 14.96 -5.16 28.58
C ALA C 358 15.55 -4.45 27.38
N LEU C 359 14.85 -3.44 26.86
CA LEU C 359 15.37 -2.71 25.71
C LEU C 359 16.55 -1.84 26.08
N GLU C 360 16.55 -1.29 27.30
CA GLU C 360 17.74 -0.60 27.77
C GLU C 360 18.91 -1.56 27.92
N GLU C 361 18.65 -2.75 28.47
CA GLU C 361 19.72 -3.74 28.61
C GLU C 361 20.28 -4.12 27.24
N VAL C 362 19.40 -4.35 26.26
CA VAL C 362 19.85 -4.72 24.92
C VAL C 362 20.73 -3.63 24.33
N SER C 363 20.35 -2.37 24.54
CA SER C 363 21.11 -1.26 24.01
C SER C 363 22.54 -1.28 24.52
N ILE C 364 22.71 -1.28 25.85
CA ILE C 364 24.05 -1.31 26.43
C ILE C 364 24.77 -2.59 26.05
N GLU C 365 24.06 -3.72 26.01
CA GLU C 365 24.70 -4.98 25.70
C GLU C 365 25.24 -5.00 24.28
N THR C 366 24.50 -4.42 23.33
CA THR C 366 24.96 -4.40 21.94
C THR C 366 26.27 -3.62 21.83
N ILE C 367 26.33 -2.45 22.45
CA ILE C 367 27.54 -1.63 22.39
C ILE C 367 28.69 -2.35 23.08
N GLU C 368 28.45 -2.92 24.26
CA GLU C 368 29.52 -3.60 24.98
C GLU C 368 29.97 -4.86 24.25
N ALA C 369 29.09 -5.45 23.44
CA ALA C 369 29.50 -6.54 22.57
C ALA C 369 30.38 -6.08 21.41
N GLY C 370 30.49 -4.76 21.20
CA GLY C 370 31.34 -4.23 20.16
C GLY C 370 30.62 -3.67 18.94
N PHE C 371 29.30 -3.60 18.95
CA PHE C 371 28.52 -3.05 17.85
C PHE C 371 28.03 -1.66 18.24
N MET C 372 28.50 -0.65 17.53
CA MET C 372 28.25 0.73 17.96
C MET C 372 28.31 1.66 16.75
N THR C 373 27.77 2.85 16.94
CA THR C 373 27.87 3.90 15.94
C THR C 373 29.24 4.58 16.02
N LYS C 374 29.51 5.45 15.04
CA LYS C 374 30.86 6.00 14.88
C LYS C 374 31.29 6.81 16.10
N ASP C 375 30.35 7.47 16.77
CA ASP C 375 30.72 8.32 17.91
C ASP C 375 31.37 7.48 19.01
N LEU C 376 30.78 6.33 19.33
CA LEU C 376 31.36 5.49 20.37
C LEU C 376 32.63 4.80 19.89
N ALA C 377 32.72 4.46 18.61
CA ALA C 377 33.96 3.92 18.07
C ALA C 377 35.09 4.93 18.21
N ALA C 378 34.78 6.22 18.05
CA ALA C 378 35.79 7.25 18.21
C ALA C 378 36.25 7.36 19.66
N CYS C 379 35.35 7.12 20.61
CA CYS C 379 35.75 7.12 22.02
C CYS C 379 36.83 6.08 22.28
N ILE C 380 36.75 4.93 21.60
CA ILE C 380 37.67 3.84 21.87
C ILE C 380 39.01 4.05 21.16
N LYS C 381 38.96 4.41 19.87
CA LYS C 381 40.17 4.45 19.06
C LYS C 381 40.67 5.86 18.79
N GLY C 382 39.86 6.88 19.02
CA GLY C 382 40.22 8.23 18.64
C GLY C 382 39.82 8.51 17.20
N LEU C 383 39.25 9.70 16.96
CA LEU C 383 38.69 10.00 15.65
C LEU C 383 39.64 9.76 14.49
N PRO C 384 40.92 10.15 14.56
CA PRO C 384 41.81 9.97 13.40
C PRO C 384 42.06 8.52 13.04
N ASN C 385 41.87 7.58 13.97
CA ASN C 385 42.21 6.18 13.76
C ASN C 385 41.01 5.29 13.52
N VAL C 386 39.80 5.85 13.49
CA VAL C 386 38.61 5.03 13.30
C VAL C 386 38.51 4.59 11.85
N GLN C 387 38.35 3.29 11.63
CA GLN C 387 38.09 2.73 10.32
C GLN C 387 36.61 2.41 10.20
N ARG C 388 36.16 2.21 8.95
CA ARG C 388 34.75 1.90 8.72
C ARG C 388 34.35 0.62 9.44
N SER C 389 35.25 -0.36 9.49
CA SER C 389 34.97 -1.63 10.13
C SER C 389 34.83 -1.51 11.65
N ASP C 390 35.13 -0.34 12.23
CA ASP C 390 35.04 -0.16 13.66
C ASP C 390 33.64 0.18 14.14
N TYR C 391 32.72 0.54 13.24
CA TYR C 391 31.39 0.97 13.65
C TYR C 391 30.36 0.52 12.62
N LEU C 392 29.10 0.70 12.98
CA LEU C 392 27.97 0.43 12.11
C LEU C 392 27.31 1.76 11.72
N ASN C 393 26.70 1.77 10.54
CA ASN C 393 25.94 2.95 10.14
C ASN C 393 24.61 2.96 10.90
N THR C 394 23.89 4.07 10.76
CA THR C 394 22.66 4.25 11.53
C THR C 394 21.70 3.08 11.34
N PHE C 395 21.51 2.64 10.09
CA PHE C 395 20.58 1.55 9.84
C PHE C 395 21.12 0.23 10.40
N GLU C 396 22.39 -0.09 10.10
CA GLU C 396 22.98 -1.33 10.59
C GLU C 396 22.85 -1.44 12.12
N PHE C 397 23.16 -0.35 12.83
CA PHE C 397 23.10 -0.40 14.29
C PHE C 397 21.68 -0.68 14.78
N MET C 398 20.68 -0.02 14.17
CA MET C 398 19.30 -0.28 14.53
C MET C 398 18.92 -1.74 14.25
N ASP C 399 19.45 -2.32 13.16
CA ASP C 399 19.19 -3.72 12.87
C ASP C 399 19.70 -4.61 14.01
N LYS C 400 20.95 -4.40 14.42
CA LYS C 400 21.51 -5.21 15.50
C LYS C 400 20.67 -5.10 16.77
N LEU C 401 20.27 -3.88 17.13
CA LEU C 401 19.41 -3.71 18.30
C LEU C 401 18.10 -4.47 18.13
N GLY C 402 17.54 -4.47 16.92
CA GLY C 402 16.27 -5.17 16.71
C GLY C 402 16.39 -6.67 16.90
N GLU C 403 17.42 -7.27 16.30
CA GLU C 403 17.60 -8.72 16.44
C GLU C 403 17.93 -9.11 17.87
N ASN C 404 18.80 -8.33 18.54
CA ASN C 404 19.10 -8.63 19.94
C ASN C 404 17.88 -8.43 20.82
N LEU C 405 17.03 -7.46 20.51
CA LEU C 405 15.79 -7.30 21.26
C LEU C 405 14.89 -8.51 21.09
N LYS C 406 14.75 -9.02 19.86
CA LYS C 406 13.95 -10.21 19.64
C LYS C 406 14.50 -11.39 20.43
N ILE C 407 15.83 -11.56 20.42
CA ILE C 407 16.44 -12.67 21.12
C ILE C 407 16.21 -12.55 22.62
N LYS C 408 16.54 -11.38 23.18
CA LYS C 408 16.38 -11.19 24.63
C LYS C 408 14.95 -11.45 25.07
N LEU C 409 13.98 -10.94 24.31
CA LEU C 409 12.58 -11.20 24.64
C LEU C 409 12.22 -12.66 24.41
N ALA C 410 12.84 -13.31 23.42
CA ALA C 410 12.60 -14.73 23.21
C ALA C 410 13.15 -15.56 24.35
N GLN C 411 14.43 -15.34 24.68
CA GLN C 411 15.02 -16.05 25.81
C GLN C 411 14.29 -15.75 27.11
N ALA C 412 13.80 -14.52 27.27
CA ALA C 412 13.12 -14.15 28.49
C ALA C 412 11.83 -14.94 28.67
N LYS C 413 11.13 -15.23 27.57
CA LYS C 413 9.88 -15.98 27.66
C LYS C 413 10.10 -17.46 27.97
N LEU C 414 11.34 -17.94 27.91
CA LEU C 414 11.63 -19.34 28.23
C LEU C 414 11.56 -19.63 29.72
N LEU C 415 11.17 -18.67 30.54
CA LEU C 415 11.00 -18.85 31.98
C LEU C 415 9.54 -18.58 32.32
N GLU C 416 8.83 -19.61 32.75
CA GLU C 416 7.41 -19.50 33.07
C GLU C 416 6.58 -19.33 31.80
C1 AKG D . 2.02 -2.14 -11.84
O1 AKG D . 2.28 -0.94 -11.54
O2 AKG D . 1.26 -2.39 -12.82
C2 AKG D . 2.62 -3.28 -11.05
O5 AKG D . 2.47 -4.41 -11.42
C3 AKG D . 3.43 -3.00 -9.78
C4 AKG D . 3.86 -4.31 -9.12
C5 AKG D . 4.68 -4.01 -7.87
O3 AKG D . 4.85 -2.81 -7.51
O4 AKG D . 5.18 -4.94 -7.20
H31 AKG D . 2.83 -2.43 -9.09
H32 AKG D . 4.32 -2.43 -10.05
H41 AKG D . 4.46 -4.89 -9.82
H42 AKG D . 2.97 -4.89 -8.85
C1 GOL E . -23.46 -3.52 -20.84
O1 GOL E . -24.71 -4.07 -20.61
C2 GOL E . -23.69 -2.07 -21.36
O2 GOL E . -22.49 -1.44 -21.69
C3 GOL E . -24.62 -2.22 -22.58
O3 GOL E . -25.79 -2.82 -22.11
H11 GOL E . -22.91 -3.48 -20.04
H12 GOL E . -22.95 -4.01 -21.50
HO1 GOL E . -24.66 -4.50 -19.87
H2 GOL E . -24.10 -1.54 -20.67
HO2 GOL E . -21.90 -2.04 -21.76
H31 GOL E . -24.76 -1.34 -22.97
H32 GOL E . -24.17 -2.75 -23.25
C1 GOL F . 22.57 21.37 -13.83
O1 GOL F . 22.75 21.69 -12.48
C2 GOL F . 21.68 22.48 -14.44
O2 GOL F . 21.50 22.30 -15.80
C3 GOL F . 20.34 22.40 -13.66
O3 GOL F . 19.51 23.42 -14.15
H11 GOL F . 23.41 21.34 -14.32
H12 GOL F . 22.15 20.51 -13.95
HO1 GOL F . 23.36 22.29 -12.45
H2 GOL F . 22.08 23.36 -14.33
HO2 GOL F . 21.04 21.59 -15.91
H31 GOL F . 19.96 21.51 -13.77
H32 GOL F . 20.52 22.48 -12.71
HO3 GOL F . 19.83 23.65 -14.90
PA NDP G . 7.85 -8.67 -15.96
O1A NDP G . 7.00 -7.57 -16.51
O2A NDP G . 9.20 -8.25 -15.40
O5B NDP G . 8.17 -9.78 -17.06
C5B NDP G . 7.16 -10.74 -17.44
C4B NDP G . 7.39 -11.08 -18.89
O4B NDP G . 6.84 -10.03 -19.72
C3B NDP G . 8.84 -11.23 -19.32
O3B NDP G . 9.34 -12.53 -19.03
C2B NDP G . 8.71 -10.97 -20.82
O2B NDP G . 8.08 -12.08 -21.48
C1B NDP G . 7.66 -9.85 -20.86
N9A NDP G . 8.24 -8.52 -20.80
C8A NDP G . 8.01 -7.55 -19.86
N7A NDP G . 8.61 -6.42 -20.10
C5A NDP G . 9.31 -6.64 -21.28
C6A NDP G . 10.13 -5.83 -22.07
N6A NDP G . 10.43 -4.56 -21.77
N1A NDP G . 10.66 -6.36 -23.19
C2A NDP G . 10.37 -7.64 -23.49
N3A NDP G . 9.61 -8.50 -22.82
C4A NDP G . 9.09 -7.93 -21.72
O3 NDP G . 7.06 -9.46 -14.83
PN NDP G . 7.47 -10.52 -13.73
O1N NDP G . 8.44 -11.51 -14.24
O2N NDP G . 6.17 -11.09 -13.14
O5D NDP G . 8.11 -9.61 -12.56
C5D NDP G . 9.54 -9.58 -12.40
C4D NDP G . 9.85 -8.63 -11.27
O4D NDP G . 9.42 -7.31 -11.63
C3D NDP G . 9.18 -8.97 -9.93
O3D NDP G . 10.13 -8.82 -8.88
C2D NDP G . 8.05 -7.94 -9.83
O2D NDP G . 7.81 -7.57 -8.48
C1D NDP G . 8.64 -6.76 -10.59
N1N NDP G . 7.65 -5.86 -11.19
C2N NDP G . 7.83 -4.49 -11.10
C3N NDP G . 6.97 -3.61 -11.65
C7N NDP G . 7.23 -2.17 -11.61
O7N NDP G . 6.58 -1.40 -12.34
N7N NDP G . 8.18 -1.74 -10.80
C4N NDP G . 5.76 -4.07 -12.40
C5N NDP G . 5.67 -5.55 -12.43
C6N NDP G . 6.57 -6.34 -11.86
P2B NDP G . 8.76 -13.41 -22.03
O1X NDP G . 7.75 -14.22 -22.77
O2X NDP G . 9.36 -14.15 -20.85
O3X NDP G . 9.92 -12.92 -22.91
HOA2 NDP G . 9.44 -7.86 -14.53
H51A NDP G . 7.26 -11.61 -16.79
H52A NDP G . 6.18 -10.31 -17.26
H4B NDP G . 6.82 -11.98 -19.14
H3B NDP G . 9.56 -10.58 -18.82
HO3A NDP G . 10.33 -12.48 -18.94
H2B NDP G . 9.68 -10.75 -21.28
H1B NDP G . 7.02 -9.89 -21.73
H8A NDP G . 7.37 -7.71 -19.00
H61A NDP G . 10.06 -4.13 -20.93
H62A NDP G . 11.05 -4.02 -22.38
H2A NDP G . 10.85 -8.01 -24.40
H21N NDP G . 5.25 -10.72 -13.25
H51N NDP G . 10.00 -9.25 -13.32
H52N NDP G . 9.91 -10.59 -12.18
H4D NDP G . 10.93 -8.56 -11.14
H3D NDP G . 8.75 -9.96 -9.92
HO3N NDP G . 10.72 -8.07 -9.15
H2D NDP G . 7.13 -8.32 -10.29
HO2N NDP G . 7.44 -6.65 -8.49
H1D NDP G . 9.31 -6.18 -9.96
H2N NDP G . 8.69 -4.16 -10.53
H71N NDP G . 8.72 -2.36 -10.22
H72N NDP G . 8.42 -0.75 -10.70
H41N NDP G . 4.87 -3.64 -11.94
H42N NDP G . 5.79 -3.68 -13.41
H5N NDP G . 4.81 -5.96 -12.95
H6N NDP G . 6.47 -7.43 -11.91
HOP2 NDP G . 8.93 -14.35 -19.98
HOP3 NDP G . 9.77 -12.50 -23.80
CA CA H . 0.83 -4.46 -13.81
CL CL I . 0.86 16.23 -4.96
CA CA J . -18.12 -12.86 -14.56
C1 AKG K . -19.49 -14.66 -12.25
O1 AKG K . -18.41 -14.51 -12.87
O2 AKG K . -19.81 -15.79 -11.81
C2 AKG K . -20.41 -13.46 -12.05
O5 AKG K . -20.34 -12.53 -12.78
C3 AKG K . -21.46 -13.48 -10.93
C4 AKG K . -21.77 -12.07 -10.47
C5 AKG K . -22.90 -12.10 -9.44
O3 AKG K . -23.54 -11.05 -9.18
O4 AKG K . -23.20 -13.18 -8.87
H31 AKG K . -22.37 -13.94 -11.30
H32 AKG K . -21.08 -14.06 -10.10
H41 AKG K . -22.06 -11.47 -11.31
H42 AKG K . -20.88 -11.64 -10.01
PA NDP L . -24.30 -9.71 -18.87
O1A NDP L . -23.45 -10.90 -19.08
O2A NDP L . -25.72 -9.98 -18.43
O5B NDP L . -24.40 -8.79 -20.18
C5B NDP L . -23.27 -8.01 -20.63
C4B NDP L . -23.20 -8.07 -22.13
O4B NDP L . -22.59 -9.31 -22.53
C3B NDP L . -24.54 -8.01 -22.86
O3B NDP L . -24.99 -6.68 -23.03
C2B NDP L . -24.14 -8.66 -24.19
O2B NDP L . -23.37 -7.70 -24.95
C1B NDP L . -23.17 -9.75 -23.75
N9A NDP L . -23.82 -11.03 -23.51
C8A NDP L . -23.87 -11.71 -22.31
N7A NDP L . -24.50 -12.85 -22.38
C5A NDP L . -24.90 -12.95 -23.71
C6A NDP L . -25.61 -13.92 -24.43
N6A NDP L . -26.07 -15.05 -23.89
N1A NDP L . -25.86 -13.68 -25.73
C2A NDP L . -25.40 -12.55 -26.28
N3A NDP L . -24.70 -11.57 -25.70
C4A NDP L . -24.48 -11.82 -24.41
O3 NDP L . -23.66 -8.73 -17.79
PN NDP L . -24.17 -7.45 -17.00
O1N NDP L . -23.07 -6.68 -16.41
O2N NDP L . -25.00 -6.65 -17.97
O5D NDP L . -25.18 -8.03 -15.90
C5D NDP L . -26.60 -7.94 -16.06
C4D NDP L . -27.28 -8.54 -14.84
O4D NDP L . -26.92 -9.93 -14.72
C3D NDP L . -26.95 -7.89 -13.51
O3D NDP L . -28.10 -7.84 -12.67
C2D NDP L . -25.87 -8.82 -12.94
O2D NDP L . -25.90 -8.83 -11.51
C1D NDP L . -26.32 -10.17 -13.46
N1N NDP L . -25.26 -11.16 -13.66
C2N NDP L . -25.41 -12.47 -13.20
C3N NDP L . -24.48 -13.42 -13.39
C7N NDP L . -24.64 -14.83 -13.00
O7N NDP L . -23.66 -15.55 -12.79
N7N NDP L . -25.89 -15.28 -12.91
C4N NDP L . -23.19 -13.12 -14.11
C5N NDP L . -23.10 -11.68 -14.45
C6N NDP L . -24.08 -10.81 -14.24
P2B NDP L . -23.94 -6.55 -25.90
O1X NDP L . -22.83 -5.89 -26.65
O2X NDP L . -24.70 -5.57 -25.00
O3X NDP L . -24.96 -7.24 -26.78
HOA2 NDP L . -26.09 -10.16 -17.53
H51A NDP L . -23.40 -7.00 -20.26
H52A NDP L . -22.38 -8.42 -20.16
H4B NDP L . -22.54 -7.28 -22.48
H3B NDP L . -25.38 -8.50 -22.37
HO3A NDP L . -24.20 -6.09 -23.16
H2B NDP L . -24.99 -9.00 -24.78
H1B NDP L . -22.36 -9.93 -24.46
H8A NDP L . -23.43 -11.32 -21.40
H61A NDP L . -25.89 -15.27 -22.92
H62A NDP L . -26.58 -15.72 -24.46
H2A NDP L . -25.64 -12.43 -27.34
H21N NDP L . -25.65 -6.99 -18.64
H51N NDP L . -26.90 -8.46 -16.96
H52N NDP L . -26.88 -6.90 -16.17
H4D NDP L . -28.36 -8.53 -15.01
H3D NDP L . -26.51 -6.90 -13.62
HO3N NDP L . -28.55 -8.72 -12.80
H2D NDP L . -24.88 -8.54 -13.29
HO2N NDP L . -24.98 -8.62 -11.20
H1D NDP L . -27.09 -10.60 -12.83
H2N NDP L . -26.33 -12.68 -12.68
H71N NDP L . -26.70 -14.70 -13.10
H72N NDP L . -26.10 -16.24 -12.64
H41N NDP L . -23.13 -13.72 -15.03
H42N NDP L . -22.34 -13.42 -13.50
H5N NDP L . -22.15 -11.35 -14.88
H6N NDP L . -23.99 -9.76 -14.54
HOP2 NDP L . -24.39 -4.70 -24.67
HOP3 NDP L . -24.86 -7.28 -27.78
CL CL M . -20.45 -30.22 -0.55
C1 GOL N . 21.24 11.89 -3.49
O1 GOL N . 22.42 11.14 -3.42
C2 GOL N . 21.51 13.08 -4.43
O2 GOL N . 21.94 12.66 -5.71
C3 GOL N . 20.17 13.86 -4.51
O3 GOL N . 19.78 14.13 -3.20
H11 GOL N . 20.49 11.36 -3.83
H12 GOL N . 20.96 12.22 -2.62
HO1 GOL N . 22.19 10.32 -3.33
H2 GOL N . 22.22 13.63 -4.07
HO2 GOL N . 21.90 13.34 -6.22
H31 GOL N . 20.31 14.67 -5.04
H32 GOL N . 19.53 13.34 -5.00
CA CA O . 21.56 21.38 25.65
C1 AKG P . 18.30 21.34 25.79
O1 AKG P . 19.37 20.94 26.34
O2 AKG P . 17.17 21.04 26.26
C2 AKG P . 18.36 22.18 24.52
O5 AKG P . 19.40 22.46 24.03
C3 AKG P . 17.05 22.65 23.86
C4 AKG P . 17.35 23.65 22.75
C5 AKG P . 16.04 24.17 22.16
O3 AKG P . 16.07 24.90 21.13
O4 AKG P . 14.93 23.90 22.69
H31 AKG P . 16.52 21.79 23.46
H32 AKG P . 16.43 23.13 24.61
H41 AKG P . 17.93 24.46 23.14
H42 AKG P . 17.92 23.14 21.97
C1 GOL Q . 4.86 25.90 37.78
O1 GOL Q . 5.08 26.95 38.67
C2 GOL Q . 4.28 26.49 36.47
O2 GOL Q . 4.03 25.50 35.52
C3 GOL Q . 2.99 27.25 36.89
O3 GOL Q . 2.05 26.29 37.27
H11 GOL Q . 5.68 25.41 37.57
H12 GOL Q . 4.25 25.24 38.14
HO1 GOL Q . 5.03 26.63 39.46
H2 GOL Q . 4.90 27.11 36.06
HO2 GOL Q . 3.94 25.88 34.76
H31 GOL Q . 3.21 27.87 37.61
H32 GOL Q . 2.69 27.81 36.16
HO3 GOL Q . 2.30 25.56 36.93
PA NDP R . 23.02 18.78 17.98
O1A NDP R . 22.87 18.17 19.30
O2A NDP R . 21.90 18.46 17.08
O5B NDP R . 24.29 18.30 17.17
C5B NDP R . 25.59 18.90 17.35
C4B NDP R . 26.64 17.86 17.13
O4B NDP R . 26.68 16.96 18.26
C3B NDP R . 26.47 16.95 15.91
O3B NDP R . 26.99 17.55 14.73
C2B NDP R . 27.33 15.77 16.34
O2B NDP R . 28.71 16.12 16.31
C1B NDP R . 26.97 15.64 17.82
N9A NDP R . 25.81 14.82 18.07
C8A NDP R . 24.62 15.20 18.62
N7A NDP R . 23.74 14.24 18.75
C5A NDP R . 24.40 13.13 18.24
C6A NDP R . 24.02 11.78 18.08
N6A NDP R . 22.85 11.30 18.49
N1A NDP R . 24.91 10.95 17.51
C2A NDP R . 26.10 11.42 17.13
N3A NDP R . 26.58 12.66 17.24
C4A NDP R . 25.67 13.47 17.81
O3 NDP R . 23.10 20.36 18.11
PN NDP R . 23.11 21.58 17.09
O1N NDP R . 23.70 22.78 17.68
O2N NDP R . 23.79 21.10 15.87
O5D NDP R . 21.59 21.80 16.76
C5D NDP R . 20.91 21.19 15.65
C4D NDP R . 19.45 21.56 15.72
O4D NDP R . 18.84 20.85 16.82
C3D NDP R . 19.15 23.04 15.91
O3D NDP R . 18.12 23.43 15.01
C2D NDP R . 18.71 23.14 17.38
O2D NDP R . 17.68 24.11 17.54
C1D NDP R . 18.13 21.75 17.65
N1N NDP R . 18.27 21.26 19.03
C2N NDP R . 17.20 20.66 19.66
C3N NDP R . 17.28 20.13 20.89
C7N NDP R . 16.21 19.35 21.51
O7N NDP R . 16.45 18.63 22.48
N7N NDP R . 15.01 19.45 20.97
C4N NDP R . 18.56 20.20 21.68
C5N NDP R . 19.60 20.91 20.94
C6N NDP R . 19.44 21.38 19.70
P2B NDP R . 29.70 16.02 15.08
O1X NDP R . 31.09 16.28 15.49
O2X NDP R . 29.21 17.01 14.01
O3X NDP R . 29.46 14.60 14.63
HOA2 NDP R . 21.22 17.73 17.11
H51A NDP R . 25.68 19.73 16.64
H52A NDP R . 25.64 19.32 18.35
H4B NDP R . 27.62 18.35 17.09
H3B NDP R . 25.44 16.72 15.64
HO3A NDP R . 27.71 18.18 14.98
H2B NDP R . 27.15 14.88 15.72
H1B NDP R . 27.78 15.27 18.43
H8A NDP R . 24.42 16.23 18.94
H61A NDP R . 22.17 11.90 18.93
H62A NDP R . 22.62 10.31 18.35
H2A NDP R . 26.75 10.68 16.67
H21N NDP R . 24.60 21.48 15.43
H51N NDP R . 21.05 20.10 15.70
H52N NDP R . 21.36 21.54 14.72
H4D NDP R . 18.95 21.19 14.82
H3D NDP R . 20.03 23.68 15.82
HO3N NDP R . 17.41 22.75 15.10
H2D NDP R . 19.56 23.35 18.03
HO2N NDP R . 17.17 23.87 18.35
H1D NDP R . 17.08 21.72 17.36
H2N NDP R . 16.26 20.64 19.10
H71N NDP R . 14.82 20.04 20.17
H72N NDP R . 14.20 18.94 21.33
H41N NDP R . 18.88 19.19 21.93
H42N NDP R . 18.36 20.68 22.64
H5N NDP R . 20.55 21.06 21.45
H6N NDP R . 20.25 21.88 19.18
HOP2 NDP R . 29.74 17.39 13.26
HOP3 NDP R . 30.11 14.12 14.04
CL CL S . 1.72 19.03 36.32
#